data_8HC5
#
_entry.id   8HC5
#
_cell.length_a   1.00
_cell.length_b   1.00
_cell.length_c   1.00
_cell.angle_alpha   90.00
_cell.angle_beta   90.00
_cell.angle_gamma   90.00
#
_symmetry.space_group_name_H-M   'P 1'
#
loop_
_entity.id
_entity.type
_entity.pdbx_description
1 polymer 'Spike glycoprotein'
2 polymer 'Heavy chain of YB9-258 Fab'
3 polymer 'Light chain of YB9-258'
4 polymer 'Heavy chain of R1-32 Fab'
5 polymer 'Light chain of R1-32 Fab'
6 non-polymer 2-acetamido-2-deoxy-beta-D-glucopyranose
#
loop_
_entity_poly.entity_id
_entity_poly.type
_entity_poly.pdbx_seq_one_letter_code
_entity_poly.pdbx_strand_id
1 'polypeptide(L)'
;MFVFLVLLPLVSSQCVNLTTRTQLPPAYTNSFTRGVYYPDKVFRSSVLHSTQDLFLPFFSNVTWFHAIHVSGTNGTKRFD
NPVLPFNDGVYFASTEKSNIIRGWIFGTTLDSKTQSLLIVNNATNVVIKVCEFQFCNDPFLGVYYHKNNKSWMESEFRVY
SSANNCTFEYVSQPFLMDLEGKQGNFKNLREFVFKNIDGYFKIYSKHTPINLVRDLPQGFSALEPLVDLPIGINITRFQT
LLALHRSYLTPGDSSSGWTAGAAAYYVGYLQPRTFLLKYNENGTITDAVDCALDPLSETKCTLKSFTVEKGIYQTSNFRV
QPTESIVRFPNITNLCPFGEVFNATRFASVYAWNRKRISNCVADYSVLYNSASFSTFKCYGVSPTKLNDLCFTNVYADSF
VIRGDEVRQIAPGQTGKIADYNYKLPDDFTGCVIAWNSNNLDSKVGGNYNYLYRLFRKSNLKPFERDISTEIYQAGSTPC
NGVEGFNCYFPLQSYGFQPTNGVGYQPYRVVVLSFELLHAPATVCGPKKSTNLVKNKCVNFNFNGLTGTGVLTESNKKFL
PFQQFGRDIADTTDAVRDPQTLEILDITPCSFGGVSVITPGTNTSNQVAVLYQDVNCTEVPVAIHADQLTPTWRVYSTGS
NVFQTRAGCLIGAEHVNNSYECDIPIGAGICASYQT
;
C
2 'polypeptide(L)'
;EVQLVESGGGLIQPGGSLRLSCAASGLTVSSNYMHWVRQAPGKGLEWVSVLYAGGSAFYADSVKGRFTISRNNSKNTLYL
QMNSLRAEDTAIYYCARGLGDYLDSWGQGTLVTVSSASTKGPSVFPLAPSSKSTSGGTAALGCLVKDYFPEPVTVSWNSG
ALTSGVHTFPAVLQSSGLYSLSSVVTVPSSSLGTQTYICNVNHKPSNTKVDKKVEPKSCD
;
H
3 'polypeptide(L)'
;DIQMTQSPSSVSASVGDRVTITCRASQGIGSWLAWYQQKPGKAPQLLIYAASTLQSGVPPRFSGSGSGTDFTLTITSLQP
EDFASYYCQQANSVLALTFGGGTKVEIKRTVAAPSVFIFPPSDEQLKSGTASVVCLLNNFYPREAKVQWKVDNALQSGNS
QESVTEQDSKDSTYSLSSTLTLSKADYEKHKVYACEVTHQGLSSPVTKSFNRGEC
;
L
4 'polypeptide(L)'
;EVQLVESGAEVKKPGSSVKVSCKASGGTFSSYAISWVRQAPGQGLEWMGGIIPILGIANYAQKFQGRVTITADKSTSTAY
MELSSLRSEDTAVYYCARENGYSGYGAAANFDLWGRGTLVTVSSASTKGPSVFPLAPSSKSTSGGTAALGCLVKDYFPEP
VTVSWNSGALTSGVHTFPAVLQSSGLYSLSSVVTVPSSSLGTQTYICNVNHKPSNTKVDKKVEPKSCD
;
D
5 'polypeptide(L)'
;QSVLTQPPSVSGAPGQRVTISCTGSSSNIGAGYDVHWYQQLPGTAPKLLIYGNSNRPSGVPDRFSGSKSGTSASLAITGL
QAEDEADYYCQSYDSSLSGSVFGGGTKLTVLGQPKAAPSVTLFPPSSEELQANKATLVCLISDFYPGAVTVAWKADSSPV
KAGVETTTPSKQSNNKYAASSYLSLTPEQWKSHRSYSCQVTHEGSTVEKTVAPT
;
E
#
# COMPACT_ATOMS: atom_id res chain seq x y z
N THR A 33 14.65 -56.48 10.78
CA THR A 33 14.05 -56.34 9.46
C THR A 33 12.58 -56.76 9.46
N ARG A 34 11.81 -56.17 10.37
CA ARG A 34 10.40 -56.49 10.50
C ARG A 34 9.67 -55.29 11.09
N GLY A 35 8.34 -55.33 11.02
CA GLY A 35 7.52 -54.28 11.57
C GLY A 35 7.40 -53.03 10.72
N VAL A 36 7.84 -53.08 9.47
CA VAL A 36 7.77 -51.92 8.60
C VAL A 36 6.39 -51.85 7.96
N TYR A 37 5.71 -50.72 8.13
CA TYR A 37 4.38 -50.49 7.59
C TYR A 37 4.42 -49.29 6.64
N TYR A 38 3.24 -48.90 6.16
CA TYR A 38 3.13 -47.74 5.28
C TYR A 38 2.88 -46.49 6.12
N PRO A 39 3.78 -45.50 6.10
CA PRO A 39 3.55 -44.31 6.92
C PRO A 39 2.53 -43.36 6.34
N ASP A 40 2.44 -43.29 5.01
CA ASP A 40 1.53 -42.37 4.34
C ASP A 40 0.78 -43.10 3.24
N LYS A 41 -0.38 -42.57 2.88
CA LYS A 41 -1.22 -43.14 1.84
C LYS A 41 -0.89 -42.61 0.45
N VAL A 42 0.12 -41.75 0.32
CA VAL A 42 0.49 -41.22 -0.98
C VAL A 42 1.21 -42.29 -1.78
N PHE A 43 0.76 -42.51 -3.01
CA PHE A 43 1.34 -43.52 -3.89
C PHE A 43 2.68 -43.04 -4.41
N ARG A 44 3.73 -43.82 -4.16
CA ARG A 44 5.08 -43.51 -4.61
C ARG A 44 5.60 -44.63 -5.50
N SER A 45 6.27 -44.26 -6.59
CA SER A 45 6.78 -45.22 -7.57
C SER A 45 8.23 -44.88 -7.89
N SER A 46 9.11 -45.85 -7.64
CA SER A 46 10.54 -45.76 -7.97
C SER A 46 11.21 -44.55 -7.33
N VAL A 47 10.82 -44.25 -6.09
CA VAL A 47 11.41 -43.14 -5.34
C VAL A 47 11.70 -43.62 -3.92
N LEU A 48 12.63 -42.94 -3.27
CA LEU A 48 13.01 -43.22 -1.89
C LEU A 48 12.70 -42.01 -1.03
N HIS A 49 11.96 -42.25 0.06
CA HIS A 49 11.53 -41.18 0.96
C HIS A 49 11.92 -41.53 2.40
N SER A 50 12.37 -40.53 3.13
CA SER A 50 12.74 -40.68 4.54
C SER A 50 11.68 -40.01 5.40
N THR A 51 11.08 -40.77 6.30
CA THR A 51 10.01 -40.29 7.16
C THR A 51 10.46 -40.34 8.62
N GLN A 52 9.70 -39.66 9.47
CA GLN A 52 9.96 -39.62 10.92
C GLN A 52 8.65 -39.93 11.64
N ASP A 53 8.57 -41.12 12.22
CA ASP A 53 7.37 -41.54 12.94
C ASP A 53 7.75 -42.68 13.88
N LEU A 54 6.75 -43.17 14.60
CA LEU A 54 6.95 -44.18 15.65
C LEU A 54 7.17 -45.54 14.99
N PHE A 55 8.43 -45.93 14.83
CA PHE A 55 8.80 -47.18 14.18
C PHE A 55 9.38 -48.17 15.18
N LEU A 56 9.52 -49.41 14.72
CA LEU A 56 10.08 -50.49 15.52
C LEU A 56 11.60 -50.51 15.38
N PRO A 57 12.35 -50.52 16.48
CA PRO A 57 13.81 -50.63 16.39
C PRO A 57 14.24 -51.96 15.78
N PHE A 58 15.35 -51.92 15.04
CA PHE A 58 15.87 -53.11 14.39
C PHE A 58 16.73 -53.92 15.36
N PHE A 59 16.54 -55.24 15.34
CA PHE A 59 17.27 -56.18 16.19
C PHE A 59 17.10 -55.84 17.67
N SER A 60 15.90 -55.41 18.05
CA SER A 60 15.63 -55.02 19.42
C SER A 60 15.47 -56.25 20.31
N ASN A 61 15.65 -56.03 21.62
CA ASN A 61 15.50 -57.09 22.62
C ASN A 61 14.04 -57.18 23.01
N VAL A 62 13.26 -57.86 22.16
CA VAL A 62 11.83 -58.02 22.39
C VAL A 62 11.60 -59.04 23.49
N THR A 63 10.49 -58.88 24.21
CA THR A 63 10.14 -59.80 25.29
C THR A 63 9.54 -61.07 24.72
N TRP A 64 9.93 -62.20 25.31
CA TRP A 64 9.45 -63.51 24.89
C TRP A 64 8.45 -64.04 25.92
N PHE A 65 7.27 -64.44 25.44
CA PHE A 65 6.23 -65.02 26.27
C PHE A 65 5.92 -66.41 25.74
N HIS A 66 5.95 -67.41 26.63
CA HIS A 66 5.75 -68.80 26.26
C HIS A 66 4.56 -69.38 27.01
N ALA A 67 3.86 -70.30 26.35
CA ALA A 67 2.70 -70.98 26.94
C ALA A 67 2.67 -72.41 26.37
N ILE A 68 3.24 -73.35 27.12
CA ILE A 68 3.27 -74.75 26.73
C ILE A 68 2.63 -75.57 27.84
N HIS A 69 1.74 -76.48 27.47
CA HIS A 69 1.06 -77.32 28.45
C HIS A 69 2.03 -78.28 29.13
N VAL A 70 2.84 -78.99 28.33
CA VAL A 70 3.75 -80.04 28.80
C VAL A 70 3.02 -81.09 29.63
N THR A 76 6.02 -75.53 32.47
CA THR A 76 4.67 -76.01 32.22
C THR A 76 3.63 -75.10 32.88
N LYS A 77 2.42 -75.10 32.31
CA LYS A 77 1.30 -74.28 32.79
C LYS A 77 1.67 -72.80 32.87
N ARG A 78 2.35 -72.31 31.82
CA ARG A 78 2.82 -70.93 31.78
C ARG A 78 1.80 -70.06 31.05
N PHE A 79 0.67 -69.84 31.72
CA PHE A 79 -0.39 -68.97 31.20
C PHE A 79 -0.09 -67.54 31.64
N ASP A 80 0.76 -66.87 30.85
CA ASP A 80 1.24 -65.53 31.17
C ASP A 80 0.44 -64.51 30.38
N ASN A 81 -0.39 -63.73 31.08
CA ASN A 81 -1.10 -62.61 30.50
C ASN A 81 -0.92 -61.39 31.40
N PRO A 82 0.29 -60.82 31.43
CA PRO A 82 0.59 -59.74 32.38
C PRO A 82 0.12 -58.39 31.84
N VAL A 83 0.31 -57.37 32.66
CA VAL A 83 0.01 -55.99 32.30
C VAL A 83 1.32 -55.26 32.07
N LEU A 84 1.52 -54.76 30.85
CA LEU A 84 2.74 -54.08 30.46
C LEU A 84 2.41 -52.72 29.86
N PRO A 85 3.29 -51.74 30.03
CA PRO A 85 2.98 -50.37 29.58
C PRO A 85 2.93 -50.25 28.07
N PHE A 86 2.16 -49.25 27.62
CA PHE A 86 2.02 -48.88 26.23
C PHE A 86 2.64 -47.49 26.08
N ASN A 87 3.95 -47.45 25.84
CA ASN A 87 4.67 -46.19 25.84
C ASN A 87 4.31 -45.34 24.62
N ASP A 88 4.62 -45.83 23.42
CA ASP A 88 4.26 -45.12 22.21
C ASP A 88 3.71 -46.03 21.11
N GLY A 89 3.66 -47.34 21.33
CA GLY A 89 3.21 -48.26 20.31
C GLY A 89 3.81 -49.64 20.49
N VAL A 90 3.00 -50.67 20.28
CA VAL A 90 3.42 -52.06 20.51
C VAL A 90 3.32 -52.82 19.20
N TYR A 91 4.44 -53.41 18.78
CA TYR A 91 4.46 -54.32 17.65
C TYR A 91 4.28 -55.74 18.17
N PHE A 92 3.21 -56.40 17.74
CA PHE A 92 2.87 -57.73 18.23
C PHE A 92 3.22 -58.77 17.17
N ALA A 93 3.97 -59.79 17.57
CA ALA A 93 4.30 -60.91 16.70
C ALA A 93 3.78 -62.19 17.37
N SER A 94 2.87 -62.88 16.70
CA SER A 94 2.22 -64.06 17.25
C SER A 94 2.37 -65.22 16.29
N THR A 95 2.81 -66.36 16.82
CA THR A 95 2.89 -67.62 16.07
C THR A 95 1.76 -68.52 16.58
N GLU A 96 0.73 -68.69 15.77
CA GLU A 96 -0.48 -69.40 16.17
C GLU A 96 -0.75 -70.58 15.26
N LYS A 97 -1.30 -71.63 15.84
CA LYS A 97 -1.72 -72.82 15.09
C LYS A 97 -3.11 -73.31 15.45
N SER A 98 -3.70 -72.83 16.56
CA SER A 98 -5.04 -73.24 16.96
C SER A 98 -5.93 -72.06 17.33
N ASN A 99 -5.51 -70.83 17.01
CA ASN A 99 -6.27 -69.60 17.27
C ASN A 99 -6.59 -69.44 18.76
N ILE A 100 -5.51 -69.30 19.55
CA ILE A 100 -5.66 -69.16 20.99
C ILE A 100 -5.76 -67.72 21.45
N ILE A 101 -5.39 -66.75 20.60
CA ILE A 101 -5.48 -65.34 20.93
C ILE A 101 -6.80 -64.81 20.36
N ARG A 102 -7.64 -64.25 21.23
CA ARG A 102 -8.97 -63.81 20.84
C ARG A 102 -9.14 -62.30 20.79
N GLY A 103 -8.35 -61.54 21.52
CA GLY A 103 -8.52 -60.10 21.53
C GLY A 103 -7.49 -59.43 22.42
N TRP A 104 -7.70 -58.13 22.62
CA TRP A 104 -6.77 -57.30 23.38
C TRP A 104 -7.56 -56.23 24.12
N ILE A 105 -6.98 -55.74 25.21
CA ILE A 105 -7.64 -54.77 26.07
C ILE A 105 -6.75 -53.53 26.16
N PHE A 106 -7.30 -52.37 25.82
CA PHE A 106 -6.59 -51.10 25.88
C PHE A 106 -7.30 -50.16 26.85
N GLY A 107 -6.52 -49.48 27.67
CA GLY A 107 -7.09 -48.58 28.65
C GLY A 107 -6.01 -47.96 29.50
N THR A 108 -6.45 -47.27 30.56
CA THR A 108 -5.55 -46.60 31.49
C THR A 108 -5.56 -47.24 32.87
N THR A 109 -6.73 -47.35 33.50
CA THR A 109 -6.85 -47.93 34.82
C THR A 109 -7.51 -49.31 34.84
N LEU A 110 -8.40 -49.57 33.88
CA LEU A 110 -9.10 -50.86 33.75
C LEU A 110 -9.86 -51.23 35.03
N ASP A 111 -10.47 -50.24 35.66
CA ASP A 111 -11.23 -50.44 36.89
C ASP A 111 -12.56 -49.68 36.84
N SER A 112 -13.12 -49.54 35.63
CA SER A 112 -14.39 -48.85 35.39
C SER A 112 -14.36 -47.40 35.89
N LYS A 113 -13.19 -46.76 35.85
CA LYS A 113 -13.04 -45.36 36.19
C LYS A 113 -12.69 -44.48 35.01
N THR A 114 -12.03 -45.04 34.00
CA THR A 114 -11.69 -44.31 32.78
C THR A 114 -12.15 -45.13 31.58
N GLN A 115 -12.33 -44.45 30.45
CA GLN A 115 -12.78 -45.11 29.23
C GLN A 115 -11.70 -46.06 28.72
N SER A 116 -12.13 -47.23 28.27
CA SER A 116 -11.22 -48.27 27.79
C SER A 116 -11.70 -48.79 26.45
N LEU A 117 -10.75 -49.26 25.64
CA LEU A 117 -11.02 -49.82 24.32
C LEU A 117 -10.95 -51.34 24.39
N LEU A 118 -12.01 -52.00 23.93
CA LEU A 118 -12.11 -53.45 23.96
C LEU A 118 -12.24 -53.98 22.55
N ILE A 119 -11.36 -54.91 22.18
CA ILE A 119 -11.46 -55.65 20.92
C ILE A 119 -11.41 -57.14 21.25
N VAL A 120 -12.25 -57.92 20.56
CA VAL A 120 -12.36 -59.34 20.82
C VAL A 120 -12.82 -60.03 19.54
N ASN A 121 -12.41 -61.29 19.39
CA ASN A 121 -12.78 -62.12 18.24
C ASN A 121 -13.20 -63.48 18.78
N ASN A 122 -14.49 -63.63 19.09
CA ASN A 122 -15.03 -64.89 19.58
C ASN A 122 -15.33 -65.81 18.39
N ALA A 123 -16.04 -66.90 18.66
CA ALA A 123 -16.31 -67.90 17.64
C ALA A 123 -17.32 -67.45 16.60
N THR A 124 -17.99 -66.31 16.80
CA THR A 124 -19.05 -65.86 15.90
C THR A 124 -18.67 -64.60 15.13
N ASN A 125 -18.30 -63.53 15.82
CA ASN A 125 -18.06 -62.25 15.16
C ASN A 125 -16.77 -61.59 15.60
N VAL A 126 -16.56 -60.36 15.17
CA VAL A 126 -15.46 -59.51 15.64
C VAL A 126 -16.12 -58.26 16.22
N VAL A 127 -16.20 -58.19 17.55
CA VAL A 127 -16.94 -57.15 18.25
C VAL A 127 -15.94 -56.17 18.86
N ILE A 128 -16.09 -54.90 18.52
CA ILE A 128 -15.27 -53.83 19.06
C ILE A 128 -16.20 -52.83 19.74
N LYS A 129 -16.06 -52.67 21.05
CA LYS A 129 -16.87 -51.76 21.83
C LYS A 129 -15.99 -50.91 22.73
N VAL A 130 -16.43 -49.68 22.97
CA VAL A 130 -15.69 -48.72 23.79
C VAL A 130 -16.60 -48.32 24.95
N CYS A 131 -16.38 -48.93 26.11
CA CYS A 131 -17.14 -48.60 27.32
C CYS A 131 -16.18 -48.58 28.51
N GLU A 132 -16.73 -48.27 29.68
CA GLU A 132 -15.98 -48.28 30.94
C GLU A 132 -16.25 -49.62 31.62
N PHE A 133 -15.42 -50.61 31.30
CA PHE A 133 -15.61 -51.98 31.78
C PHE A 133 -14.96 -52.18 33.15
N GLN A 134 -15.58 -53.05 33.95
CA GLN A 134 -14.99 -53.52 35.20
C GLN A 134 -14.27 -54.82 34.90
N PHE A 135 -13.00 -54.71 34.53
CA PHE A 135 -12.23 -55.86 34.07
C PHE A 135 -11.83 -56.75 35.25
N CYS A 136 -11.84 -58.06 35.01
CA CYS A 136 -11.42 -59.02 36.00
C CYS A 136 -9.90 -59.05 36.10
N ASN A 137 -9.40 -59.72 37.16
CA ASN A 137 -7.96 -59.81 37.37
C ASN A 137 -7.30 -60.65 36.29
N ASP A 138 -7.92 -61.76 35.89
CA ASP A 138 -7.37 -62.67 34.88
C ASP A 138 -8.46 -62.97 33.85
N PRO A 139 -8.69 -62.06 32.91
CA PRO A 139 -9.67 -62.35 31.85
C PRO A 139 -9.19 -63.46 30.93
N PHE A 140 -10.14 -64.23 30.43
CA PHE A 140 -9.84 -65.37 29.56
C PHE A 140 -11.10 -65.74 28.78
N LEU A 141 -10.95 -66.69 27.86
CA LEU A 141 -12.05 -67.23 27.09
C LEU A 141 -12.02 -68.75 27.19
N GLY A 142 -13.20 -69.37 27.29
CA GLY A 142 -13.32 -70.78 27.55
C GLY A 142 -13.83 -71.53 26.33
N VAL A 143 -13.12 -72.58 25.96
CA VAL A 143 -13.51 -73.50 24.89
C VAL A 143 -13.59 -74.90 25.47
N TYR A 144 -14.71 -75.59 25.24
CA TYR A 144 -14.95 -76.90 25.81
C TYR A 144 -14.93 -77.96 24.73
N TYR A 145 -14.39 -79.12 25.06
CA TYR A 145 -14.32 -80.27 24.16
C TYR A 145 -15.09 -81.43 24.75
N HIS A 146 -15.85 -82.13 23.90
CA HIS A 146 -16.69 -83.24 24.31
C HIS A 146 -16.09 -84.55 23.81
N LYS A 147 -16.05 -85.55 24.69
CA LYS A 147 -15.52 -86.86 24.30
C LYS A 147 -16.52 -87.65 23.47
N ASN A 148 -17.81 -87.51 23.74
CA ASN A 148 -18.82 -88.27 23.00
C ASN A 148 -18.88 -87.86 21.53
N ASN A 149 -18.81 -86.56 21.25
CA ASN A 149 -18.83 -86.05 19.89
C ASN A 149 -17.66 -85.11 19.70
N LYS A 150 -16.86 -85.35 18.66
CA LYS A 150 -15.67 -84.54 18.41
C LYS A 150 -16.06 -83.17 17.85
N SER A 151 -16.21 -82.19 18.73
CA SER A 151 -16.57 -80.84 18.33
C SER A 151 -16.07 -79.86 19.38
N TRP A 152 -15.67 -78.68 18.92
CA TRP A 152 -15.17 -77.62 19.79
C TRP A 152 -16.08 -76.42 19.69
N MET A 153 -16.52 -75.91 20.85
CA MET A 153 -17.42 -74.77 20.90
C MET A 153 -17.07 -73.92 22.11
N GLU A 154 -17.08 -72.60 21.92
CA GLU A 154 -16.79 -71.67 22.99
C GLU A 154 -17.90 -71.71 24.04
N SER A 155 -17.51 -71.79 25.31
CA SER A 155 -18.46 -71.92 26.41
C SER A 155 -18.39 -70.78 27.41
N GLU A 156 -17.19 -70.32 27.76
CA GLU A 156 -17.00 -69.31 28.79
C GLU A 156 -16.48 -68.02 28.17
N PHE A 157 -17.09 -66.90 28.55
CA PHE A 157 -16.68 -65.57 28.11
C PHE A 157 -16.56 -64.69 29.36
N ARG A 158 -15.39 -64.70 29.97
CA ARG A 158 -15.11 -63.96 31.20
C ARG A 158 -14.05 -62.91 30.89
N VAL A 159 -14.50 -61.72 30.49
CA VAL A 159 -13.61 -60.60 30.16
C VAL A 159 -13.88 -59.40 31.05
N TYR A 160 -15.13 -58.95 31.11
CA TYR A 160 -15.51 -57.78 31.90
C TYR A 160 -16.76 -58.09 32.69
N SER A 161 -16.94 -57.33 33.79
CA SER A 161 -18.09 -57.54 34.65
C SER A 161 -19.33 -56.81 34.13
N SER A 162 -19.21 -55.51 33.88
CA SER A 162 -20.34 -54.71 33.41
C SER A 162 -19.82 -53.50 32.65
N ALA A 163 -20.72 -52.89 31.88
CA ALA A 163 -20.41 -51.70 31.10
C ALA A 163 -21.58 -50.74 31.21
N ASN A 164 -21.33 -49.53 31.70
CA ASN A 164 -22.39 -48.55 31.93
C ASN A 164 -22.57 -47.60 30.75
N ASN A 165 -21.52 -46.86 30.39
CA ASN A 165 -21.58 -45.86 29.33
C ASN A 165 -20.71 -46.31 28.17
N CYS A 166 -21.29 -46.34 26.98
CA CYS A 166 -20.59 -46.75 25.77
C CYS A 166 -20.70 -45.65 24.71
N THR A 167 -19.59 -45.42 24.01
CA THR A 167 -19.51 -44.39 22.99
C THR A 167 -19.38 -44.95 21.57
N PHE A 168 -18.48 -45.90 21.36
CA PHE A 168 -18.23 -46.48 20.05
C PHE A 168 -18.45 -47.99 20.11
N GLU A 169 -19.14 -48.52 19.09
CA GLU A 169 -19.42 -49.94 19.01
C GLU A 169 -19.37 -50.37 17.55
N TYR A 170 -18.74 -51.52 17.31
CA TYR A 170 -18.62 -52.07 15.97
C TYR A 170 -18.74 -53.58 16.02
N VAL A 171 -19.65 -54.13 15.22
CA VAL A 171 -19.88 -55.57 15.14
C VAL A 171 -19.69 -56.01 13.69
N SER A 172 -18.82 -56.99 13.48
CA SER A 172 -18.52 -57.49 12.15
C SER A 172 -19.53 -58.56 11.74
N GLN A 173 -19.40 -59.05 10.50
CA GLN A 173 -20.29 -60.08 10.01
C GLN A 173 -19.99 -61.41 10.69
N PRO A 174 -21.01 -62.24 10.91
CA PRO A 174 -20.78 -63.55 11.54
C PRO A 174 -20.02 -64.49 10.64
N PHE A 175 -19.26 -65.39 11.27
CA PHE A 175 -18.50 -66.40 10.56
C PHE A 175 -18.27 -67.59 11.49
N LEU A 176 -17.87 -68.72 10.90
CA LEU A 176 -17.60 -69.94 11.63
C LEU A 176 -16.09 -70.19 11.67
N MET A 177 -15.56 -70.40 12.87
CA MET A 177 -14.15 -70.67 13.07
C MET A 177 -13.90 -72.14 13.32
N ASP A 178 -12.65 -72.55 13.10
CA ASP A 178 -12.27 -73.95 13.31
C ASP A 178 -12.14 -74.27 14.80
N LEU A 179 -11.22 -73.58 15.49
CA LEU A 179 -10.98 -73.75 16.92
C LEU A 179 -10.62 -75.20 17.26
N GLU A 180 -9.86 -75.85 16.39
CA GLU A 180 -9.46 -77.23 16.56
C GLU A 180 -7.97 -77.29 16.88
N GLY A 181 -7.63 -78.03 17.92
CA GLY A 181 -6.23 -78.17 18.30
C GLY A 181 -5.44 -78.97 17.28
N LYS A 182 -4.17 -78.61 17.12
CA LYS A 182 -3.28 -79.25 16.17
C LYS A 182 -2.07 -79.83 16.90
N GLN A 183 -1.67 -81.03 16.51
CA GLN A 183 -0.51 -81.70 17.08
C GLN A 183 0.79 -81.32 16.39
N GLY A 184 0.73 -80.51 15.33
CA GLY A 184 1.91 -80.09 14.61
C GLY A 184 2.51 -78.83 15.19
N ASN A 185 3.42 -78.24 14.42
CA ASN A 185 4.12 -77.03 14.82
C ASN A 185 3.30 -75.80 14.45
N PHE A 186 3.87 -74.62 14.69
CA PHE A 186 3.20 -73.37 14.35
C PHE A 186 3.13 -73.20 12.83
N LYS A 187 2.00 -72.70 12.35
CA LYS A 187 1.75 -72.55 10.92
C LYS A 187 1.40 -71.12 10.52
N ASN A 188 0.63 -70.42 11.33
CA ASN A 188 0.15 -69.08 10.99
C ASN A 188 0.88 -68.04 11.83
N LEU A 189 1.42 -67.02 11.17
CA LEU A 189 2.09 -65.91 11.83
C LEU A 189 1.29 -64.64 11.61
N ARG A 190 0.95 -63.96 12.71
CA ARG A 190 0.18 -62.73 12.67
C ARG A 190 0.99 -61.60 13.28
N GLU A 191 1.09 -60.49 12.55
CA GLU A 191 1.85 -59.32 12.99
C GLU A 191 0.92 -58.13 13.11
N PHE A 192 0.95 -57.45 14.25
CA PHE A 192 0.09 -56.32 14.52
C PHE A 192 0.91 -55.14 15.02
N VAL A 193 0.59 -53.94 14.53
CA VAL A 193 1.23 -52.70 14.95
C VAL A 193 0.13 -51.70 15.29
N PHE A 194 0.22 -51.10 16.47
CA PHE A 194 -0.78 -50.16 16.96
C PHE A 194 -0.15 -48.80 17.22
N LYS A 195 -0.89 -47.75 16.85
CA LYS A 195 -0.46 -46.38 17.07
C LYS A 195 -1.62 -45.58 17.63
N ASN A 196 -1.30 -44.60 18.48
CA ASN A 196 -2.29 -43.72 19.09
C ASN A 196 -1.78 -42.28 18.94
N ILE A 197 -2.14 -41.65 17.84
CA ILE A 197 -1.73 -40.28 17.53
C ILE A 197 -2.98 -39.45 17.31
N ASP A 198 -3.13 -38.38 18.10
CA ASP A 198 -4.27 -37.45 18.02
C ASP A 198 -5.60 -38.16 18.19
N GLY A 199 -5.62 -39.16 19.08
CA GLY A 199 -6.84 -39.90 19.35
C GLY A 199 -7.25 -40.89 18.28
N TYR A 200 -6.37 -41.20 17.33
CA TYR A 200 -6.67 -42.13 16.25
C TYR A 200 -5.94 -43.44 16.48
N PHE A 201 -6.67 -44.54 16.41
CA PHE A 201 -6.10 -45.88 16.58
C PHE A 201 -5.96 -46.53 15.22
N LYS A 202 -4.71 -46.86 14.86
CA LYS A 202 -4.40 -47.46 13.57
C LYS A 202 -3.90 -48.88 13.78
N ILE A 203 -4.48 -49.82 13.06
CA ILE A 203 -4.13 -51.23 13.15
C ILE A 203 -3.59 -51.68 11.81
N TYR A 204 -2.38 -52.25 11.82
CA TYR A 204 -1.74 -52.79 10.61
C TYR A 204 -1.54 -54.28 10.82
N SER A 205 -2.02 -55.08 9.85
CA SER A 205 -1.96 -56.53 9.98
C SER A 205 -1.61 -57.15 8.63
N LYS A 206 -0.96 -58.31 8.69
CA LYS A 206 -0.61 -59.08 7.51
C LYS A 206 -0.32 -60.51 7.93
N HIS A 207 -0.96 -61.48 7.27
CA HIS A 207 -0.80 -62.89 7.58
C HIS A 207 0.19 -63.52 6.62
N THR A 208 1.19 -64.23 7.16
CA THR A 208 2.20 -64.90 6.37
C THR A 208 2.42 -66.30 6.96
N PRO A 209 2.29 -67.35 6.14
CA PRO A 209 2.51 -68.71 6.65
C PRO A 209 3.97 -68.96 6.96
N ILE A 210 4.21 -69.63 8.10
CA ILE A 210 5.55 -69.96 8.55
C ILE A 210 5.58 -71.42 8.97
N ASN A 211 6.80 -71.96 9.09
CA ASN A 211 7.01 -73.33 9.55
C ASN A 211 8.24 -73.34 10.45
N LEU A 212 8.00 -73.17 11.75
CA LEU A 212 9.06 -73.17 12.75
C LEU A 212 8.55 -73.86 14.01
N VAL A 213 9.43 -74.02 14.99
CA VAL A 213 9.10 -74.65 16.27
C VAL A 213 9.05 -73.61 17.39
N ARG A 214 10.18 -72.98 17.69
CA ARG A 214 10.21 -71.91 18.69
C ARG A 214 11.33 -70.93 18.27
N ASP A 215 10.94 -69.91 17.51
CA ASP A 215 11.86 -68.89 17.01
C ASP A 215 11.03 -67.77 16.39
N LEU A 216 11.69 -66.64 16.16
CA LEU A 216 11.06 -65.53 15.45
C LEU A 216 11.35 -65.65 13.96
N PRO A 217 10.33 -65.77 13.11
CA PRO A 217 10.59 -65.91 11.66
C PRO A 217 11.13 -64.61 11.09
N GLN A 218 12.31 -64.68 10.50
CA GLN A 218 12.97 -63.51 9.94
C GLN A 218 12.60 -63.34 8.47
N GLY A 219 12.17 -62.13 8.14
CA GLY A 219 11.77 -61.82 6.77
C GLY A 219 11.07 -60.49 6.72
N PHE A 220 10.89 -60.02 5.49
CA PHE A 220 10.27 -58.72 5.24
C PHE A 220 8.84 -58.94 4.74
N SER A 221 7.88 -58.33 5.43
CA SER A 221 6.47 -58.40 5.05
C SER A 221 5.83 -57.08 5.48
N ALA A 222 5.62 -56.18 4.51
CA ALA A 222 5.08 -54.87 4.81
C ALA A 222 3.61 -54.98 5.23
N LEU A 223 3.29 -54.38 6.37
CA LEU A 223 1.94 -54.41 6.89
C LEU A 223 1.06 -53.39 6.18
N GLU A 224 -0.19 -53.78 5.91
CA GLU A 224 -1.14 -52.91 5.23
C GLU A 224 -2.15 -52.35 6.21
N PRO A 225 -2.65 -51.13 5.96
CA PRO A 225 -3.69 -50.57 6.84
C PRO A 225 -4.97 -51.41 6.79
N LEU A 226 -5.61 -51.54 7.96
CA LEU A 226 -6.83 -52.34 8.07
C LEU A 226 -8.03 -51.48 8.46
N VAL A 227 -7.96 -50.75 9.57
CA VAL A 227 -9.10 -49.98 10.06
C VAL A 227 -8.57 -48.90 11.01
N ASP A 228 -9.11 -47.70 10.86
CA ASP A 228 -8.77 -46.57 11.73
C ASP A 228 -9.94 -46.32 12.68
N LEU A 229 -9.67 -46.34 13.97
CA LEU A 229 -10.70 -46.17 14.99
C LEU A 229 -10.48 -44.86 15.74
N PRO A 230 -11.40 -43.89 15.64
CA PRO A 230 -11.26 -42.63 16.38
C PRO A 230 -11.77 -42.74 17.82
N ILE A 231 -11.03 -43.48 18.65
CA ILE A 231 -11.41 -43.66 20.03
C ILE A 231 -11.25 -42.36 20.82
N GLY A 232 -10.13 -41.67 20.63
CA GLY A 232 -9.86 -40.44 21.36
C GLY A 232 -9.65 -40.61 22.85
N ILE A 233 -8.97 -41.69 23.26
CA ILE A 233 -8.72 -41.97 24.67
C ILE A 233 -7.21 -42.10 24.86
N ASN A 234 -6.76 -41.84 26.08
CA ASN A 234 -5.37 -42.02 26.47
C ASN A 234 -5.16 -43.46 26.93
N ILE A 235 -4.19 -44.14 26.32
CA ILE A 235 -3.89 -45.53 26.61
C ILE A 235 -2.48 -45.61 27.16
N THR A 236 -2.35 -46.22 28.34
CA THR A 236 -1.05 -46.36 29.00
C THR A 236 -0.62 -47.80 29.19
N ARG A 237 -1.54 -48.70 29.52
CA ARG A 237 -1.22 -50.11 29.70
C ARG A 237 -2.20 -50.96 28.90
N PHE A 238 -1.73 -52.12 28.44
CA PHE A 238 -2.57 -53.06 27.71
C PHE A 238 -2.21 -54.48 28.12
N GLN A 239 -3.18 -55.38 27.96
CA GLN A 239 -3.04 -56.77 28.40
C GLN A 239 -3.44 -57.71 27.29
N THR A 240 -2.71 -58.81 27.16
CA THR A 240 -3.02 -59.85 26.18
C THR A 240 -4.12 -60.76 26.70
N LEU A 241 -4.99 -61.20 25.80
CA LEU A 241 -6.06 -62.13 26.13
C LEU A 241 -5.84 -63.43 25.37
N LEU A 242 -5.96 -64.55 26.08
CA LEU A 242 -5.79 -65.88 25.53
C LEU A 242 -7.09 -66.68 25.68
N ALA A 243 -7.02 -67.97 25.35
CA ALA A 243 -8.17 -68.85 25.41
C ALA A 243 -7.84 -70.08 26.25
N LEU A 244 -8.89 -70.68 26.80
CA LEU A 244 -8.78 -71.86 27.64
C LEU A 244 -9.40 -73.06 26.94
N HIS A 245 -8.77 -74.22 27.10
CA HIS A 245 -9.28 -75.48 26.56
C HIS A 245 -9.64 -76.41 27.72
N ARG A 246 -10.86 -76.92 27.71
CA ARG A 246 -11.35 -77.78 28.76
C ARG A 246 -11.96 -79.04 28.15
N SER A 247 -11.69 -80.19 28.78
CA SER A 247 -12.19 -81.47 28.31
C SER A 247 -12.24 -82.42 29.51
N TYR A 248 -12.43 -83.71 29.23
CA TYR A 248 -12.48 -84.72 30.27
C TYR A 248 -11.11 -85.08 30.83
N LEU A 249 -10.03 -84.61 30.20
CA LEU A 249 -8.67 -84.92 30.63
C LEU A 249 -8.12 -83.90 31.63
N THR A 250 -8.93 -82.92 32.04
CA THR A 250 -8.50 -81.88 32.98
C THR A 250 -9.47 -81.85 34.15
N PRO A 251 -9.32 -82.78 35.10
CA PRO A 251 -10.22 -82.79 36.26
C PRO A 251 -9.91 -81.64 37.22
N GLY A 252 -10.92 -81.28 38.00
CA GLY A 252 -10.82 -80.23 39.00
C GLY A 252 -11.94 -79.23 38.84
N ASP A 253 -11.78 -78.09 39.51
CA ASP A 253 -12.77 -77.02 39.45
C ASP A 253 -12.47 -76.13 38.25
N SER A 254 -13.16 -74.98 38.18
CA SER A 254 -12.97 -74.07 37.05
C SER A 254 -11.62 -73.37 37.11
N SER A 255 -11.06 -73.19 38.30
CA SER A 255 -9.80 -72.49 38.46
C SER A 255 -8.58 -73.39 38.31
N SER A 256 -8.77 -74.71 38.23
CA SER A 256 -7.65 -75.63 38.07
C SER A 256 -7.84 -76.69 37.00
N GLY A 257 -9.08 -77.00 36.62
CA GLY A 257 -9.31 -78.03 35.61
C GLY A 257 -9.29 -77.49 34.20
N TRP A 258 -8.10 -77.11 33.71
CA TRP A 258 -7.97 -76.57 32.37
C TRP A 258 -6.53 -76.78 31.91
N THR A 259 -6.34 -76.66 30.60
CA THR A 259 -5.03 -76.77 29.97
C THR A 259 -4.75 -75.50 29.16
N ALA A 260 -3.51 -75.37 28.72
CA ALA A 260 -3.07 -74.18 28.00
C ALA A 260 -2.72 -74.45 26.54
N GLY A 261 -2.29 -75.65 26.20
CA GLY A 261 -1.87 -75.93 24.83
C GLY A 261 -0.50 -75.31 24.53
N ALA A 262 -0.20 -75.26 23.24
CA ALA A 262 1.06 -74.70 22.75
C ALA A 262 0.79 -73.35 22.10
N ALA A 263 1.48 -72.32 22.58
CA ALA A 263 1.32 -70.98 22.05
C ALA A 263 2.57 -70.17 22.34
N ALA A 264 2.76 -69.11 21.56
CA ALA A 264 3.91 -68.21 21.73
C ALA A 264 3.58 -66.87 21.09
N TYR A 265 4.03 -65.79 21.72
CA TYR A 265 3.85 -64.46 21.17
C TYR A 265 4.96 -63.56 21.70
N TYR A 266 5.22 -62.48 20.96
CA TYR A 266 6.28 -61.54 21.28
C TYR A 266 5.74 -60.11 21.19
N VAL A 267 6.37 -59.22 21.95
CA VAL A 267 5.95 -57.82 22.04
C VAL A 267 7.16 -56.94 21.77
N GLY A 268 7.02 -56.00 20.84
CA GLY A 268 8.06 -55.04 20.57
C GLY A 268 7.53 -53.63 20.61
N TYR A 269 8.31 -52.73 21.20
CA TYR A 269 7.91 -51.35 21.36
C TYR A 269 8.21 -50.54 20.10
N LEU A 270 7.57 -49.37 20.00
CA LEU A 270 7.76 -48.46 18.89
C LEU A 270 8.54 -47.24 19.38
N GLN A 271 9.67 -46.96 18.72
CA GLN A 271 10.54 -45.85 19.07
C GLN A 271 10.65 -44.88 17.89
N PRO A 272 10.52 -43.57 18.11
CA PRO A 272 10.60 -42.63 16.97
C PRO A 272 12.00 -42.54 16.40
N ARG A 273 12.22 -43.15 15.24
CA ARG A 273 13.53 -43.20 14.61
C ARG A 273 13.38 -42.94 13.12
N THR A 274 14.47 -42.49 12.50
CA THR A 274 14.49 -42.22 11.07
C THR A 274 14.74 -43.51 10.29
N PHE A 275 13.97 -43.68 9.21
CA PHE A 275 14.08 -44.86 8.38
C PHE A 275 13.97 -44.45 6.92
N LEU A 276 14.47 -45.33 6.04
CA LEU A 276 14.35 -45.18 4.61
C LEU A 276 13.64 -46.41 4.05
N LEU A 277 12.62 -46.18 3.22
CA LEU A 277 11.79 -47.25 2.68
C LEU A 277 11.86 -47.24 1.16
N LYS A 278 11.81 -48.44 0.57
CA LYS A 278 11.86 -48.63 -0.87
C LYS A 278 10.48 -49.00 -1.38
N TYR A 279 10.00 -48.25 -2.37
CA TYR A 279 8.71 -48.50 -3.00
C TYR A 279 8.94 -48.86 -4.46
N ASN A 280 8.44 -50.03 -4.87
CA ASN A 280 8.60 -50.49 -6.24
C ASN A 280 7.39 -50.06 -7.07
N GLU A 281 7.28 -50.60 -8.29
CA GLU A 281 6.14 -50.28 -9.14
C GLU A 281 4.84 -50.87 -8.61
N ASN A 282 4.92 -51.99 -7.88
CA ASN A 282 3.72 -52.60 -7.32
C ASN A 282 3.15 -51.77 -6.17
N GLY A 283 3.99 -51.01 -5.48
CA GLY A 283 3.55 -50.21 -4.35
C GLY A 283 3.72 -50.86 -3.00
N THR A 284 4.34 -52.04 -2.94
CA THR A 284 4.56 -52.75 -1.69
C THR A 284 6.03 -52.68 -1.31
N ILE A 285 6.31 -52.39 -0.03
CA ILE A 285 7.68 -52.29 0.44
C ILE A 285 8.27 -53.68 0.56
N THR A 286 9.42 -53.89 -0.08
CA THR A 286 10.10 -55.18 -0.05
C THR A 286 11.32 -55.19 0.86
N ASP A 287 11.97 -54.06 1.06
CA ASP A 287 13.13 -53.97 1.93
C ASP A 287 13.27 -52.55 2.45
N ALA A 288 14.01 -52.40 3.54
CA ALA A 288 14.24 -51.10 4.14
C ALA A 288 15.57 -51.12 4.87
N VAL A 289 16.11 -49.93 5.10
CA VAL A 289 17.39 -49.77 5.80
C VAL A 289 17.15 -48.90 7.03
N ASP A 290 18.06 -49.03 7.99
CA ASP A 290 17.98 -48.29 9.25
C ASP A 290 18.96 -47.13 9.26
N CYS A 291 18.66 -46.14 10.12
CA CYS A 291 19.50 -44.97 10.27
C CYS A 291 19.94 -44.76 11.71
N ALA A 292 19.63 -45.69 12.63
CA ALA A 292 19.99 -45.52 14.03
C ALA A 292 20.48 -46.80 14.67
N LEU A 293 20.67 -47.88 13.91
CA LEU A 293 21.11 -49.16 14.48
C LEU A 293 22.63 -49.24 14.55
N ASP A 294 23.30 -49.10 13.41
CA ASP A 294 24.74 -49.24 13.28
C ASP A 294 25.28 -48.09 12.46
N PRO A 295 26.56 -47.73 12.65
CA PRO A 295 27.18 -46.73 11.76
C PRO A 295 27.19 -47.14 10.31
N LEU A 296 27.30 -48.44 10.02
CA LEU A 296 27.22 -48.90 8.64
C LEU A 296 25.82 -48.71 8.08
N SER A 297 24.79 -48.82 8.91
CA SER A 297 23.41 -48.61 8.44
C SER A 297 23.16 -47.14 8.13
N GLU A 298 23.74 -46.24 8.92
CA GLU A 298 23.53 -44.81 8.71
C GLU A 298 24.16 -44.31 7.42
N THR A 299 25.12 -45.05 6.87
CA THR A 299 25.68 -44.70 5.56
C THR A 299 24.61 -44.82 4.47
N LYS A 300 23.75 -45.83 4.57
CA LYS A 300 22.69 -46.01 3.59
C LYS A 300 21.64 -44.90 3.69
N CYS A 301 21.41 -44.37 4.90
CA CYS A 301 20.41 -43.33 5.08
C CYS A 301 20.83 -42.02 4.42
N THR A 302 22.11 -41.63 4.58
CA THR A 302 22.58 -40.40 3.98
C THR A 302 22.76 -40.54 2.47
N LEU A 303 23.27 -41.68 2.02
CA LEU A 303 23.48 -41.91 0.60
C LEU A 303 22.17 -42.16 -0.14
N LYS A 304 21.11 -42.55 0.59
CA LYS A 304 19.80 -42.86 0.02
C LYS A 304 19.92 -43.98 -1.03
N SER A 305 20.62 -45.04 -0.66
CA SER A 305 20.78 -46.20 -1.53
C SER A 305 20.97 -47.44 -0.67
N PHE A 306 20.69 -48.60 -1.26
CA PHE A 306 20.81 -49.87 -0.57
C PHE A 306 22.18 -50.50 -0.70
N THR A 307 23.09 -49.88 -1.45
CA THR A 307 24.44 -50.39 -1.64
C THR A 307 25.44 -49.30 -1.25
N VAL A 308 26.44 -49.67 -0.46
CA VAL A 308 27.46 -48.74 0.02
C VAL A 308 28.77 -49.10 -0.67
N GLU A 309 29.37 -48.15 -1.37
CA GLU A 309 30.64 -48.34 -2.02
C GLU A 309 31.78 -48.00 -1.07
N LYS A 310 33.01 -48.30 -1.51
CA LYS A 310 34.19 -47.99 -0.71
C LYS A 310 34.41 -46.49 -0.68
N GLY A 311 34.61 -45.95 0.51
CA GLY A 311 34.83 -44.52 0.66
C GLY A 311 34.69 -44.10 2.11
N ILE A 312 34.56 -42.79 2.29
CA ILE A 312 34.46 -42.17 3.60
C ILE A 312 33.11 -41.46 3.72
N TYR A 313 32.45 -41.65 4.85
CA TYR A 313 31.15 -41.04 5.11
C TYR A 313 31.16 -40.35 6.46
N GLN A 314 30.39 -39.27 6.56
CA GLN A 314 30.41 -38.44 7.77
C GLN A 314 29.59 -39.07 8.90
N THR A 315 28.40 -39.58 8.57
CA THR A 315 27.53 -40.33 9.47
C THR A 315 27.24 -39.49 10.72
N SER A 316 27.58 -39.96 11.93
CA SER A 316 27.38 -39.19 13.14
C SER A 316 28.30 -39.75 14.23
N ASN A 317 28.51 -38.94 15.27
CA ASN A 317 29.31 -39.38 16.41
C ASN A 317 28.48 -40.20 17.38
N PHE A 318 27.44 -39.60 17.95
CA PHE A 318 26.50 -40.32 18.82
C PHE A 318 25.14 -39.66 18.61
N ARG A 319 24.35 -40.22 17.70
CA ARG A 319 23.09 -39.64 17.27
C ARG A 319 21.94 -40.26 18.06
N VAL A 320 21.21 -39.44 18.80
CA VAL A 320 20.05 -39.87 19.56
C VAL A 320 18.82 -39.32 18.84
N GLN A 321 17.90 -40.23 18.46
CA GLN A 321 16.73 -39.82 17.70
C GLN A 321 15.78 -39.00 18.57
N PRO A 322 15.14 -37.98 18.01
CA PRO A 322 14.19 -37.18 18.80
C PRO A 322 12.96 -37.99 19.18
N THR A 323 12.43 -37.68 20.37
CA THR A 323 11.28 -38.37 20.91
C THR A 323 10.05 -37.47 21.06
N GLU A 324 10.20 -36.16 20.91
CA GLU A 324 9.09 -35.24 21.11
C GLU A 324 9.35 -33.97 20.32
N SER A 325 8.28 -33.18 20.14
CA SER A 325 8.36 -31.88 19.50
C SER A 325 7.63 -30.87 20.38
N ILE A 326 8.33 -29.77 20.71
CA ILE A 326 7.77 -28.73 21.56
C ILE A 326 7.85 -27.39 20.84
N VAL A 327 6.96 -26.47 21.24
CA VAL A 327 6.91 -25.13 20.69
C VAL A 327 6.91 -24.13 21.84
N ARG A 328 7.39 -22.92 21.55
CA ARG A 328 7.43 -21.86 22.54
C ARG A 328 7.16 -20.52 21.86
N PHE A 329 6.21 -19.77 22.41
CA PHE A 329 5.83 -18.48 21.86
C PHE A 329 5.46 -17.57 23.03
N PRO A 330 5.53 -16.25 22.84
CA PRO A 330 5.15 -15.33 23.92
C PRO A 330 3.67 -15.46 24.27
N ASN A 331 3.36 -15.14 25.53
CA ASN A 331 2.03 -15.33 26.11
C ASN A 331 1.03 -14.23 25.72
N ILE A 332 1.34 -13.44 24.69
CA ILE A 332 0.40 -12.41 24.23
C ILE A 332 -0.82 -13.07 23.61
N THR A 333 -2.01 -12.59 24.00
CA THR A 333 -3.26 -13.15 23.52
C THR A 333 -4.22 -12.10 22.97
N ASN A 334 -3.78 -10.85 22.82
CA ASN A 334 -4.63 -9.80 22.31
C ASN A 334 -4.67 -9.86 20.79
N LEU A 335 -5.82 -9.53 20.22
CA LEU A 335 -5.98 -9.51 18.77
C LEU A 335 -5.48 -8.21 18.19
N CYS A 336 -4.77 -8.29 17.07
CA CYS A 336 -4.24 -7.10 16.43
C CYS A 336 -5.38 -6.30 15.79
N PRO A 337 -5.30 -4.97 15.80
CA PRO A 337 -6.37 -4.13 15.24
C PRO A 337 -6.34 -4.07 13.71
N PHE A 338 -6.52 -5.23 13.07
CA PHE A 338 -6.59 -5.28 11.63
C PHE A 338 -7.92 -4.76 11.09
N GLY A 339 -8.96 -4.74 11.93
CA GLY A 339 -10.24 -4.23 11.48
C GLY A 339 -10.23 -2.75 11.21
N GLU A 340 -9.48 -1.99 12.01
CA GLU A 340 -9.41 -0.54 11.82
C GLU A 340 -8.72 -0.17 10.51
N VAL A 341 -7.64 -0.89 10.17
CA VAL A 341 -6.89 -0.56 8.95
C VAL A 341 -7.70 -0.93 7.71
N PHE A 342 -8.31 -2.12 7.70
CA PHE A 342 -8.98 -2.62 6.51
C PHE A 342 -10.43 -2.17 6.38
N ASN A 343 -10.99 -1.52 7.41
CA ASN A 343 -12.37 -1.05 7.36
C ASN A 343 -12.46 0.38 7.86
N ALA A 344 -11.49 1.22 7.48
CA ALA A 344 -11.52 2.62 7.88
C ALA A 344 -12.61 3.36 7.13
N THR A 345 -13.21 4.35 7.81
CA THR A 345 -14.27 5.14 7.18
C THR A 345 -13.73 6.04 6.08
N ARG A 346 -12.46 6.41 6.16
CA ARG A 346 -11.81 7.21 5.12
C ARG A 346 -10.41 6.68 4.88
N PHE A 347 -9.91 6.95 3.68
CA PHE A 347 -8.57 6.51 3.28
C PHE A 347 -7.72 7.72 2.95
N ALA A 348 -6.43 7.62 3.26
CA ALA A 348 -5.50 8.73 3.05
C ALA A 348 -5.19 8.87 1.56
N SER A 349 -4.60 10.02 1.22
CA SER A 349 -4.23 10.30 -0.16
C SER A 349 -3.02 9.48 -0.58
N VAL A 350 -2.72 9.51 -1.88
CA VAL A 350 -1.60 8.74 -2.41
C VAL A 350 -0.28 9.30 -1.91
N TYR A 351 -0.11 10.63 -1.98
CA TYR A 351 1.14 11.24 -1.54
C TYR A 351 1.24 11.25 -0.02
N ALA A 352 0.15 11.60 0.66
CA ALA A 352 0.12 11.62 2.13
C ALA A 352 -0.53 10.36 2.68
N TRP A 353 0.11 9.22 2.41
CA TRP A 353 -0.41 7.94 2.86
C TRP A 353 -0.17 7.76 4.35
N ASN A 354 -1.21 7.34 5.07
CA ASN A 354 -1.08 7.13 6.51
C ASN A 354 -0.25 5.89 6.79
N ARG A 355 0.49 5.94 7.90
CA ARG A 355 1.32 4.83 8.36
C ARG A 355 0.87 4.42 9.74
N LYS A 356 0.58 3.13 9.91
CA LYS A 356 0.13 2.57 11.18
C LYS A 356 1.08 1.47 11.62
N ARG A 357 1.43 1.49 12.91
CA ARG A 357 2.31 0.48 13.49
C ARG A 357 1.48 -0.47 14.34
N ILE A 358 1.60 -1.77 14.06
CA ILE A 358 0.86 -2.81 14.76
C ILE A 358 1.85 -3.61 15.60
N SER A 359 1.60 -3.67 16.91
CA SER A 359 2.49 -4.37 17.82
C SER A 359 1.72 -4.73 19.09
N ASN A 360 2.32 -5.62 19.88
CA ASN A 360 1.78 -6.09 21.16
C ASN A 360 0.40 -6.71 20.95
N CYS A 361 0.39 -7.77 20.14
CA CYS A 361 -0.81 -8.55 19.83
C CYS A 361 -0.37 -9.78 19.05
N VAL A 362 -1.35 -10.60 18.66
CA VAL A 362 -1.12 -11.72 17.75
C VAL A 362 -2.00 -11.51 16.52
N ALA A 363 -1.42 -11.75 15.34
CA ALA A 363 -2.08 -11.48 14.08
C ALA A 363 -2.34 -12.79 13.35
N ASP A 364 -3.60 -13.01 12.97
CA ASP A 364 -3.99 -14.19 12.21
C ASP A 364 -4.16 -13.79 10.75
N TYR A 365 -3.45 -14.45 9.86
CA TYR A 365 -3.44 -14.12 8.44
C TYR A 365 -4.45 -14.95 7.63
N SER A 366 -5.24 -15.78 8.28
CA SER A 366 -6.19 -16.63 7.57
C SER A 366 -7.56 -15.99 7.38
N VAL A 367 -8.01 -15.20 8.36
CA VAL A 367 -9.33 -14.59 8.26
C VAL A 367 -9.37 -13.52 7.17
N LEU A 368 -8.24 -12.83 6.94
CA LEU A 368 -8.18 -11.88 5.84
C LEU A 368 -8.01 -12.58 4.50
N TYR A 369 -7.30 -13.71 4.46
CA TYR A 369 -7.13 -14.44 3.22
C TYR A 369 -8.43 -15.08 2.76
N ASN A 370 -9.23 -15.58 3.70
CA ASN A 370 -10.49 -16.24 3.39
C ASN A 370 -11.66 -15.28 3.31
N SER A 371 -11.40 -13.98 3.18
CA SER A 371 -12.49 -13.01 3.07
C SER A 371 -13.15 -13.04 1.69
N ALA A 372 -12.47 -13.57 0.68
CA ALA A 372 -12.97 -13.68 -0.69
C ALA A 372 -13.37 -12.32 -1.25
N SER A 373 -12.59 -11.29 -0.91
CA SER A 373 -12.82 -9.94 -1.40
C SER A 373 -11.58 -9.23 -1.92
N PHE A 374 -10.39 -9.66 -1.52
CA PHE A 374 -9.16 -9.01 -1.95
C PHE A 374 -8.81 -9.40 -3.38
N SER A 375 -7.96 -8.59 -4.01
CA SER A 375 -7.58 -8.81 -5.40
C SER A 375 -6.08 -8.86 -5.64
N THR A 376 -5.25 -8.58 -4.64
CA THR A 376 -3.80 -8.59 -4.81
C THR A 376 -3.19 -9.36 -3.66
N PHE A 377 -2.48 -10.46 -3.99
CA PHE A 377 -1.82 -11.26 -2.96
C PHE A 377 -0.44 -11.73 -3.39
N LYS A 378 0.19 -11.07 -4.36
CA LYS A 378 1.54 -11.43 -4.77
C LYS A 378 2.53 -10.98 -3.70
N CYS A 379 3.25 -11.93 -3.11
CA CYS A 379 4.13 -11.65 -1.99
C CYS A 379 5.55 -12.06 -2.30
N TYR A 380 6.50 -11.26 -1.78
CA TYR A 380 7.93 -11.45 -2.03
C TYR A 380 8.62 -11.66 -0.69
N GLY A 381 9.27 -12.81 -0.54
CA GLY A 381 10.02 -13.14 0.66
C GLY A 381 9.22 -13.85 1.73
N VAL A 382 7.89 -13.82 1.65
CA VAL A 382 7.03 -14.48 2.62
C VAL A 382 6.07 -15.41 1.86
N SER A 383 5.49 -16.34 2.60
CA SER A 383 4.54 -17.31 2.05
C SER A 383 3.29 -17.34 2.91
N PRO A 384 2.12 -17.53 2.29
CA PRO A 384 0.87 -17.64 3.08
C PRO A 384 0.88 -18.79 4.07
N THR A 385 1.51 -19.91 3.71
CA THR A 385 1.57 -21.04 4.63
C THR A 385 2.53 -20.78 5.79
N LYS A 386 3.62 -20.06 5.54
CA LYS A 386 4.62 -19.78 6.57
C LYS A 386 4.37 -18.47 7.31
N LEU A 387 3.32 -17.72 6.94
CA LEU A 387 3.03 -16.47 7.62
C LEU A 387 2.57 -16.67 9.05
N ASN A 388 2.06 -17.85 9.39
CA ASN A 388 1.61 -18.16 10.74
C ASN A 388 2.67 -18.86 11.57
N ASP A 389 3.88 -19.01 11.04
CA ASP A 389 4.98 -19.68 11.74
C ASP A 389 6.07 -18.72 12.18
N LEU A 390 6.57 -17.93 11.24
CA LEU A 390 7.60 -16.95 11.57
C LEU A 390 7.01 -15.58 11.87
N CYS A 391 7.77 -14.75 12.57
CA CYS A 391 7.33 -13.40 12.89
C CYS A 391 8.51 -12.45 12.86
N PHE A 392 8.23 -11.17 13.06
CA PHE A 392 9.19 -10.10 12.89
C PHE A 392 9.12 -9.16 14.10
N THR A 393 9.99 -8.15 14.11
CA THR A 393 10.03 -7.22 15.23
C THR A 393 8.79 -6.34 15.27
N ASN A 394 8.35 -5.83 14.12
CA ASN A 394 7.19 -4.95 14.06
C ASN A 394 6.51 -5.09 12.71
N VAL A 395 5.24 -4.70 12.67
CA VAL A 395 4.41 -4.75 11.48
C VAL A 395 3.90 -3.35 11.19
N TYR A 396 4.12 -2.88 9.97
CA TYR A 396 3.70 -1.55 9.55
C TYR A 396 2.54 -1.66 8.57
N ALA A 397 1.58 -0.74 8.69
CA ALA A 397 0.40 -0.70 7.84
C ALA A 397 0.32 0.64 7.14
N ASP A 398 0.21 0.61 5.82
CA ASP A 398 0.09 1.81 5.00
C ASP A 398 -1.15 1.70 4.14
N SER A 399 -2.01 2.71 4.21
CA SER A 399 -3.31 2.69 3.56
C SER A 399 -3.45 3.86 2.61
N PHE A 400 -3.86 3.58 1.37
CA PHE A 400 -4.17 4.61 0.38
C PHE A 400 -5.08 4.00 -0.68
N VAL A 401 -5.55 4.86 -1.58
CA VAL A 401 -6.42 4.45 -2.68
C VAL A 401 -5.70 4.74 -3.99
N ILE A 402 -5.75 3.78 -4.91
CA ILE A 402 -5.05 3.90 -6.19
C ILE A 402 -5.70 2.96 -7.19
N ARG A 403 -5.48 3.22 -8.47
CA ARG A 403 -6.09 2.44 -9.54
C ARG A 403 -5.38 1.10 -9.72
N GLY A 404 -6.04 0.18 -10.44
CA GLY A 404 -5.49 -1.15 -10.61
C GLY A 404 -4.20 -1.17 -11.40
N ASP A 405 -4.12 -0.38 -12.48
CA ASP A 405 -2.88 -0.24 -13.22
C ASP A 405 -1.79 0.39 -12.38
N GLU A 406 -2.16 1.15 -11.35
CA GLU A 406 -1.21 1.61 -10.35
C GLU A 406 -1.14 0.70 -9.13
N VAL A 407 -2.13 -0.18 -8.95
CA VAL A 407 -2.00 -1.24 -7.94
C VAL A 407 -0.86 -2.18 -8.31
N ARG A 408 -0.79 -2.57 -9.59
CA ARG A 408 0.32 -3.41 -10.03
C ARG A 408 1.64 -2.64 -10.06
N GLN A 409 1.60 -1.32 -10.00
CA GLN A 409 2.80 -0.49 -9.94
C GLN A 409 3.38 -0.38 -8.54
N ILE A 410 2.67 -0.87 -7.52
CA ILE A 410 3.18 -0.81 -6.15
C ILE A 410 4.40 -1.71 -5.96
N ALA A 411 4.57 -2.71 -6.83
CA ALA A 411 5.67 -3.66 -6.72
C ALA A 411 7.01 -2.93 -6.82
N PRO A 412 8.02 -3.39 -6.06
CA PRO A 412 9.31 -2.66 -6.01
C PRO A 412 10.02 -2.56 -7.35
N GLY A 413 9.88 -3.56 -8.21
CA GLY A 413 10.54 -3.52 -9.51
C GLY A 413 9.75 -2.81 -10.58
N GLN A 414 9.24 -1.62 -10.26
CA GLN A 414 8.45 -0.84 -11.20
C GLN A 414 8.89 0.62 -11.15
N THR A 415 8.70 1.31 -12.28
CA THR A 415 8.93 2.74 -12.38
C THR A 415 7.67 3.41 -12.89
N GLY A 416 7.59 4.72 -12.71
CA GLY A 416 6.48 5.50 -13.21
C GLY A 416 6.20 6.68 -12.31
N LYS A 417 5.03 7.30 -12.54
CA LYS A 417 4.62 8.45 -11.75
C LYS A 417 4.30 8.09 -10.30
N ILE A 418 3.96 6.84 -10.04
CA ILE A 418 3.66 6.35 -8.70
C ILE A 418 4.84 5.58 -8.12
N ALA A 419 5.41 4.67 -8.91
CA ALA A 419 6.48 3.80 -8.45
C ALA A 419 7.84 4.49 -8.40
N ASP A 420 7.92 5.78 -8.68
CA ASP A 420 9.15 6.54 -8.54
C ASP A 420 8.99 7.89 -7.86
N TYR A 421 7.78 8.45 -7.78
CA TYR A 421 7.57 9.77 -7.20
C TYR A 421 6.70 9.78 -5.94
N ASN A 422 5.87 8.76 -5.74
CA ASN A 422 4.95 8.73 -4.60
C ASN A 422 5.35 7.69 -3.56
N TYR A 423 5.51 6.42 -3.97
CA TYR A 423 5.88 5.35 -3.05
C TYR A 423 7.01 4.54 -3.66
N LYS A 424 8.06 4.29 -2.88
CA LYS A 424 9.19 3.48 -3.28
C LYS A 424 9.37 2.34 -2.29
N LEU A 425 9.50 1.12 -2.80
CA LEU A 425 9.80 -0.04 -1.98
C LEU A 425 11.20 -0.54 -2.31
N PRO A 426 11.97 -0.98 -1.32
CA PRO A 426 13.31 -1.50 -1.60
C PRO A 426 13.26 -2.85 -2.29
N ASP A 427 14.39 -3.22 -2.90
CA ASP A 427 14.49 -4.50 -3.58
C ASP A 427 14.42 -5.67 -2.59
N ASP A 428 14.83 -5.45 -1.35
CA ASP A 428 14.75 -6.47 -0.30
C ASP A 428 13.53 -6.28 0.59
N PHE A 429 12.42 -5.83 0.02
CA PHE A 429 11.20 -5.61 0.80
C PHE A 429 10.62 -6.93 1.29
N THR A 430 10.19 -6.95 2.55
CA THR A 430 9.62 -8.12 3.17
C THR A 430 8.13 -7.91 3.37
N GLY A 431 7.33 -8.87 2.91
CA GLY A 431 5.89 -8.76 2.98
C GLY A 431 5.27 -8.46 1.63
N CYS A 432 4.03 -7.99 1.67
CA CYS A 432 3.27 -7.69 0.46
C CYS A 432 2.15 -6.72 0.81
N VAL A 433 1.47 -6.25 -0.24
CA VAL A 433 0.38 -5.31 -0.10
C VAL A 433 -0.94 -6.05 -0.31
N ILE A 434 -2.04 -5.42 0.09
CA ILE A 434 -3.38 -6.00 -0.06
C ILE A 434 -4.26 -4.93 -0.70
N ALA A 435 -4.89 -5.28 -1.82
CA ALA A 435 -5.79 -4.39 -2.53
C ALA A 435 -7.09 -5.11 -2.84
N TRP A 436 -8.18 -4.35 -2.87
CA TRP A 436 -9.49 -4.90 -3.17
C TRP A 436 -10.34 -3.84 -3.86
N ASN A 437 -11.39 -4.31 -4.54
CA ASN A 437 -12.27 -3.41 -5.26
C ASN A 437 -13.08 -2.55 -4.30
N SER A 438 -13.17 -1.26 -4.62
CA SER A 438 -13.90 -0.28 -3.82
C SER A 438 -14.78 0.58 -4.71
N ASN A 439 -15.54 -0.07 -5.60
CA ASN A 439 -16.40 0.67 -6.52
C ASN A 439 -17.56 1.33 -5.80
N ASN A 440 -18.06 0.72 -4.72
CA ASN A 440 -19.20 1.29 -3.99
C ASN A 440 -18.82 2.61 -3.32
N LEU A 441 -17.63 2.68 -2.72
CA LEU A 441 -17.15 3.89 -2.06
C LEU A 441 -16.24 4.67 -3.01
N ASP A 442 -15.70 5.77 -2.48
CA ASP A 442 -14.72 6.62 -3.19
C ASP A 442 -15.28 7.15 -4.51
N SER A 443 -16.58 7.37 -4.58
CA SER A 443 -17.21 7.84 -5.81
C SER A 443 -18.51 8.54 -5.48
N LYS A 444 -18.78 9.62 -6.20
CA LYS A 444 -20.01 10.40 -6.07
C LYS A 444 -20.77 10.37 -7.39
N VAL A 445 -21.82 11.18 -7.49
CA VAL A 445 -22.56 11.32 -8.74
C VAL A 445 -21.66 11.93 -9.81
N GLY A 446 -20.92 12.96 -9.44
CA GLY A 446 -19.93 13.57 -10.32
C GLY A 446 -18.54 13.03 -10.07
N GLY A 447 -17.54 13.80 -10.49
CA GLY A 447 -16.17 13.40 -10.27
C GLY A 447 -15.77 13.55 -8.81
N ASN A 448 -15.08 12.53 -8.30
CA ASN A 448 -14.62 12.53 -6.90
C ASN A 448 -13.18 13.02 -6.88
N TYR A 449 -13.02 14.33 -6.67
CA TYR A 449 -11.72 14.97 -6.68
C TYR A 449 -11.10 15.09 -5.28
N ASN A 450 -11.43 14.16 -4.39
CA ASN A 450 -10.96 14.24 -3.00
C ASN A 450 -9.59 13.59 -2.80
N TYR A 451 -9.01 12.97 -3.82
CA TYR A 451 -7.73 12.29 -3.69
C TYR A 451 -6.78 12.76 -4.80
N LEU A 452 -5.53 13.00 -4.41
CA LEU A 452 -4.53 13.57 -5.31
C LEU A 452 -3.27 12.71 -5.28
N TYR A 453 -2.35 13.00 -6.19
CA TYR A 453 -1.09 12.26 -6.26
C TYR A 453 -0.02 13.17 -6.86
N ARG A 454 1.23 12.85 -6.56
CA ARG A 454 2.36 13.63 -7.06
C ARG A 454 2.57 13.37 -8.55
N LEU A 455 2.84 14.43 -9.30
CA LEU A 455 3.06 14.33 -10.74
C LEU A 455 4.44 14.80 -11.18
N PHE A 456 4.98 15.84 -10.56
CA PHE A 456 6.26 16.42 -10.96
C PHE A 456 7.25 16.35 -9.81
N ARG A 457 8.44 15.82 -10.09
CA ARG A 457 9.51 15.74 -9.11
C ARG A 457 10.84 15.70 -9.85
N LYS A 458 11.81 16.46 -9.34
CA LYS A 458 13.11 16.57 -10.00
C LYS A 458 14.08 15.46 -9.61
N SER A 459 13.78 14.68 -8.57
CA SER A 459 14.70 13.66 -8.10
C SER A 459 13.92 12.38 -7.77
N ASN A 460 14.63 11.26 -7.81
CA ASN A 460 14.04 9.97 -7.49
C ASN A 460 13.81 9.86 -5.98
N LEU A 461 12.64 9.36 -5.61
CA LEU A 461 12.28 9.23 -4.21
C LEU A 461 13.04 8.07 -3.56
N LYS A 462 13.40 8.26 -2.28
CA LYS A 462 14.05 7.21 -1.52
C LYS A 462 13.04 6.15 -1.08
N PRO A 463 13.49 4.91 -0.88
CA PRO A 463 12.57 3.87 -0.39
C PRO A 463 12.02 4.19 0.99
N PHE A 464 10.75 3.83 1.19
CA PHE A 464 10.03 4.04 2.45
C PHE A 464 10.05 5.51 2.88
N GLU A 465 9.84 6.40 1.92
CA GLU A 465 9.81 7.84 2.16
C GLU A 465 8.51 8.41 1.61
N ARG A 466 7.92 9.34 2.37
CA ARG A 466 6.69 10.02 1.97
C ARG A 466 6.96 11.53 1.94
N ASP A 467 6.51 12.19 0.87
CA ASP A 467 6.74 13.61 0.67
C ASP A 467 5.39 14.33 0.58
N ILE A 468 5.26 15.42 1.33
CA ILE A 468 4.11 16.32 1.22
C ILE A 468 4.67 17.72 1.01
N SER A 469 4.81 18.12 -0.25
CA SER A 469 5.36 19.42 -0.61
C SER A 469 4.34 20.18 -1.44
N THR A 470 4.05 21.41 -1.03
CA THR A 470 3.11 22.28 -1.73
C THR A 470 3.81 23.39 -2.51
N GLU A 471 5.13 23.29 -2.68
CA GLU A 471 5.87 24.30 -3.42
C GLU A 471 5.53 24.25 -4.90
N ILE A 472 5.55 25.42 -5.54
CA ILE A 472 5.25 25.51 -6.96
C ILE A 472 6.40 24.88 -7.75
N TYR A 473 6.06 23.90 -8.59
CA TYR A 473 7.05 23.25 -9.43
C TYR A 473 7.41 24.15 -10.60
N GLN A 474 8.70 24.14 -10.96
CA GLN A 474 9.19 24.96 -12.06
C GLN A 474 9.97 24.08 -13.03
N ALA A 475 9.96 24.48 -14.30
CA ALA A 475 10.67 23.75 -15.34
C ALA A 475 11.57 24.68 -16.14
N GLY A 476 11.21 25.96 -16.21
CA GLY A 476 12.01 26.92 -16.95
C GLY A 476 13.23 27.39 -16.19
N SER A 477 14.09 28.12 -16.90
CA SER A 477 15.31 28.64 -16.28
C SER A 477 15.01 29.76 -15.29
N THR A 478 13.99 30.57 -15.58
CA THR A 478 13.65 31.66 -14.68
C THR A 478 13.04 31.12 -13.38
N PRO A 479 13.40 31.68 -12.23
CA PRO A 479 12.81 31.22 -10.97
C PRO A 479 11.32 31.57 -10.89
N CYS A 480 10.59 30.74 -10.17
CA CYS A 480 9.15 30.92 -9.97
C CYS A 480 8.89 31.32 -8.53
N ASN A 481 8.30 32.49 -8.34
CA ASN A 481 7.97 33.00 -7.01
C ASN A 481 6.55 32.63 -6.60
N GLY A 482 6.21 31.35 -6.72
CA GLY A 482 4.90 30.88 -6.32
C GLY A 482 3.77 31.27 -7.24
N VAL A 483 4.07 31.69 -8.46
CA VAL A 483 3.05 32.10 -9.40
C VAL A 483 2.60 30.89 -10.22
N GLU A 484 1.45 31.03 -10.87
CA GLU A 484 0.87 29.97 -11.69
C GLU A 484 0.94 30.31 -13.18
N GLY A 485 2.04 30.91 -13.61
CA GLY A 485 2.23 31.28 -14.99
C GLY A 485 2.75 30.12 -15.83
N PHE A 486 3.37 30.47 -16.95
CA PHE A 486 3.92 29.46 -17.84
C PHE A 486 5.09 28.75 -17.19
N ASN A 487 5.19 27.44 -17.44
CA ASN A 487 6.22 26.57 -16.87
C ASN A 487 6.20 26.58 -15.34
N CYS A 488 5.02 26.78 -14.75
CA CYS A 488 4.86 26.80 -13.30
C CYS A 488 3.51 26.17 -12.98
N TYR A 489 3.53 24.91 -12.54
CA TYR A 489 2.32 24.15 -12.29
C TYR A 489 2.43 23.46 -10.93
N PHE A 490 1.27 23.18 -10.36
CA PHE A 490 1.22 22.49 -9.07
C PHE A 490 1.64 21.03 -9.24
N PRO A 491 2.55 20.51 -8.41
CA PRO A 491 2.94 19.10 -8.53
C PRO A 491 1.80 18.12 -8.29
N LEU A 492 0.84 18.47 -7.44
CA LEU A 492 -0.28 17.58 -7.15
C LEU A 492 -1.31 17.63 -8.28
N GLN A 493 -1.81 16.47 -8.67
CA GLN A 493 -2.82 16.35 -9.72
C GLN A 493 -4.03 15.61 -9.16
N SER A 494 -5.22 16.13 -9.42
CA SER A 494 -6.43 15.54 -8.91
C SER A 494 -6.77 14.25 -9.68
N TYR A 495 -7.54 13.39 -9.04
CA TYR A 495 -7.96 12.12 -9.62
C TYR A 495 -9.45 12.17 -9.94
N GLY A 496 -9.80 11.74 -11.15
CA GLY A 496 -11.19 11.63 -11.53
C GLY A 496 -11.75 10.25 -11.28
N PHE A 497 -12.48 10.09 -10.19
CA PHE A 497 -13.03 8.79 -9.81
C PHE A 497 -14.51 8.70 -10.19
N GLN A 498 -14.77 8.79 -11.49
CA GLN A 498 -16.14 8.67 -11.99
C GLN A 498 -16.60 7.21 -11.97
N PRO A 499 -17.89 6.97 -11.72
CA PRO A 499 -18.40 5.59 -11.73
C PRO A 499 -18.45 4.95 -13.10
N THR A 500 -18.31 5.73 -14.18
CA THR A 500 -18.39 5.21 -15.53
C THR A 500 -17.05 4.75 -16.09
N ASN A 501 -16.00 4.78 -15.28
CA ASN A 501 -14.68 4.35 -15.75
C ASN A 501 -14.60 2.84 -15.84
N GLY A 502 -13.49 2.36 -16.41
CA GLY A 502 -13.28 0.95 -16.61
C GLY A 502 -12.86 0.23 -15.34
N VAL A 503 -12.64 -1.08 -15.49
CA VAL A 503 -12.22 -1.91 -14.36
C VAL A 503 -10.84 -1.51 -13.88
N GLY A 504 -9.90 -1.32 -14.82
CA GLY A 504 -8.56 -0.92 -14.45
C GLY A 504 -8.44 0.51 -13.94
N TYR A 505 -9.39 1.37 -14.30
CA TYR A 505 -9.39 2.75 -13.84
C TYR A 505 -10.21 2.95 -12.56
N GLN A 506 -10.81 1.89 -12.04
CA GLN A 506 -11.58 2.01 -10.81
C GLN A 506 -10.65 2.26 -9.62
N PRO A 507 -11.11 3.03 -8.63
CA PRO A 507 -10.28 3.29 -7.44
C PRO A 507 -10.30 2.08 -6.51
N TYR A 508 -9.12 1.53 -6.24
CA TYR A 508 -8.99 0.35 -5.40
C TYR A 508 -8.31 0.73 -4.08
N ARG A 509 -8.91 0.31 -2.98
CA ARG A 509 -8.33 0.55 -1.66
C ARG A 509 -7.15 -0.38 -1.44
N VAL A 510 -5.99 0.19 -1.11
CA VAL A 510 -4.75 -0.55 -1.00
C VAL A 510 -4.24 -0.44 0.43
N VAL A 511 -3.92 -1.60 1.03
CA VAL A 511 -3.29 -1.66 2.34
C VAL A 511 -1.94 -2.34 2.18
N VAL A 512 -0.89 -1.67 2.64
CA VAL A 512 0.49 -2.13 2.47
C VAL A 512 0.98 -2.63 3.81
N LEU A 513 1.41 -3.89 3.85
CA LEU A 513 2.00 -4.49 5.05
C LEU A 513 3.50 -4.61 4.86
N SER A 514 4.25 -3.89 5.69
CA SER A 514 5.71 -3.88 5.61
C SER A 514 6.26 -4.57 6.86
N PHE A 515 6.85 -5.75 6.68
CA PHE A 515 7.42 -6.50 7.78
C PHE A 515 8.89 -6.19 7.93
N GLU A 516 9.31 -5.87 9.16
CA GLU A 516 10.71 -5.57 9.46
C GLU A 516 11.15 -6.38 10.66
N LEU A 517 12.26 -7.10 10.50
CA LEU A 517 12.80 -7.98 11.54
C LEU A 517 14.20 -7.50 11.91
N LEU A 518 14.33 -6.95 13.11
CA LEU A 518 15.61 -6.51 13.64
C LEU A 518 16.11 -7.53 14.67
N HIS A 519 17.20 -7.19 15.35
CA HIS A 519 17.72 -8.03 16.43
C HIS A 519 16.97 -7.83 17.74
N ALA A 520 16.06 -6.86 17.81
CA ALA A 520 15.27 -6.65 19.00
C ALA A 520 14.27 -7.80 19.19
N PRO A 521 13.88 -8.09 20.43
CA PRO A 521 12.87 -9.13 20.66
C PRO A 521 11.55 -8.80 19.98
N ALA A 522 10.89 -9.83 19.46
CA ALA A 522 9.63 -9.65 18.74
C ALA A 522 8.49 -9.45 19.74
N THR A 523 7.66 -8.44 19.47
CA THR A 523 6.50 -8.15 20.30
C THR A 523 5.19 -8.63 19.71
N VAL A 524 5.19 -9.05 18.44
CA VAL A 524 4.00 -9.57 17.77
C VAL A 524 4.40 -10.83 17.00
N CYS A 525 3.62 -11.90 17.19
CA CYS A 525 3.87 -13.16 16.50
C CYS A 525 2.55 -13.83 16.18
N GLY A 526 2.60 -14.81 15.29
CA GLY A 526 1.43 -15.51 14.82
C GLY A 526 0.81 -16.38 15.89
N PRO A 527 -0.46 -16.78 15.68
CA PRO A 527 -1.18 -17.57 16.68
C PRO A 527 -0.79 -19.04 16.63
N LYS A 528 -0.07 -19.49 17.65
CA LYS A 528 0.34 -20.89 17.76
C LYS A 528 0.24 -21.31 19.23
N LYS A 529 0.25 -22.62 19.45
CA LYS A 529 0.15 -23.16 20.80
C LYS A 529 1.45 -22.96 21.56
N SER A 530 1.43 -23.27 22.85
CA SER A 530 2.60 -23.17 23.71
C SER A 530 2.66 -24.42 24.58
N THR A 531 3.68 -25.24 24.38
CA THR A 531 3.85 -26.47 25.12
C THR A 531 4.80 -26.27 26.30
N ASN A 532 5.07 -27.35 27.01
CA ASN A 532 5.95 -27.30 28.18
C ASN A 532 7.42 -27.37 27.74
N LEU A 533 8.31 -27.37 28.73
CA LEU A 533 9.75 -27.39 28.50
C LEU A 533 10.34 -28.71 28.99
N VAL A 534 11.24 -29.29 28.20
CA VAL A 534 11.89 -30.56 28.53
C VAL A 534 13.40 -30.34 28.48
N LYS A 535 14.10 -30.86 29.48
CA LYS A 535 15.53 -30.63 29.64
C LYS A 535 16.30 -31.94 29.48
N ASN A 536 17.56 -31.79 29.02
CA ASN A 536 18.53 -32.88 28.92
C ASN A 536 18.04 -34.01 28.01
N LYS A 537 17.36 -33.65 26.93
CA LYS A 537 16.90 -34.61 25.94
C LYS A 537 17.03 -34.03 24.54
N CYS A 538 17.31 -34.91 23.58
CA CYS A 538 17.35 -34.53 22.17
C CYS A 538 15.91 -34.34 21.70
N VAL A 539 15.45 -33.09 21.68
CA VAL A 539 14.06 -32.77 21.41
C VAL A 539 14.00 -31.72 20.31
N ASN A 540 12.85 -31.63 19.65
CA ASN A 540 12.62 -30.64 18.61
C ASN A 540 12.09 -29.37 19.26
N PHE A 541 12.82 -28.28 19.12
CA PHE A 541 12.48 -27.01 19.75
C PHE A 541 12.02 -26.02 18.69
N ASN A 542 11.02 -25.21 19.04
CA ASN A 542 10.48 -24.18 18.15
C ASN A 542 10.44 -22.87 18.94
N PHE A 543 11.50 -22.08 18.81
CA PHE A 543 11.66 -20.83 19.56
C PHE A 543 11.55 -19.65 18.59
N ASN A 544 10.47 -18.88 18.73
CA ASN A 544 10.26 -17.62 18.00
C ASN A 544 10.30 -17.81 16.49
N GLY A 545 9.67 -18.88 16.01
CA GLY A 545 9.50 -19.10 14.59
C GLY A 545 10.50 -20.01 13.93
N LEU A 546 11.61 -20.26 14.62
CA LEU A 546 12.64 -21.15 14.08
C LEU A 546 12.54 -22.51 14.74
N THR A 547 12.74 -23.57 13.95
CA THR A 547 12.67 -24.91 14.51
C THR A 547 13.93 -25.69 14.19
N GLY A 548 14.18 -26.73 14.95
CA GLY A 548 15.37 -27.54 14.75
C GLY A 548 15.47 -28.61 15.80
N THR A 549 16.62 -29.29 15.82
CA THR A 549 16.91 -30.34 16.77
C THR A 549 18.05 -29.92 17.69
N GLY A 550 17.87 -30.16 18.98
CA GLY A 550 18.89 -29.80 19.95
C GLY A 550 18.50 -30.25 21.33
N VAL A 551 19.39 -29.98 22.29
CA VAL A 551 19.19 -30.32 23.69
C VAL A 551 19.17 -29.03 24.49
N LEU A 552 18.15 -28.88 25.34
CA LEU A 552 18.00 -27.70 26.17
C LEU A 552 18.71 -27.92 27.50
N THR A 553 19.66 -27.04 27.82
CA THR A 553 20.42 -27.13 29.06
C THR A 553 20.52 -25.73 29.67
N GLU A 554 20.80 -25.69 30.97
CA GLU A 554 20.96 -24.42 31.66
C GLU A 554 22.28 -23.76 31.24
N SER A 555 22.25 -22.43 31.16
CA SER A 555 23.42 -21.66 30.75
C SER A 555 23.71 -20.57 31.79
N ASN A 556 25.00 -20.31 31.99
CA ASN A 556 25.45 -19.28 32.92
C ASN A 556 25.77 -17.97 32.24
N LYS A 557 25.54 -17.86 30.93
CA LYS A 557 25.87 -16.65 30.20
C LYS A 557 24.90 -15.52 30.53
N LYS A 558 25.42 -14.30 30.52
CA LYS A 558 24.62 -13.09 30.72
C LYS A 558 24.44 -12.39 29.38
N PHE A 559 23.20 -12.03 29.06
CA PHE A 559 22.85 -11.50 27.75
C PHE A 559 22.26 -10.11 27.90
N LEU A 560 22.67 -9.20 27.02
CA LEU A 560 22.14 -7.84 27.02
C LEU A 560 20.67 -7.85 26.58
N PRO A 561 19.86 -6.93 27.13
CA PRO A 561 18.40 -7.06 26.96
C PRO A 561 17.89 -6.96 25.53
N PHE A 562 18.49 -6.12 24.69
CA PHE A 562 17.95 -5.90 23.35
C PHE A 562 18.55 -6.85 22.30
N GLN A 563 19.07 -7.99 22.72
CA GLN A 563 19.52 -9.04 21.81
C GLN A 563 18.92 -10.35 22.28
N GLN A 564 18.40 -11.14 21.33
CA GLN A 564 17.68 -12.36 21.66
C GLN A 564 18.46 -13.62 21.35
N PHE A 565 19.15 -13.70 20.23
CA PHE A 565 19.81 -14.91 19.79
C PHE A 565 21.31 -14.67 19.60
N GLY A 566 22.10 -15.67 19.96
CA GLY A 566 23.54 -15.61 19.79
C GLY A 566 24.06 -16.75 18.92
N ARG A 567 25.22 -16.56 18.31
CA ARG A 567 25.80 -17.54 17.41
C ARG A 567 27.28 -17.75 17.74
N ASP A 568 27.77 -18.95 17.43
CA ASP A 568 29.16 -19.30 17.67
C ASP A 568 30.01 -18.88 16.47
N ILE A 569 31.26 -19.38 16.43
CA ILE A 569 32.15 -19.07 15.32
C ILE A 569 31.62 -19.66 14.01
N ALA A 570 31.00 -20.83 14.08
CA ALA A 570 30.48 -21.52 12.90
C ALA A 570 29.13 -20.99 12.44
N ASP A 571 28.67 -19.86 13.01
CA ASP A 571 27.41 -19.21 12.63
C ASP A 571 26.22 -20.14 12.80
N THR A 572 26.20 -20.90 13.89
CA THR A 572 25.11 -21.79 14.24
C THR A 572 24.39 -21.26 15.48
N THR A 573 23.07 -21.39 15.48
CA THR A 573 22.28 -20.94 16.63
C THR A 573 22.54 -21.84 17.82
N ASP A 574 22.96 -21.25 18.95
CA ASP A 574 23.27 -22.02 20.14
C ASP A 574 22.77 -21.35 21.41
N ALA A 575 21.80 -20.45 21.31
CA ALA A 575 21.27 -19.76 22.49
C ALA A 575 19.88 -19.26 22.18
N VAL A 576 18.94 -19.49 23.11
CA VAL A 576 17.60 -18.96 23.02
C VAL A 576 17.29 -18.18 24.30
N ARG A 577 16.42 -17.19 24.17
CA ARG A 577 16.13 -16.31 25.30
C ARG A 577 15.01 -16.84 26.19
N ASP A 578 13.97 -17.44 25.58
CA ASP A 578 12.81 -18.01 26.26
C ASP A 578 12.11 -16.97 27.10
N PRO A 579 11.42 -16.00 26.50
CA PRO A 579 10.81 -14.90 27.28
C PRO A 579 9.72 -15.35 28.24
N GLN A 580 9.13 -16.54 28.04
CA GLN A 580 8.10 -17.02 28.95
C GLN A 580 8.66 -17.28 30.35
N THR A 581 9.85 -17.88 30.43
CA THR A 581 10.47 -18.22 31.70
C THR A 581 11.66 -17.33 32.05
N LEU A 582 12.12 -16.49 31.11
CA LEU A 582 13.26 -15.58 31.31
C LEU A 582 14.52 -16.34 31.72
N GLU A 583 14.72 -17.52 31.14
CA GLU A 583 15.88 -18.35 31.39
C GLU A 583 16.60 -18.64 30.08
N ILE A 584 17.92 -18.54 30.10
CA ILE A 584 18.74 -18.73 28.91
C ILE A 584 19.08 -20.21 28.77
N LEU A 585 18.74 -20.79 27.62
CA LEU A 585 19.04 -22.19 27.32
C LEU A 585 19.96 -22.24 26.12
N ASP A 586 21.06 -22.98 26.25
CA ASP A 586 22.05 -23.12 25.17
C ASP A 586 21.68 -24.37 24.38
N ILE A 587 21.63 -24.23 23.05
CA ILE A 587 21.32 -25.37 22.20
C ILE A 587 22.53 -26.28 22.13
N THR A 588 22.36 -27.52 22.57
CA THR A 588 23.42 -28.52 22.54
C THR A 588 23.18 -29.47 21.39
N PRO A 589 24.09 -29.55 20.42
CA PRO A 589 23.91 -30.50 19.30
C PRO A 589 23.91 -31.93 19.80
N CYS A 590 22.96 -32.73 19.30
CA CYS A 590 22.87 -34.13 19.71
C CYS A 590 24.03 -34.94 19.17
N SER A 591 24.51 -34.63 17.97
CA SER A 591 25.67 -35.30 17.39
C SER A 591 26.34 -34.33 16.45
N PHE A 592 27.59 -33.95 16.75
CA PHE A 592 28.33 -33.01 15.92
C PHE A 592 28.90 -33.64 14.66
N GLY A 593 28.84 -34.97 14.53
CA GLY A 593 29.35 -35.61 13.33
C GLY A 593 30.86 -35.67 13.31
N GLY A 594 31.42 -35.58 12.11
CA GLY A 594 32.87 -35.64 11.94
C GLY A 594 33.47 -36.97 12.33
N VAL A 595 32.90 -38.08 11.87
CA VAL A 595 33.38 -39.42 12.18
C VAL A 595 33.52 -40.19 10.86
N SER A 596 34.73 -40.66 10.57
CA SER A 596 34.97 -41.40 9.34
C SER A 596 34.54 -42.85 9.49
N VAL A 597 33.87 -43.36 8.46
CA VAL A 597 33.45 -44.75 8.38
C VAL A 597 34.08 -45.37 7.15
N ILE A 598 34.83 -46.45 7.34
CA ILE A 598 35.53 -47.12 6.25
C ILE A 598 34.83 -48.45 5.99
N THR A 599 34.40 -48.64 4.75
CA THR A 599 33.71 -49.85 4.34
C THR A 599 34.47 -50.51 3.18
N PRO A 600 34.97 -51.74 3.35
CA PRO A 600 35.65 -52.41 2.23
C PRO A 600 34.72 -52.73 1.06
N GLY A 601 33.41 -52.77 1.28
CA GLY A 601 32.48 -53.08 0.21
C GLY A 601 31.30 -53.89 0.71
N THR A 602 30.09 -53.50 0.32
CA THR A 602 28.89 -54.21 0.75
C THR A 602 28.85 -55.62 0.16
N ASN A 603 29.31 -55.78 -1.08
CA ASN A 603 29.33 -57.10 -1.71
C ASN A 603 30.36 -58.01 -1.06
N THR A 604 31.41 -57.45 -0.47
CA THR A 604 32.46 -58.27 0.12
C THR A 604 32.07 -58.76 1.51
N SER A 605 31.85 -57.84 2.45
CA SER A 605 31.50 -58.22 3.81
C SER A 605 30.79 -57.05 4.47
N ASN A 606 30.08 -57.35 5.57
CA ASN A 606 29.35 -56.35 6.31
C ASN A 606 30.18 -55.68 7.40
N GLN A 607 31.40 -56.16 7.65
CA GLN A 607 32.26 -55.55 8.66
C GLN A 607 32.80 -54.22 8.16
N VAL A 608 32.75 -53.20 9.02
CA VAL A 608 33.18 -51.86 8.67
C VAL A 608 34.15 -51.35 9.73
N ALA A 609 34.93 -50.35 9.36
CA ALA A 609 35.88 -49.69 10.24
C ALA A 609 35.42 -48.26 10.47
N VAL A 610 35.44 -47.83 11.74
CA VAL A 610 34.96 -46.51 12.13
C VAL A 610 36.11 -45.73 12.72
N LEU A 611 36.39 -44.55 12.17
CA LEU A 611 37.47 -43.70 12.61
C LEU A 611 36.91 -42.37 13.11
N TYR A 612 37.33 -41.96 14.30
CA TYR A 612 36.85 -40.74 14.94
C TYR A 612 37.94 -39.68 14.84
N GLN A 613 37.61 -38.53 14.23
CA GLN A 613 38.63 -37.51 13.97
C GLN A 613 38.96 -36.73 15.24
N ASP A 614 37.97 -36.05 15.82
CA ASP A 614 38.18 -35.17 16.96
C ASP A 614 38.20 -35.90 18.29
N VAL A 615 38.37 -37.22 18.29
CA VAL A 615 38.39 -38.02 19.51
C VAL A 615 39.78 -38.63 19.65
N ASN A 616 40.40 -38.40 20.81
CA ASN A 616 41.74 -38.90 21.10
C ASN A 616 41.63 -40.08 22.06
N CYS A 617 42.18 -41.22 21.66
CA CYS A 617 42.13 -42.42 22.48
C CYS A 617 43.41 -42.57 23.30
N TRP A 633 31.87 -42.60 27.26
CA TRP A 633 32.83 -42.21 26.24
C TRP A 633 32.07 -42.03 24.92
N ARG A 634 32.50 -41.06 24.10
CA ARG A 634 31.72 -40.61 22.95
C ARG A 634 32.00 -41.51 21.74
N VAL A 635 31.51 -42.75 21.83
CA VAL A 635 31.53 -43.69 20.72
C VAL A 635 30.19 -44.41 20.67
N TYR A 636 29.89 -44.99 19.51
CA TYR A 636 28.75 -45.89 19.41
C TYR A 636 28.97 -47.14 20.25
N SER A 637 30.18 -47.70 20.18
CA SER A 637 30.55 -48.86 20.97
C SER A 637 32.07 -48.90 21.06
N THR A 638 32.58 -49.38 22.19
CA THR A 638 34.03 -49.48 22.36
C THR A 638 34.62 -50.54 21.42
N GLY A 639 33.94 -51.67 21.26
CA GLY A 639 34.42 -52.70 20.35
C GLY A 639 35.74 -53.31 20.81
N SER A 640 36.65 -53.48 19.86
CA SER A 640 37.97 -54.03 20.14
C SER A 640 38.94 -53.51 19.07
N ASN A 641 40.22 -53.85 19.26
CA ASN A 641 41.30 -53.45 18.36
C ASN A 641 41.36 -51.93 18.19
N VAL A 642 41.30 -51.22 19.32
CA VAL A 642 41.31 -49.76 19.30
C VAL A 642 42.72 -49.27 18.98
N PHE A 643 42.85 -48.48 17.92
CA PHE A 643 44.13 -47.93 17.49
C PHE A 643 44.01 -46.42 17.39
N GLN A 644 45.04 -45.72 17.87
CA GLN A 644 45.08 -44.26 17.86
C GLN A 644 46.13 -43.79 16.85
N THR A 645 45.71 -42.98 15.90
CA THR A 645 46.58 -42.38 14.90
C THR A 645 46.62 -40.87 15.10
N ARG A 646 47.46 -40.20 14.29
CA ARG A 646 47.53 -38.74 14.34
C ARG A 646 46.24 -38.11 13.82
N ALA A 647 45.64 -38.71 12.78
CA ALA A 647 44.40 -38.18 12.23
C ALA A 647 43.20 -38.47 13.12
N GLY A 648 43.32 -39.43 14.03
CA GLY A 648 42.22 -39.74 14.92
C GLY A 648 42.34 -41.15 15.46
N CYS A 649 41.24 -41.62 16.06
CA CYS A 649 41.18 -42.93 16.68
C CYS A 649 40.39 -43.88 15.79
N LEU A 650 40.98 -45.04 15.50
CA LEU A 650 40.37 -46.05 14.64
C LEU A 650 39.94 -47.24 15.49
N ILE A 651 38.69 -47.66 15.32
CA ILE A 651 38.15 -48.82 16.01
C ILE A 651 37.63 -49.81 14.97
N GLY A 652 37.59 -51.07 15.34
CA GLY A 652 37.12 -52.13 14.47
C GLY A 652 38.12 -52.60 13.44
N ALA A 653 39.35 -52.08 13.45
CA ALA A 653 40.38 -52.46 12.49
C ALA A 653 41.63 -52.87 13.24
N GLU A 654 42.33 -53.88 12.71
CA GLU A 654 43.55 -54.38 13.32
C GLU A 654 44.76 -53.66 12.74
N HIS A 655 45.63 -53.16 13.62
CA HIS A 655 46.83 -52.46 13.21
C HIS A 655 47.99 -53.44 13.07
N VAL A 656 48.73 -53.35 11.98
CA VAL A 656 49.85 -54.23 11.70
C VAL A 656 51.12 -53.39 11.64
N ASN A 657 52.25 -54.08 11.80
CA ASN A 657 53.56 -53.42 11.77
C ASN A 657 54.18 -53.38 10.39
N ASN A 658 53.49 -53.90 9.37
CA ASN A 658 54.00 -53.89 8.01
C ASN A 658 53.66 -52.56 7.34
N SER A 659 54.07 -52.44 6.06
CA SER A 659 53.81 -51.22 5.30
C SER A 659 53.59 -51.61 3.85
N TYR A 660 52.33 -51.70 3.45
CA TYR A 660 51.95 -52.01 2.09
C TYR A 660 51.51 -50.74 1.36
N GLU A 661 51.05 -50.91 0.13
CA GLU A 661 50.53 -49.79 -0.64
C GLU A 661 49.19 -49.33 -0.07
N CYS A 662 48.88 -48.05 -0.30
CA CYS A 662 47.66 -47.46 0.24
C CYS A 662 46.46 -47.89 -0.59
N ASP A 663 45.48 -48.50 0.07
CA ASP A 663 44.25 -48.93 -0.59
C ASP A 663 43.16 -47.88 -0.47
N ILE A 664 42.84 -47.46 0.75
CA ILE A 664 41.87 -46.39 0.98
C ILE A 664 42.52 -45.36 1.91
N PRO A 665 42.43 -44.06 1.59
CA PRO A 665 43.05 -43.06 2.47
C PRO A 665 42.31 -42.93 3.79
N ILE A 666 43.09 -42.85 4.87
CA ILE A 666 42.57 -42.70 6.23
C ILE A 666 42.92 -41.33 6.80
N GLY A 667 44.18 -40.94 6.70
CA GLY A 667 44.63 -39.64 7.18
C GLY A 667 45.98 -39.74 7.87
N ALA A 668 46.79 -38.69 7.69
CA ALA A 668 48.11 -38.56 8.31
C ALA A 668 49.02 -39.75 7.97
N GLY A 669 48.97 -40.19 6.72
CA GLY A 669 49.82 -41.27 6.26
C GLY A 669 49.39 -42.66 6.65
N ILE A 670 48.21 -42.81 7.26
CA ILE A 670 47.70 -44.11 7.67
C ILE A 670 46.87 -44.69 6.53
N CYS A 671 47.08 -45.97 6.23
CA CYS A 671 46.33 -46.67 5.20
C CYS A 671 45.82 -48.00 5.75
N ALA A 672 44.66 -48.42 5.25
CA ALA A 672 44.02 -49.66 5.69
C ALA A 672 43.61 -50.47 4.48
N SER A 673 43.60 -51.79 4.66
CA SER A 673 43.21 -52.71 3.60
C SER A 673 42.48 -53.89 4.22
N TYR A 674 41.69 -54.58 3.38
CA TYR A 674 40.94 -55.76 3.79
C TYR A 674 41.73 -56.99 3.36
N GLN A 675 42.39 -57.62 4.32
CA GLN A 675 43.22 -58.80 4.08
C GLN A 675 42.70 -59.97 4.90
N THR A 676 43.43 -61.08 4.84
CA THR A 676 43.06 -62.29 5.59
C THR A 676 43.60 -62.23 7.01
N GLU B 1 6.50 31.26 -25.77
CA GLU B 1 7.91 31.50 -25.47
C GLU B 1 8.70 30.19 -25.49
N VAL B 2 8.15 29.18 -26.14
CA VAL B 2 8.77 27.86 -26.22
C VAL B 2 9.17 27.60 -27.66
N GLN B 3 10.17 26.73 -27.83
CA GLN B 3 10.68 26.38 -29.14
C GLN B 3 11.45 25.07 -29.04
N LEU B 4 11.27 24.20 -30.03
CA LEU B 4 11.99 22.94 -30.11
C LEU B 4 12.57 22.78 -31.52
N VAL B 5 13.81 22.30 -31.58
CA VAL B 5 14.52 22.12 -32.85
C VAL B 5 14.96 20.68 -32.96
N GLU B 6 14.62 20.03 -34.07
CA GLU B 6 14.96 18.64 -34.32
C GLU B 6 15.95 18.54 -35.47
N SER B 7 16.87 17.58 -35.35
CA SER B 7 17.90 17.37 -36.37
C SER B 7 18.34 15.92 -36.33
N GLY B 8 19.02 15.50 -37.40
CA GLY B 8 19.52 14.16 -37.53
C GLY B 8 18.72 13.25 -38.45
N GLY B 9 17.54 13.68 -38.88
CA GLY B 9 16.75 12.86 -39.78
C GLY B 9 17.34 12.81 -41.17
N GLY B 10 17.08 11.71 -41.87
CA GLY B 10 17.60 11.52 -43.21
C GLY B 10 17.31 10.16 -43.78
N LEU B 11 18.25 9.63 -44.57
CA LEU B 11 18.11 8.32 -45.20
C LEU B 11 19.11 7.35 -44.60
N ILE B 12 18.61 6.21 -44.13
CA ILE B 12 19.45 5.15 -43.59
C ILE B 12 18.97 3.81 -44.15
N GLN B 13 19.87 2.83 -44.18
CA GLN B 13 19.54 1.51 -44.66
C GLN B 13 18.73 0.75 -43.62
N PRO B 14 17.90 -0.21 -44.04
CA PRO B 14 17.18 -1.04 -43.08
C PRO B 14 18.15 -1.86 -42.23
N GLY B 15 17.76 -2.05 -40.97
CA GLY B 15 18.65 -2.69 -40.01
C GLY B 15 19.87 -1.87 -39.68
N GLY B 16 19.73 -0.54 -39.62
CA GLY B 16 20.83 0.34 -39.31
C GLY B 16 20.57 1.13 -38.04
N SER B 17 21.48 2.04 -37.75
CA SER B 17 21.43 2.86 -36.55
C SER B 17 21.42 4.33 -36.93
N LEU B 18 20.56 5.10 -36.26
CA LEU B 18 20.46 6.54 -36.45
C LEU B 18 20.25 7.21 -35.11
N ARG B 19 20.96 8.31 -34.88
CA ARG B 19 20.90 9.05 -33.63
C ARG B 19 20.27 10.42 -33.89
N LEU B 20 19.27 10.76 -33.10
CA LEU B 20 18.56 12.03 -33.22
C LEU B 20 18.99 12.97 -32.09
N SER B 21 18.83 14.27 -32.35
CA SER B 21 19.17 15.31 -31.39
C SER B 21 18.01 16.29 -31.31
N CYS B 22 17.32 16.31 -30.17
CA CYS B 22 16.17 17.19 -29.95
C CYS B 22 16.63 18.32 -29.04
N ALA B 23 16.78 19.51 -29.60
CA ALA B 23 17.26 20.67 -28.87
C ALA B 23 16.08 21.45 -28.29
N ALA B 24 16.17 21.78 -27.01
CA ALA B 24 15.10 22.48 -26.32
C ALA B 24 15.48 23.94 -26.05
N SER B 25 14.46 24.79 -25.98
CA SER B 25 14.65 26.20 -25.69
C SER B 25 13.50 26.68 -24.82
N GLY B 26 13.83 27.42 -23.76
CA GLY B 26 12.85 27.94 -22.84
C GLY B 26 12.43 26.97 -21.75
N LEU B 27 12.95 25.75 -21.74
CA LEU B 27 12.59 24.76 -20.72
C LEU B 27 13.71 23.74 -20.62
N THR B 28 13.71 23.02 -19.50
CA THR B 28 14.73 22.02 -19.20
C THR B 28 14.20 20.62 -19.48
N VAL B 29 15.03 19.81 -20.15
CA VAL B 29 14.62 18.46 -20.51
C VAL B 29 14.67 17.49 -19.33
N SER B 30 15.36 17.85 -18.26
CA SER B 30 15.52 16.96 -17.11
C SER B 30 14.60 17.34 -15.95
N SER B 31 13.54 18.09 -16.21
CA SER B 31 12.62 18.50 -15.17
C SER B 31 11.15 18.31 -15.54
N ASN B 32 10.84 17.80 -16.73
CA ASN B 32 9.47 17.62 -17.15
C ASN B 32 9.38 16.39 -18.06
N TYR B 33 8.14 15.98 -18.32
CA TYR B 33 7.92 14.81 -19.16
C TYR B 33 8.21 15.14 -20.62
N MET B 34 9.00 14.28 -21.27
CA MET B 34 9.34 14.43 -22.68
C MET B 34 8.75 13.28 -23.45
N HIS B 35 8.03 13.59 -24.53
CA HIS B 35 7.35 12.59 -25.34
C HIS B 35 7.93 12.57 -26.75
N TRP B 36 7.87 11.39 -27.38
CA TRP B 36 8.31 11.20 -28.75
C TRP B 36 7.13 10.65 -29.53
N VAL B 37 6.38 11.54 -30.19
CA VAL B 37 5.19 11.17 -30.95
C VAL B 37 5.56 11.11 -32.43
N ARG B 38 5.27 9.98 -33.07
CA ARG B 38 5.64 9.72 -34.45
C ARG B 38 4.37 9.49 -35.27
N GLN B 39 4.24 10.24 -36.37
CA GLN B 39 3.07 10.14 -37.25
C GLN B 39 3.52 9.61 -38.61
N ALA B 40 2.88 8.53 -39.05
CA ALA B 40 3.18 7.97 -40.35
C ALA B 40 2.64 8.88 -41.46
N PRO B 41 3.31 8.93 -42.62
CA PRO B 41 2.80 9.74 -43.74
C PRO B 41 1.49 9.16 -44.26
N GLY B 42 0.46 9.99 -44.27
CA GLY B 42 -0.87 9.56 -44.67
C GLY B 42 -1.67 8.87 -43.59
N LYS B 43 -1.14 8.75 -42.38
CA LYS B 43 -1.82 8.11 -41.26
C LYS B 43 -1.85 9.05 -40.06
N GLY B 44 -2.42 8.58 -38.96
CA GLY B 44 -2.56 9.38 -37.77
C GLY B 44 -1.32 9.35 -36.89
N LEU B 45 -1.41 10.08 -35.78
CA LEU B 45 -0.32 10.15 -34.82
C LEU B 45 -0.22 8.84 -34.04
N GLU B 46 1.00 8.53 -33.60
CA GLU B 46 1.25 7.32 -32.83
C GLU B 46 2.34 7.58 -31.80
N TRP B 47 2.12 7.12 -30.58
CA TRP B 47 3.11 7.25 -29.53
C TRP B 47 4.22 6.22 -29.69
N VAL B 48 5.44 6.61 -29.35
CA VAL B 48 6.60 5.73 -29.47
C VAL B 48 7.25 5.55 -28.10
N SER B 49 7.69 6.66 -27.50
CA SER B 49 8.41 6.58 -26.24
C SER B 49 8.17 7.85 -25.44
N VAL B 50 8.41 7.73 -24.12
CA VAL B 50 8.28 8.85 -23.20
C VAL B 50 9.48 8.85 -22.27
N LEU B 51 9.87 10.05 -21.83
CA LEU B 51 10.95 10.21 -20.86
C LEU B 51 10.44 11.07 -19.71
N TYR B 52 10.68 10.59 -18.48
CA TYR B 52 10.20 11.28 -17.30
C TYR B 52 11.25 12.29 -16.81
N ALA B 53 10.93 13.00 -15.74
CA ALA B 53 11.88 13.93 -15.14
C ALA B 53 13.02 13.22 -14.44
N GLY B 54 12.81 11.98 -14.00
CA GLY B 54 13.84 11.17 -13.39
C GLY B 54 14.50 10.24 -14.38
N GLY B 55 15.14 9.20 -13.86
CA GLY B 55 15.82 8.23 -14.69
C GLY B 55 14.94 7.05 -15.07
N SER B 56 13.76 7.34 -15.62
CA SER B 56 12.83 6.30 -16.02
C SER B 56 12.24 6.65 -17.39
N ALA B 57 12.10 5.63 -18.24
CA ALA B 57 11.55 5.81 -19.57
C ALA B 57 10.67 4.62 -19.92
N PHE B 58 9.69 4.86 -20.79
CA PHE B 58 8.77 3.83 -21.24
C PHE B 58 8.67 3.87 -22.76
N TYR B 59 8.55 2.69 -23.37
CA TYR B 59 8.43 2.56 -24.82
C TYR B 59 7.17 1.77 -25.15
N ALA B 60 6.68 1.98 -26.38
CA ALA B 60 5.51 1.25 -26.84
C ALA B 60 5.86 -0.22 -27.12
N ASP B 61 4.82 -1.01 -27.34
CA ASP B 61 5.01 -2.45 -27.56
C ASP B 61 5.77 -2.72 -28.85
N SER B 62 5.50 -1.95 -29.91
CA SER B 62 6.19 -2.15 -31.18
C SER B 62 7.63 -1.67 -31.14
N VAL B 63 7.98 -0.81 -30.19
CA VAL B 63 9.33 -0.26 -30.10
C VAL B 63 9.91 -0.49 -28.71
N LYS B 64 9.45 -1.57 -28.05
CA LYS B 64 9.98 -1.90 -26.73
C LYS B 64 11.47 -2.22 -26.78
N GLY B 65 11.90 -2.99 -27.79
CA GLY B 65 13.31 -3.22 -28.02
C GLY B 65 13.90 -2.18 -28.94
N ARG B 66 15.22 -2.33 -29.18
CA ARG B 66 16.02 -1.54 -30.13
C ARG B 66 15.80 -0.03 -29.99
N PHE B 67 15.44 0.43 -28.80
CA PHE B 67 15.19 1.84 -28.55
C PHE B 67 15.80 2.26 -27.22
N THR B 68 16.48 3.40 -27.23
CA THR B 68 17.10 3.93 -26.02
C THR B 68 17.01 5.45 -26.03
N ILE B 69 16.73 6.02 -24.86
CA ILE B 69 16.69 7.47 -24.66
C ILE B 69 17.73 7.83 -23.62
N SER B 70 18.56 8.83 -23.91
CA SER B 70 19.61 9.28 -23.01
C SER B 70 19.72 10.79 -23.12
N ARG B 71 19.06 11.50 -22.20
CA ARG B 71 19.13 12.96 -22.19
C ARG B 71 20.48 13.44 -21.68
N ASN B 72 20.88 14.62 -22.12
CA ASN B 72 22.14 15.23 -21.72
C ASN B 72 21.87 16.61 -21.14
N ASN B 73 22.34 16.85 -19.91
CA ASN B 73 22.16 18.12 -19.25
C ASN B 73 23.26 19.13 -19.55
N SER B 74 24.33 18.70 -20.22
CA SER B 74 25.42 19.62 -20.53
C SER B 74 25.02 20.64 -21.59
N LYS B 75 24.30 20.20 -22.62
CA LYS B 75 23.86 21.08 -23.70
C LYS B 75 22.35 21.22 -23.78
N ASN B 76 21.61 20.66 -22.79
CA ASN B 76 20.15 20.71 -22.75
C ASN B 76 19.53 20.16 -24.03
N THR B 77 20.07 19.04 -24.51
CA THR B 77 19.62 18.41 -25.74
C THR B 77 19.13 17.00 -25.46
N LEU B 78 18.00 16.63 -26.07
CA LEU B 78 17.41 15.31 -25.91
C LEU B 78 17.88 14.41 -27.06
N TYR B 79 18.32 13.20 -26.72
CA TYR B 79 18.87 12.27 -27.68
C TYR B 79 18.04 10.98 -27.69
N LEU B 80 17.78 10.48 -28.90
CA LEU B 80 17.10 9.20 -29.08
C LEU B 80 17.92 8.36 -30.03
N GLN B 81 18.21 7.12 -29.62
CA GLN B 81 19.07 6.22 -30.38
C GLN B 81 18.34 4.91 -30.63
N MET B 82 18.31 4.47 -31.89
CA MET B 82 17.74 3.19 -32.27
C MET B 82 18.81 2.37 -32.97
N ASN B 83 19.15 1.21 -32.41
CA ASN B 83 20.20 0.38 -32.99
C ASN B 83 19.71 -0.38 -34.22
N SER B 84 18.41 -0.69 -34.29
CA SER B 84 17.83 -1.40 -35.42
C SER B 84 16.56 -0.70 -35.87
N LEU B 85 16.25 -0.83 -37.16
CA LEU B 85 15.07 -0.22 -37.74
C LEU B 85 14.41 -1.19 -38.71
N ARG B 86 13.11 -1.00 -38.93
CA ARG B 86 12.34 -1.82 -39.84
C ARG B 86 11.76 -0.96 -40.95
N ALA B 87 11.14 -1.62 -41.93
CA ALA B 87 10.59 -0.92 -43.09
C ALA B 87 9.37 -0.07 -42.73
N GLU B 88 8.67 -0.41 -41.65
CA GLU B 88 7.50 0.35 -41.22
C GLU B 88 7.86 1.56 -40.37
N ASP B 89 9.14 1.76 -40.05
CA ASP B 89 9.55 2.84 -39.18
C ASP B 89 9.70 4.18 -39.88
N THR B 90 9.52 4.23 -41.20
CA THR B 90 9.62 5.50 -41.92
C THR B 90 8.39 6.36 -41.64
N ALA B 91 8.63 7.54 -41.07
CA ALA B 91 7.59 8.47 -40.65
C ALA B 91 8.25 9.79 -40.29
N ILE B 92 7.47 10.69 -39.67
CA ILE B 92 7.97 11.95 -39.16
C ILE B 92 7.97 11.87 -37.64
N TYR B 93 9.09 12.20 -37.01
CA TYR B 93 9.25 12.10 -35.58
C TYR B 93 9.22 13.49 -34.94
N TYR B 94 8.51 13.59 -33.82
CA TYR B 94 8.37 14.85 -33.09
C TYR B 94 8.74 14.61 -31.63
N CYS B 95 9.56 15.52 -31.07
CA CYS B 95 9.81 15.56 -29.65
C CYS B 95 9.03 16.72 -29.05
N ALA B 96 8.29 16.46 -27.97
CA ALA B 96 7.38 17.46 -27.43
C ALA B 96 7.19 17.23 -25.94
N ARG B 97 7.13 18.33 -25.19
CA ARG B 97 6.88 18.26 -23.76
C ARG B 97 5.40 18.01 -23.48
N GLY B 98 5.12 17.38 -22.34
CA GLY B 98 3.75 17.10 -21.95
C GLY B 98 3.50 17.32 -20.47
N LEU B 99 2.44 18.06 -20.15
CA LEU B 99 2.06 18.32 -18.75
C LEU B 99 1.13 17.22 -18.25
N GLY B 100 1.66 16.00 -18.24
CA GLY B 100 0.89 14.86 -17.81
C GLY B 100 0.32 14.05 -18.96
N ASP B 101 -1.01 14.00 -19.05
CA ASP B 101 -1.64 13.20 -20.11
C ASP B 101 -1.51 13.88 -21.47
N TYR B 102 -1.60 15.21 -21.51
CA TYR B 102 -1.64 15.96 -22.75
C TYR B 102 -0.32 16.69 -22.99
N LEU B 103 -0.04 16.98 -24.26
CA LEU B 103 1.12 17.76 -24.64
C LEU B 103 0.73 19.22 -24.85
N ASP B 104 1.70 20.11 -24.61
CA ASP B 104 1.47 21.54 -24.74
C ASP B 104 2.46 22.25 -25.65
N SER B 105 3.69 21.77 -25.76
CA SER B 105 4.74 22.41 -26.54
C SER B 105 5.26 21.44 -27.58
N TRP B 106 4.82 21.61 -28.83
CA TRP B 106 5.26 20.74 -29.93
C TRP B 106 6.47 21.34 -30.62
N GLY B 107 6.89 20.73 -31.73
CA GLY B 107 8.03 21.20 -32.46
C GLY B 107 8.01 20.70 -33.89
N GLN B 108 9.12 20.95 -34.59
CA GLN B 108 9.23 20.54 -35.99
C GLN B 108 9.41 19.04 -36.10
N GLY B 109 9.60 18.56 -37.33
CA GLY B 109 9.69 17.13 -37.55
C GLY B 109 10.79 16.70 -38.51
N THR B 110 11.63 15.77 -38.07
CA THR B 110 12.64 15.19 -38.94
C THR B 110 12.04 14.05 -39.76
N LEU B 111 12.62 13.82 -40.94
CA LEU B 111 12.15 12.80 -41.86
C LEU B 111 13.15 11.65 -41.86
N VAL B 112 12.72 10.49 -41.38
CA VAL B 112 13.53 9.27 -41.39
C VAL B 112 13.00 8.34 -42.47
N THR B 113 13.86 7.98 -43.40
CA THR B 113 13.49 7.13 -44.53
C THR B 113 14.37 5.89 -44.55
N VAL B 114 13.74 4.73 -44.68
CA VAL B 114 14.44 3.45 -44.75
C VAL B 114 14.09 2.77 -46.07
N SER B 115 15.11 2.41 -46.83
CA SER B 115 14.92 1.74 -48.11
C SER B 115 16.22 1.04 -48.50
N SER B 116 16.08 -0.03 -49.28
CA SER B 116 17.22 -0.79 -49.76
C SER B 116 17.76 -0.28 -51.08
N ALA B 117 17.14 0.75 -51.66
CA ALA B 117 17.57 1.30 -52.94
C ALA B 117 18.56 2.45 -52.68
N SER B 118 18.89 3.18 -53.74
CA SER B 118 19.82 4.31 -53.65
C SER B 118 19.31 5.41 -54.57
N THR B 119 20.16 6.40 -54.82
CA THR B 119 19.80 7.51 -55.69
C THR B 119 19.69 7.04 -57.14
N LYS B 120 18.65 7.52 -57.83
CA LYS B 120 18.40 7.15 -59.21
C LYS B 120 17.75 8.33 -59.92
N GLY B 121 18.21 8.61 -61.13
CA GLY B 121 17.68 9.70 -61.92
C GLY B 121 16.25 9.45 -62.35
N PRO B 122 15.50 10.52 -62.61
CA PRO B 122 14.09 10.36 -62.96
C PRO B 122 13.90 10.09 -64.45
N SER B 123 13.06 9.10 -64.76
CA SER B 123 12.71 8.77 -66.13
C SER B 123 11.41 9.49 -66.48
N VAL B 124 11.49 10.44 -67.39
CA VAL B 124 10.35 11.28 -67.76
C VAL B 124 9.78 10.79 -69.08
N PHE B 125 8.46 10.61 -69.12
CA PHE B 125 7.76 10.16 -70.32
C PHE B 125 6.58 11.09 -70.57
N PRO B 126 6.41 11.60 -71.79
CA PRO B 126 5.33 12.54 -72.06
C PRO B 126 3.98 11.84 -72.19
N LEU B 127 2.93 12.64 -72.04
CA LEU B 127 1.54 12.20 -72.20
C LEU B 127 0.95 12.96 -73.38
N ALA B 128 0.69 12.25 -74.46
CA ALA B 128 0.13 12.89 -75.65
C ALA B 128 -1.34 13.22 -75.43
N PRO B 129 -1.77 14.47 -75.58
CA PRO B 129 -3.18 14.81 -75.40
C PRO B 129 -4.04 14.20 -76.49
N SER B 130 -5.27 13.85 -76.12
CA SER B 130 -6.21 13.26 -77.07
C SER B 130 -6.78 14.32 -77.99
N SER B 131 -7.06 13.92 -79.23
CA SER B 131 -7.62 14.82 -80.22
C SER B 131 -9.13 14.65 -80.32
N THR B 138 -11.22 21.84 -74.51
CA THR B 138 -10.09 21.80 -73.61
C THR B 138 -9.35 20.47 -73.70
N ALA B 139 -8.10 20.45 -73.25
CA ALA B 139 -7.29 19.25 -73.29
C ALA B 139 -6.32 19.26 -72.12
N ALA B 140 -5.81 18.08 -71.79
CA ALA B 140 -4.86 17.91 -70.70
C ALA B 140 -3.53 17.44 -71.25
N LEU B 141 -2.44 18.03 -70.75
CA LEU B 141 -1.10 17.71 -71.21
C LEU B 141 -0.17 17.71 -70.01
N GLY B 142 0.86 16.87 -70.07
CA GLY B 142 1.82 16.80 -68.98
C GLY B 142 2.88 15.76 -69.26
N CYS B 143 3.76 15.60 -68.28
CA CYS B 143 4.83 14.61 -68.33
C CYS B 143 4.78 13.75 -67.09
N LEU B 144 5.11 12.46 -67.25
CA LEU B 144 5.04 11.48 -66.17
C LEU B 144 6.44 11.17 -65.67
N VAL B 145 6.64 11.28 -64.36
CA VAL B 145 7.91 10.97 -63.73
C VAL B 145 7.81 9.57 -63.14
N LYS B 146 8.72 8.69 -63.55
CA LYS B 146 8.71 7.29 -63.13
C LYS B 146 10.09 6.86 -62.71
N ASP B 147 10.16 6.03 -61.67
CA ASP B 147 11.40 5.41 -61.18
C ASP B 147 12.43 6.46 -60.77
N TYR B 148 12.06 7.24 -59.76
CA TYR B 148 12.95 8.24 -59.19
C TYR B 148 12.95 8.11 -57.67
N PHE B 149 14.10 8.44 -57.07
CA PHE B 149 14.32 8.26 -55.64
C PHE B 149 15.45 9.18 -55.22
N PRO B 150 15.35 9.83 -54.04
CA PRO B 150 14.25 9.84 -53.08
C PRO B 150 13.39 11.10 -53.14
N GLU B 151 12.49 11.22 -52.17
CA GLU B 151 11.67 12.42 -52.01
C GLU B 151 12.58 13.60 -51.65
N PRO B 152 12.32 14.81 -52.19
CA PRO B 152 11.30 15.17 -53.18
C PRO B 152 11.85 15.54 -54.56
N VAL B 153 10.94 15.85 -55.50
CA VAL B 153 11.29 16.39 -56.80
C VAL B 153 10.34 17.56 -57.08
N THR B 154 10.77 18.44 -57.97
CA THR B 154 10.00 19.63 -58.31
C THR B 154 9.67 19.64 -59.80
N VAL B 155 8.52 20.21 -60.13
CA VAL B 155 8.03 20.27 -61.50
C VAL B 155 7.71 21.73 -61.83
N SER B 156 8.27 22.23 -62.92
CA SER B 156 8.02 23.59 -63.38
C SER B 156 7.63 23.55 -64.85
N TRP B 157 6.72 24.44 -65.23
CA TRP B 157 6.20 24.50 -66.59
C TRP B 157 6.62 25.81 -67.24
N ASN B 158 7.27 25.70 -68.41
CA ASN B 158 7.74 26.85 -69.20
C ASN B 158 8.65 27.76 -68.36
N SER B 159 9.51 27.14 -67.55
CA SER B 159 10.40 27.83 -66.62
C SER B 159 9.61 28.74 -65.67
N GLY B 160 8.47 28.24 -65.20
CA GLY B 160 7.64 28.98 -64.27
C GLY B 160 6.67 29.96 -64.89
N ALA B 161 6.64 30.07 -66.22
CA ALA B 161 5.72 31.00 -66.86
C ALA B 161 4.28 30.53 -66.73
N LEU B 162 4.04 29.23 -66.86
CA LEU B 162 2.70 28.67 -66.78
C LEU B 162 2.41 28.25 -65.34
N THR B 163 1.43 28.92 -64.72
CA THR B 163 1.05 28.63 -63.34
C THR B 163 -0.43 28.35 -63.16
N SER B 164 -1.23 28.45 -64.22
CA SER B 164 -2.67 28.22 -64.14
C SER B 164 -2.99 26.80 -64.59
N GLY B 165 -3.78 26.10 -63.78
CA GLY B 165 -4.15 24.74 -64.10
C GLY B 165 -3.14 23.68 -63.73
N VAL B 166 -2.10 24.03 -62.99
CA VAL B 166 -1.07 23.08 -62.60
C VAL B 166 -1.58 22.23 -61.43
N HIS B 167 -1.53 20.91 -61.60
CA HIS B 167 -1.97 19.96 -60.57
C HIS B 167 -0.87 18.92 -60.39
N THR B 168 0.04 19.18 -59.46
CA THR B 168 1.16 18.27 -59.18
C THR B 168 0.71 17.24 -58.15
N PHE B 169 0.53 16.00 -58.58
CA PHE B 169 0.11 14.95 -57.68
C PHE B 169 1.26 14.55 -56.74
N PRO B 170 0.94 14.19 -55.50
CA PRO B 170 2.00 13.79 -54.56
C PRO B 170 2.64 12.46 -54.95
N ALA B 171 3.86 12.26 -54.46
CA ALA B 171 4.58 11.03 -54.73
C ALA B 171 3.93 9.85 -54.04
N VAL B 172 3.89 8.72 -54.73
CA VAL B 172 3.31 7.48 -54.20
C VAL B 172 4.36 6.38 -54.31
N LEU B 173 4.57 5.65 -53.21
CA LEU B 173 5.56 4.58 -53.19
C LEU B 173 5.02 3.36 -53.92
N GLN B 174 5.78 2.88 -54.90
CA GLN B 174 5.39 1.71 -55.68
C GLN B 174 5.87 0.44 -54.97
N SER B 175 5.58 -0.72 -55.58
CA SER B 175 6.00 -1.99 -55.02
C SER B 175 7.49 -2.23 -55.16
N SER B 176 8.16 -1.52 -56.07
CA SER B 176 9.59 -1.66 -56.28
C SER B 176 10.42 -0.77 -55.36
N GLY B 177 9.77 0.04 -54.52
CA GLY B 177 10.46 0.93 -53.62
C GLY B 177 10.85 2.26 -54.21
N LEU B 178 10.49 2.54 -55.47
CA LEU B 178 10.81 3.80 -56.13
C LEU B 178 9.54 4.61 -56.33
N TYR B 179 9.62 5.90 -56.03
CA TYR B 179 8.45 6.78 -56.09
C TYR B 179 8.06 7.08 -57.52
N SER B 180 6.80 7.49 -57.69
CA SER B 180 6.28 7.92 -58.99
C SER B 180 5.44 9.18 -58.78
N LEU B 181 5.35 9.99 -59.83
CA LEU B 181 4.61 11.25 -59.77
C LEU B 181 4.10 11.59 -61.16
N SER B 182 2.93 12.22 -61.20
CA SER B 182 2.30 12.67 -62.43
C SER B 182 1.94 14.15 -62.32
N SER B 183 2.13 14.88 -63.41
CA SER B 183 1.81 16.30 -63.46
C SER B 183 1.00 16.57 -64.74
N VAL B 184 -0.07 17.35 -64.60
CA VAL B 184 -0.94 17.68 -65.72
C VAL B 184 -1.28 19.16 -65.68
N VAL B 185 -1.48 19.74 -66.86
CA VAL B 185 -1.86 21.14 -67.00
C VAL B 185 -2.97 21.24 -68.02
N THR B 186 -4.04 21.94 -67.66
CA THR B 186 -5.17 22.13 -68.56
C THR B 186 -4.82 23.20 -69.60
N VAL B 187 -4.95 22.84 -70.87
CA VAL B 187 -4.61 23.75 -71.97
C VAL B 187 -5.75 23.74 -72.99
N PRO B 188 -6.04 24.84 -73.66
CA PRO B 188 -7.07 24.84 -74.69
C PRO B 188 -6.59 24.17 -75.98
N SER B 189 -7.56 23.66 -76.74
CA SER B 189 -7.25 22.97 -77.97
C SER B 189 -6.86 23.91 -79.11
N SER B 190 -7.23 25.18 -79.02
CA SER B 190 -6.89 26.14 -80.07
C SER B 190 -5.43 26.56 -80.05
N SER B 191 -4.73 26.33 -78.93
CA SER B 191 -3.33 26.71 -78.80
C SER B 191 -2.41 25.49 -78.74
N LEU B 192 -2.88 24.32 -79.19
CA LEU B 192 -2.05 23.13 -79.17
C LEU B 192 -0.90 23.25 -80.15
N GLY B 193 -1.17 23.75 -81.35
CA GLY B 193 -0.14 23.92 -82.37
C GLY B 193 0.54 25.26 -82.40
N THR B 194 0.25 26.14 -81.44
CA THR B 194 0.83 27.47 -81.38
C THR B 194 1.93 27.59 -80.33
N GLN B 195 1.65 27.22 -79.09
CA GLN B 195 2.60 27.32 -78.00
C GLN B 195 3.21 25.95 -77.70
N THR B 196 4.49 25.97 -77.34
CA THR B 196 5.24 24.77 -76.98
C THR B 196 5.42 24.72 -75.47
N TYR B 197 5.05 23.59 -74.87
CA TYR B 197 5.10 23.42 -73.42
C TYR B 197 6.19 22.42 -73.08
N ILE B 198 7.16 22.86 -72.27
CA ILE B 198 8.25 22.02 -71.80
C ILE B 198 8.24 22.03 -70.28
N CYS B 199 8.26 20.84 -69.68
CA CYS B 199 8.25 20.70 -68.24
C CYS B 199 9.64 20.33 -67.75
N ASN B 200 10.07 20.97 -66.66
CA ASN B 200 11.40 20.76 -66.10
C ASN B 200 11.30 19.92 -64.84
N VAL B 201 12.04 18.82 -64.80
CA VAL B 201 12.11 17.94 -63.63
C VAL B 201 13.56 17.84 -63.19
N ASN B 202 13.80 18.08 -61.90
CA ASN B 202 15.15 18.06 -61.35
C ASN B 202 15.08 17.91 -59.84
N HIS B 203 16.10 17.27 -59.27
CA HIS B 203 16.21 17.15 -57.83
C HIS B 203 17.68 17.01 -57.44
N LYS B 204 18.03 17.62 -56.31
CA LYS B 204 19.40 17.74 -55.82
C LYS B 204 20.09 16.42 -55.41
N PRO B 205 19.37 15.39 -54.91
CA PRO B 205 20.08 14.11 -54.65
C PRO B 205 20.79 13.52 -55.85
N SER B 206 20.23 13.64 -57.06
CA SER B 206 20.87 13.10 -58.25
C SER B 206 21.45 14.15 -59.18
N ASN B 207 21.04 15.42 -59.05
CA ASN B 207 21.53 16.53 -59.87
C ASN B 207 21.33 16.24 -61.36
N THR B 208 20.13 15.80 -61.71
CA THR B 208 19.77 15.49 -63.09
C THR B 208 18.74 16.49 -63.58
N LYS B 209 19.03 17.15 -64.70
CA LYS B 209 18.15 18.14 -65.30
C LYS B 209 17.92 17.77 -66.75
N VAL B 210 16.67 17.44 -67.09
CA VAL B 210 16.29 17.06 -68.44
C VAL B 210 15.11 17.94 -68.87
N ASP B 211 15.19 18.48 -70.08
CA ASP B 211 14.13 19.33 -70.65
C ASP B 211 13.53 18.59 -71.84
N LYS B 212 12.37 17.96 -71.61
CA LYS B 212 11.68 17.20 -72.64
C LYS B 212 10.36 17.88 -72.98
N LYS B 213 10.16 18.09 -74.28
CA LYS B 213 8.94 18.70 -74.73
C LYS B 213 7.86 17.66 -74.92
N VAL B 214 6.62 18.08 -74.83
CA VAL B 214 5.48 17.19 -75.02
C VAL B 214 4.72 17.63 -76.26
N GLU B 215 4.52 16.70 -77.18
CA GLU B 215 3.85 16.95 -78.45
C GLU B 215 2.48 16.27 -78.48
N PRO B 216 1.56 16.75 -79.30
CA PRO B 216 0.29 16.04 -79.50
C PRO B 216 0.51 14.70 -80.17
N LYS B 217 -0.52 13.85 -80.10
CA LYS B 217 -0.43 12.50 -80.63
C LYS B 217 -0.23 12.52 -82.14
N SER B 218 0.71 11.70 -82.62
CA SER B 218 1.03 11.62 -84.03
C SER B 218 0.60 10.27 -84.58
N CYS B 219 0.84 10.07 -85.87
CA CYS B 219 0.47 8.82 -86.52
C CYS B 219 1.43 7.71 -86.13
N ASP B 220 0.95 6.47 -86.24
CA ASP B 220 1.74 5.29 -85.89
C ASP B 220 2.86 5.07 -86.91
N ASP C 1 -4.72 -2.18 -25.40
CA ASP C 1 -5.91 -2.34 -24.55
C ASP C 1 -6.98 -1.33 -24.92
N ILE C 2 -6.55 -0.10 -25.21
CA ILE C 2 -7.46 1.00 -25.56
C ILE C 2 -7.32 1.29 -27.05
N GLN C 3 -8.44 1.26 -27.77
CA GLN C 3 -8.48 1.54 -29.20
C GLN C 3 -9.41 2.72 -29.42
N MET C 4 -8.83 3.89 -29.66
CA MET C 4 -9.61 5.11 -29.87
C MET C 4 -10.11 5.15 -31.31
N THR C 5 -11.43 5.16 -31.49
CA THR C 5 -12.05 5.19 -32.80
C THR C 5 -12.89 6.46 -32.92
N GLN C 6 -12.75 7.16 -34.04
CA GLN C 6 -13.51 8.36 -34.33
C GLN C 6 -14.54 8.04 -35.41
N SER C 7 -15.81 8.32 -35.13
CA SER C 7 -16.87 8.04 -36.09
C SER C 7 -16.74 8.86 -37.38
N PRO C 8 -16.55 10.18 -37.36
CA PRO C 8 -16.40 10.89 -38.64
C PRO C 8 -14.97 10.86 -39.17
N SER C 9 -14.86 10.78 -40.48
CA SER C 9 -13.58 10.80 -41.17
C SER C 9 -13.41 12.00 -42.09
N SER C 10 -14.43 12.33 -42.88
CA SER C 10 -14.40 13.48 -43.78
C SER C 10 -15.78 14.11 -43.76
N VAL C 11 -15.91 15.23 -43.05
CA VAL C 11 -17.16 15.96 -42.92
C VAL C 11 -17.02 17.30 -43.63
N SER C 12 -18.06 17.69 -44.36
CA SER C 12 -18.09 18.95 -45.09
C SER C 12 -19.15 19.86 -44.48
N ALA C 13 -18.74 21.09 -44.14
CA ALA C 13 -19.64 22.05 -43.53
C ALA C 13 -19.30 23.45 -44.05
N SER C 14 -20.30 24.33 -43.98
CA SER C 14 -20.13 25.71 -44.41
C SER C 14 -19.52 26.52 -43.26
N VAL C 15 -19.44 27.84 -43.43
CA VAL C 15 -18.87 28.69 -42.39
C VAL C 15 -19.82 28.75 -41.19
N GLY C 16 -21.12 28.84 -41.44
CA GLY C 16 -22.11 28.84 -40.37
C GLY C 16 -22.67 27.47 -40.09
N ASP C 17 -21.81 26.53 -39.70
CA ASP C 17 -22.23 25.16 -39.46
C ASP C 17 -21.34 24.54 -38.39
N ARG C 18 -21.85 23.50 -37.75
CA ARG C 18 -21.14 22.77 -36.72
C ARG C 18 -20.76 21.39 -37.24
N VAL C 19 -19.46 21.06 -37.14
CA VAL C 19 -18.97 19.79 -37.66
C VAL C 19 -19.47 18.62 -36.81
N THR C 20 -19.57 18.82 -35.49
CA THR C 20 -19.96 17.80 -34.51
C THR C 20 -19.09 16.55 -34.63
N ILE C 21 -17.79 16.75 -34.52
CA ILE C 21 -16.83 15.64 -34.56
C ILE C 21 -16.77 15.00 -33.19
N THR C 22 -16.89 13.67 -33.16
CA THR C 22 -16.93 12.91 -31.92
C THR C 22 -15.88 11.80 -31.95
N CYS C 23 -15.44 11.40 -30.76
CA CYS C 23 -14.49 10.31 -30.58
C CYS C 23 -15.07 9.29 -29.61
N ARG C 24 -14.59 8.06 -29.72
CA ARG C 24 -15.08 6.95 -28.91
C ARG C 24 -13.90 6.22 -28.30
N ALA C 25 -14.16 5.60 -27.15
CA ALA C 25 -13.15 4.84 -26.42
C ALA C 25 -13.73 3.51 -25.99
N SER C 26 -12.86 2.48 -25.95
CA SER C 26 -13.30 1.15 -25.53
C SER C 26 -13.68 1.13 -24.05
N GLN C 27 -12.90 1.81 -23.21
CA GLN C 27 -13.14 1.87 -21.77
C GLN C 27 -13.46 3.29 -21.35
N GLY C 28 -14.25 3.41 -20.29
CA GLY C 28 -14.67 4.73 -19.82
C GLY C 28 -13.51 5.51 -19.24
N ILE C 29 -13.32 6.73 -19.72
CA ILE C 29 -12.31 7.65 -19.23
C ILE C 29 -13.00 8.95 -18.83
N GLY C 30 -12.77 9.40 -17.59
CA GLY C 30 -13.48 10.55 -17.08
C GLY C 30 -12.77 11.88 -17.26
N SER C 31 -13.14 12.61 -18.33
CA SER C 31 -12.67 13.97 -18.59
C SER C 31 -11.15 14.04 -18.67
N TRP C 32 -10.53 13.07 -19.35
CA TRP C 32 -9.09 13.10 -19.56
C TRP C 32 -8.75 12.99 -21.04
N LEU C 33 -9.43 13.78 -21.87
CA LEU C 33 -9.22 13.76 -23.31
C LEU C 33 -8.68 15.11 -23.78
N ALA C 34 -7.87 15.08 -24.83
CA ALA C 34 -7.31 16.27 -25.45
C ALA C 34 -7.51 16.20 -26.95
N TRP C 35 -7.61 17.37 -27.57
CA TRP C 35 -7.83 17.48 -29.01
C TRP C 35 -6.74 18.34 -29.62
N TYR C 36 -6.41 18.04 -30.87
CA TYR C 36 -5.30 18.68 -31.57
C TYR C 36 -5.75 19.12 -32.95
N GLN C 37 -4.98 20.06 -33.52
CA GLN C 37 -5.24 20.60 -34.85
C GLN C 37 -3.92 20.63 -35.61
N GLN C 38 -3.70 19.63 -36.46
CA GLN C 38 -2.47 19.51 -37.23
C GLN C 38 -2.72 19.97 -38.66
N LYS C 39 -2.21 21.15 -38.99
CA LYS C 39 -2.31 21.64 -40.36
C LYS C 39 -1.41 20.82 -41.29
N PRO C 40 -1.78 20.70 -42.57
CA PRO C 40 -0.90 19.98 -43.50
C PRO C 40 0.42 20.73 -43.70
N GLY C 41 1.51 20.01 -43.46
CA GLY C 41 2.83 20.61 -43.53
C GLY C 41 3.22 21.43 -42.32
N LYS C 42 2.44 21.37 -41.24
CA LYS C 42 2.71 22.14 -40.04
C LYS C 42 2.61 21.24 -38.81
N ALA C 43 3.27 21.67 -37.74
CA ALA C 43 3.27 20.90 -36.51
C ALA C 43 1.90 20.93 -35.85
N PRO C 44 1.48 19.83 -35.21
CA PRO C 44 0.22 19.83 -34.48
C PRO C 44 0.28 20.74 -33.26
N GLN C 45 -0.88 21.28 -32.89
CA GLN C 45 -1.00 22.14 -31.71
C GLN C 45 -2.21 21.72 -30.91
N LEU C 46 -2.12 21.91 -29.59
CA LEU C 46 -3.21 21.55 -28.69
C LEU C 46 -4.35 22.54 -28.83
N LEU C 47 -5.59 22.03 -28.76
CA LEU C 47 -6.78 22.86 -28.82
C LEU C 47 -7.49 22.92 -27.46
N ILE C 48 -7.88 21.77 -26.90
CA ILE C 48 -8.47 21.70 -25.58
C ILE C 48 -7.73 20.62 -24.78
N TYR C 49 -7.84 20.71 -23.47
CA TYR C 49 -7.29 19.70 -22.57
C TYR C 49 -8.28 19.44 -21.45
N ALA C 50 -8.24 18.20 -20.94
CA ALA C 50 -9.15 17.68 -19.91
C ALA C 50 -10.62 17.72 -20.34
N ALA C 51 -10.87 17.83 -21.64
CA ALA C 51 -12.19 17.69 -22.27
C ALA C 51 -13.20 18.76 -21.84
N SER C 52 -12.80 19.69 -20.98
CA SER C 52 -13.72 20.74 -20.53
C SER C 52 -13.06 22.12 -20.59
N THR C 53 -11.74 22.15 -20.50
CA THR C 53 -11.01 23.41 -20.44
C THR C 53 -10.59 23.85 -21.84
N LEU C 54 -9.75 24.89 -21.91
CA LEU C 54 -9.27 25.42 -23.17
C LEU C 54 -7.84 25.92 -23.00
N GLN C 55 -7.00 25.59 -23.98
CA GLN C 55 -5.61 26.04 -23.94
C GLN C 55 -5.53 27.53 -24.26
N SER C 56 -4.59 28.22 -23.60
CA SER C 56 -4.39 29.64 -23.85
C SER C 56 -3.86 29.86 -25.26
N GLY C 57 -4.40 30.88 -25.93
CA GLY C 57 -4.06 31.19 -27.30
C GLY C 57 -5.00 30.57 -28.33
N VAL C 58 -5.74 29.55 -27.94
CA VAL C 58 -6.74 28.95 -28.83
C VAL C 58 -7.96 29.87 -28.89
N PRO C 59 -8.48 30.18 -30.08
CA PRO C 59 -9.68 31.04 -30.18
C PRO C 59 -10.87 30.39 -29.49
N PRO C 60 -11.72 31.20 -28.81
CA PRO C 60 -12.86 30.67 -28.05
C PRO C 60 -14.01 30.16 -28.92
N ARG C 61 -13.71 29.19 -29.79
CA ARG C 61 -14.73 28.56 -30.63
C ARG C 61 -14.75 27.04 -30.52
N PHE C 62 -13.62 26.41 -30.22
CA PHE C 62 -13.58 24.96 -30.05
C PHE C 62 -13.95 24.62 -28.61
N SER C 63 -15.02 23.85 -28.44
CA SER C 63 -15.52 23.46 -27.13
C SER C 63 -15.52 21.93 -27.03
N GLY C 64 -15.96 21.43 -25.88
CA GLY C 64 -16.03 20.01 -25.64
C GLY C 64 -16.76 19.64 -24.37
N SER C 65 -17.51 18.54 -24.40
CA SER C 65 -18.26 18.11 -23.23
C SER C 65 -18.48 16.61 -23.33
N GLY C 66 -17.77 15.84 -22.51
CA GLY C 66 -17.92 14.40 -22.47
C GLY C 66 -17.59 13.82 -21.11
N SER C 67 -18.49 13.02 -20.55
CA SER C 67 -18.27 12.52 -19.19
C SER C 67 -17.36 11.30 -19.18
N GLY C 68 -17.84 10.18 -19.73
CA GLY C 68 -17.03 8.97 -19.71
C GLY C 68 -16.76 8.31 -21.05
N THR C 69 -17.69 8.43 -22.00
CA THR C 69 -17.53 7.69 -23.24
C THR C 69 -17.70 8.54 -24.49
N ASP C 70 -18.65 9.46 -24.50
CA ASP C 70 -19.01 10.23 -25.69
C ASP C 70 -18.49 11.65 -25.56
N PHE C 71 -17.43 11.96 -26.30
CA PHE C 71 -16.84 13.30 -26.32
C PHE C 71 -17.17 13.99 -27.63
N THR C 72 -16.94 15.30 -27.66
CA THR C 72 -17.28 16.09 -28.84
C THR C 72 -16.33 17.28 -28.94
N LEU C 73 -16.25 17.83 -30.15
CA LEU C 73 -15.45 19.01 -30.46
C LEU C 73 -16.27 20.00 -31.29
N THR C 74 -17.49 20.29 -30.82
CA THR C 74 -18.38 21.19 -31.54
C THR C 74 -17.81 22.60 -31.60
N ILE C 75 -17.87 23.20 -32.77
CA ILE C 75 -17.40 24.57 -33.00
C ILE C 75 -18.61 25.41 -33.42
N THR C 76 -18.82 26.52 -32.72
CA THR C 76 -19.97 27.37 -33.01
C THR C 76 -19.84 28.06 -34.36
N SER C 77 -18.67 28.61 -34.66
CA SER C 77 -18.41 29.28 -35.92
C SER C 77 -17.18 28.67 -36.57
N LEU C 78 -17.32 28.26 -37.83
CA LEU C 78 -16.22 27.65 -38.57
C LEU C 78 -15.51 28.71 -39.40
N GLN C 79 -14.19 28.76 -39.27
CA GLN C 79 -13.36 29.75 -39.95
C GLN C 79 -12.53 29.07 -41.04
N PRO C 80 -12.15 29.82 -42.09
CA PRO C 80 -11.28 29.22 -43.12
C PRO C 80 -9.88 28.86 -42.63
N GLU C 81 -9.41 29.45 -41.53
CA GLU C 81 -8.05 29.20 -41.09
C GLU C 81 -7.89 27.86 -40.37
N ASP C 82 -8.91 27.39 -39.67
CA ASP C 82 -8.83 26.14 -38.91
C ASP C 82 -9.41 24.98 -39.70
N PHE C 83 -8.84 24.75 -40.88
CA PHE C 83 -9.21 23.63 -41.74
C PHE C 83 -8.06 22.63 -41.70
N ALA C 84 -8.13 21.71 -40.74
CA ALA C 84 -7.06 20.73 -40.53
C ALA C 84 -7.67 19.46 -39.96
N SER C 85 -6.82 18.57 -39.46
CA SER C 85 -7.23 17.30 -38.90
C SER C 85 -7.31 17.39 -37.38
N TYR C 86 -8.08 16.46 -36.79
CA TYR C 86 -8.29 16.42 -35.36
C TYR C 86 -8.06 15.00 -34.85
N TYR C 87 -7.54 14.91 -33.63
CA TYR C 87 -7.24 13.63 -32.99
C TYR C 87 -7.66 13.68 -31.53
N CYS C 88 -8.13 12.55 -31.01
CA CYS C 88 -8.48 12.42 -29.60
C CYS C 88 -7.41 11.59 -28.91
N GLN C 89 -6.84 12.15 -27.83
CA GLN C 89 -5.71 11.57 -27.14
C GLN C 89 -6.05 11.30 -25.69
N GLN C 90 -5.68 10.11 -25.20
CA GLN C 90 -5.88 9.72 -23.81
C GLN C 90 -4.67 8.93 -23.34
N ALA C 91 -4.20 9.21 -22.14
CA ALA C 91 -3.03 8.55 -21.58
C ALA C 91 -3.44 7.49 -20.56
N ASN C 92 -2.54 6.52 -20.37
CA ASN C 92 -2.70 5.46 -19.40
C ASN C 92 -2.20 5.99 -18.05
N SER C 93 -2.22 5.16 -17.01
CA SER C 93 -1.61 5.53 -15.74
C SER C 93 -0.13 5.81 -15.91
N VAL C 94 0.57 4.96 -16.66
CA VAL C 94 1.88 5.31 -17.17
C VAL C 94 1.71 6.18 -18.40
N LEU C 95 2.74 6.97 -18.72
CA LEU C 95 2.62 7.91 -19.83
C LEU C 95 2.73 7.20 -21.18
N ALA C 96 1.74 6.39 -21.50
CA ALA C 96 1.64 5.72 -22.80
C ALA C 96 0.44 6.31 -23.53
N LEU C 97 0.71 7.05 -24.60
CA LEU C 97 -0.32 7.80 -25.29
C LEU C 97 -1.01 6.92 -26.34
N THR C 98 -2.29 7.20 -26.57
CA THR C 98 -3.11 6.45 -27.53
C THR C 98 -3.86 7.46 -28.39
N PHE C 99 -3.27 7.86 -29.51
CA PHE C 99 -3.91 8.79 -30.42
C PHE C 99 -4.94 8.08 -31.27
N GLY C 100 -6.06 8.76 -31.52
CA GLY C 100 -7.14 8.21 -32.31
C GLY C 100 -6.96 8.47 -33.79
N GLY C 101 -8.06 8.27 -34.53
CA GLY C 101 -8.04 8.48 -35.96
C GLY C 101 -8.10 9.95 -36.33
N GLY C 102 -7.94 10.21 -37.63
CA GLY C 102 -7.93 11.56 -38.15
C GLY C 102 -9.23 11.89 -38.86
N THR C 103 -9.76 13.07 -38.57
CA THR C 103 -10.98 13.57 -39.19
C THR C 103 -10.66 14.90 -39.85
N LYS C 104 -10.96 15.01 -41.14
CA LYS C 104 -10.65 16.19 -41.93
C LYS C 104 -11.93 16.94 -42.29
N VAL C 105 -11.87 18.27 -42.21
CA VAL C 105 -12.99 19.14 -42.54
C VAL C 105 -12.66 19.84 -43.85
N GLU C 106 -13.54 19.72 -44.84
CA GLU C 106 -13.33 20.29 -46.16
C GLU C 106 -14.48 21.22 -46.52
N ILE C 107 -14.17 22.18 -47.39
CA ILE C 107 -15.17 23.14 -47.85
C ILE C 107 -16.06 22.49 -48.90
N LYS C 108 -17.35 22.83 -48.87
CA LYS C 108 -18.29 22.28 -49.83
C LYS C 108 -18.02 22.84 -51.23
N ARG C 109 -18.30 22.01 -52.24
CA ARG C 109 -18.04 22.37 -53.62
C ARG C 109 -19.09 21.70 -54.50
N THR C 110 -19.26 22.23 -55.71
CA THR C 110 -20.18 21.66 -56.67
C THR C 110 -19.73 20.26 -57.08
N VAL C 111 -20.70 19.40 -57.37
CA VAL C 111 -20.40 18.01 -57.73
C VAL C 111 -19.64 17.96 -59.05
N ALA C 112 -20.05 18.75 -60.02
CA ALA C 112 -19.43 18.88 -61.36
C ALA C 112 -19.41 17.50 -62.01
N ALA C 113 -18.33 17.13 -62.70
CA ALA C 113 -18.23 15.82 -63.34
C ALA C 113 -16.78 15.37 -63.36
N PRO C 114 -16.53 14.08 -63.09
CA PRO C 114 -15.15 13.57 -63.18
C PRO C 114 -14.70 13.41 -64.63
N SER C 115 -14.18 14.50 -65.21
CA SER C 115 -13.75 14.48 -66.61
C SER C 115 -12.63 13.47 -66.81
N VAL C 116 -12.86 12.51 -67.70
CA VAL C 116 -11.92 11.42 -67.94
C VAL C 116 -11.05 11.79 -69.14
N PHE C 117 -9.73 11.69 -68.96
CA PHE C 117 -8.77 11.97 -70.02
C PHE C 117 -7.82 10.78 -70.13
N ILE C 118 -7.96 10.01 -71.21
CA ILE C 118 -7.10 8.85 -71.43
C ILE C 118 -5.77 9.31 -72.00
N PHE C 119 -4.72 8.53 -71.75
CA PHE C 119 -3.37 8.87 -72.18
C PHE C 119 -2.62 7.58 -72.50
N PRO C 120 -2.46 7.23 -73.78
CA PRO C 120 -1.64 6.09 -74.13
C PRO C 120 -0.17 6.37 -73.84
N PRO C 121 0.61 5.34 -73.53
CA PRO C 121 2.05 5.55 -73.34
C PRO C 121 2.74 5.95 -74.63
N SER C 122 3.78 6.75 -74.51
CA SER C 122 4.51 7.25 -75.66
C SER C 122 5.44 6.16 -76.21
N ASP C 123 5.90 6.38 -77.45
CA ASP C 123 6.81 5.42 -78.08
C ASP C 123 8.20 5.48 -77.49
N GLU C 124 8.55 6.55 -76.76
CA GLU C 124 9.84 6.61 -76.09
C GLU C 124 9.93 5.58 -74.97
N GLN C 125 8.81 5.34 -74.27
CA GLN C 125 8.77 4.36 -73.19
C GLN C 125 8.81 2.93 -73.69
N LEU C 126 8.66 2.70 -75.00
CA LEU C 126 8.70 1.35 -75.54
C LEU C 126 10.07 0.71 -75.35
N LYS C 127 11.14 1.49 -75.57
CA LYS C 127 12.49 0.97 -75.40
C LYS C 127 12.89 0.81 -73.95
N SER C 128 12.15 1.41 -73.01
CA SER C 128 12.48 1.28 -71.59
C SER C 128 12.10 -0.08 -71.03
N GLY C 129 11.21 -0.82 -71.70
CA GLY C 129 10.79 -2.12 -71.25
C GLY C 129 9.61 -2.13 -70.31
N THR C 130 9.14 -0.96 -69.88
CA THR C 130 7.99 -0.85 -68.99
C THR C 130 6.96 0.06 -69.62
N ALA C 131 5.70 -0.38 -69.64
CA ALA C 131 4.61 0.39 -70.21
C ALA C 131 3.66 0.84 -69.10
N SER C 132 3.40 2.15 -69.05
CA SER C 132 2.51 2.73 -68.06
C SER C 132 1.43 3.54 -68.77
N VAL C 133 0.18 3.23 -68.48
CA VAL C 133 -0.97 3.93 -69.04
C VAL C 133 -1.83 4.44 -67.90
N VAL C 134 -2.24 5.71 -67.97
CA VAL C 134 -3.01 6.36 -66.92
C VAL C 134 -4.24 7.02 -67.54
N CYS C 135 -5.23 7.26 -66.69
CA CYS C 135 -6.39 8.07 -67.03
C CYS C 135 -6.61 9.12 -65.95
N LEU C 136 -6.94 10.34 -66.36
CA LEU C 136 -6.95 11.48 -65.47
C LEU C 136 -8.36 11.81 -65.00
N LEU C 137 -8.48 12.25 -63.75
CA LEU C 137 -9.72 12.73 -63.18
C LEU C 137 -9.51 14.15 -62.66
N ASN C 138 -10.45 15.03 -63.00
CA ASN C 138 -10.34 16.43 -62.60
C ASN C 138 -11.73 16.99 -62.35
N ASN C 139 -11.76 18.09 -61.58
CA ASN C 139 -12.96 18.83 -61.18
C ASN C 139 -14.11 17.91 -60.77
N PHE C 140 -13.85 17.11 -59.73
CA PHE C 140 -14.83 16.19 -59.20
C PHE C 140 -14.96 16.37 -57.70
N TYR C 141 -16.18 16.12 -57.19
CA TYR C 141 -16.48 16.24 -55.77
C TYR C 141 -17.75 15.44 -55.52
N PRO C 142 -17.84 14.70 -54.42
CA PRO C 142 -16.82 14.50 -53.37
C PRO C 142 -15.78 13.46 -53.74
N ARG C 143 -15.07 12.92 -52.76
CA ARG C 143 -14.01 11.94 -53.00
C ARG C 143 -14.52 10.60 -53.51
N GLU C 144 -15.83 10.36 -53.46
CA GLU C 144 -16.39 9.09 -53.94
C GLU C 144 -16.33 9.02 -55.45
N ALA C 145 -15.28 8.40 -55.99
CA ALA C 145 -15.12 8.29 -57.44
C ALA C 145 -14.34 7.00 -57.72
N LYS C 146 -15.01 6.03 -58.34
CA LYS C 146 -14.34 4.77 -58.67
C LYS C 146 -13.35 4.99 -59.82
N VAL C 147 -12.24 4.26 -59.76
CA VAL C 147 -11.17 4.42 -60.74
C VAL C 147 -10.85 3.04 -61.32
N GLN C 148 -11.81 2.13 -61.23
CA GLN C 148 -11.63 0.76 -61.69
C GLN C 148 -11.34 0.71 -63.19
N TRP C 149 -10.31 -0.04 -63.57
CA TRP C 149 -9.87 -0.15 -64.95
C TRP C 149 -10.49 -1.37 -65.61
N LYS C 150 -10.86 -1.22 -66.88
CA LYS C 150 -11.41 -2.31 -67.68
C LYS C 150 -10.46 -2.58 -68.85
N VAL C 151 -9.94 -3.80 -68.89
CA VAL C 151 -9.03 -4.23 -69.95
C VAL C 151 -9.64 -5.45 -70.62
N ASP C 152 -9.91 -5.33 -71.94
CA ASP C 152 -10.53 -6.39 -72.74
C ASP C 152 -11.85 -6.85 -72.13
N ASN C 153 -12.64 -5.89 -71.64
CA ASN C 153 -13.93 -6.14 -71.00
C ASN C 153 -13.80 -7.12 -69.83
N ALA C 154 -12.73 -6.95 -69.04
CA ALA C 154 -12.48 -7.80 -67.89
C ALA C 154 -12.08 -6.95 -66.70
N LEU C 155 -12.32 -7.48 -65.51
CA LEU C 155 -12.01 -6.77 -64.28
C LEU C 155 -10.53 -6.92 -63.94
N GLN C 156 -9.90 -5.80 -63.57
CA GLN C 156 -8.50 -5.77 -63.16
C GLN C 156 -8.41 -5.28 -61.72
N SER C 157 -7.71 -6.03 -60.88
CA SER C 157 -7.55 -5.69 -59.47
C SER C 157 -6.09 -5.80 -59.08
N GLY C 158 -5.67 -4.92 -58.17
CA GLY C 158 -4.30 -4.90 -57.69
C GLY C 158 -3.28 -4.55 -58.74
N ASN C 159 -3.58 -3.57 -59.61
CA ASN C 159 -2.66 -3.16 -60.65
C ASN C 159 -2.48 -1.66 -60.78
N SER C 160 -3.26 -0.86 -60.05
CA SER C 160 -3.17 0.60 -60.11
C SER C 160 -3.09 1.17 -58.70
N GLN C 161 -2.38 2.29 -58.57
CA GLN C 161 -2.22 2.97 -57.30
C GLN C 161 -2.75 4.39 -57.41
N GLU C 162 -3.63 4.76 -56.48
CA GLU C 162 -4.29 6.06 -56.54
C GLU C 162 -3.37 7.17 -56.04
N SER C 163 -3.50 8.34 -56.66
CA SER C 163 -2.75 9.53 -56.25
C SER C 163 -3.69 10.72 -56.27
N VAL C 164 -3.95 11.29 -55.09
CA VAL C 164 -4.87 12.41 -54.94
C VAL C 164 -4.10 13.61 -54.41
N THR C 165 -4.27 14.76 -55.06
CA THR C 165 -3.60 15.99 -54.66
C THR C 165 -4.40 16.70 -53.56
N GLU C 166 -3.76 17.70 -52.95
CA GLU C 166 -4.39 18.47 -51.89
C GLU C 166 -5.34 19.51 -52.49
N GLN C 167 -6.23 20.02 -51.65
CA GLN C 167 -7.19 21.02 -52.09
C GLN C 167 -6.51 22.36 -52.31
N ASP C 168 -6.82 22.98 -53.44
CA ASP C 168 -6.25 24.27 -53.75
C ASP C 168 -6.93 25.36 -52.95
N SER C 169 -6.24 26.48 -52.78
CA SER C 169 -6.78 27.60 -52.03
C SER C 169 -7.61 28.56 -52.88
N LYS C 170 -7.74 28.30 -54.18
CA LYS C 170 -8.50 29.18 -55.06
C LYS C 170 -9.99 28.84 -55.06
N ASP C 171 -10.33 27.60 -55.41
CA ASP C 171 -11.73 27.19 -55.45
C ASP C 171 -11.97 25.80 -54.87
N SER C 172 -10.96 25.20 -54.23
CA SER C 172 -11.06 23.88 -53.60
C SER C 172 -11.48 22.81 -54.61
N THR C 173 -10.62 22.58 -55.59
CA THR C 173 -10.87 21.62 -56.66
C THR C 173 -10.02 20.37 -56.42
N TYR C 174 -10.66 19.21 -56.53
CA TYR C 174 -9.98 17.93 -56.35
C TYR C 174 -9.45 17.40 -57.68
N SER C 175 -8.43 16.55 -57.60
CA SER C 175 -7.85 15.91 -58.77
C SER C 175 -7.39 14.52 -58.38
N LEU C 176 -7.58 13.56 -59.30
CA LEU C 176 -7.22 12.18 -59.06
C LEU C 176 -6.50 11.62 -60.28
N SER C 177 -5.57 10.70 -60.02
CA SER C 177 -4.81 10.05 -61.07
C SER C 177 -4.30 8.72 -60.55
N SER C 178 -4.40 7.68 -61.38
CA SER C 178 -3.94 6.34 -61.03
C SER C 178 -2.95 5.86 -62.07
N THR C 179 -1.87 5.22 -61.62
CA THR C 179 -0.82 4.72 -62.49
C THR C 179 -0.84 3.20 -62.51
N LEU C 180 -0.91 2.63 -63.70
CA LEU C 180 -0.90 1.19 -63.91
C LEU C 180 0.43 0.79 -64.53
N THR C 181 1.11 -0.17 -63.91
CA THR C 181 2.42 -0.62 -64.36
C THR C 181 2.31 -2.05 -64.90
N LEU C 182 2.83 -2.26 -66.11
CA LEU C 182 2.82 -3.57 -66.73
C LEU C 182 4.06 -3.72 -67.59
N SER C 183 4.46 -4.97 -67.80
CA SER C 183 5.62 -5.26 -68.63
C SER C 183 5.28 -5.04 -70.10
N LYS C 184 6.33 -4.92 -70.92
CA LYS C 184 6.14 -4.72 -72.35
C LYS C 184 5.61 -5.97 -73.03
N ALA C 185 5.92 -7.15 -72.49
CA ALA C 185 5.38 -8.39 -73.03
C ALA C 185 3.87 -8.46 -72.85
N ASP C 186 3.38 -8.05 -71.68
CA ASP C 186 1.94 -8.03 -71.43
C ASP C 186 1.23 -6.88 -72.12
N TYR C 187 1.96 -5.84 -72.51
CA TYR C 187 1.34 -4.70 -73.21
C TYR C 187 0.83 -5.11 -74.58
N GLU C 188 1.59 -5.94 -75.29
CA GLU C 188 1.19 -6.37 -76.63
C GLU C 188 0.14 -7.47 -76.62
N LYS C 189 -0.11 -8.10 -75.47
CA LYS C 189 -1.10 -9.17 -75.40
C LYS C 189 -2.52 -8.62 -75.43
N HIS C 190 -2.76 -7.47 -74.81
CA HIS C 190 -4.08 -6.87 -74.75
C HIS C 190 -4.27 -5.84 -75.85
N LYS C 191 -5.53 -5.59 -76.19
CA LYS C 191 -5.87 -4.65 -77.25
C LYS C 191 -6.78 -3.52 -76.80
N VAL C 192 -7.61 -3.72 -75.79
CA VAL C 192 -8.56 -2.72 -75.31
C VAL C 192 -8.19 -2.34 -73.89
N TYR C 193 -8.02 -1.04 -73.65
CA TYR C 193 -7.72 -0.50 -72.33
C TYR C 193 -8.63 0.68 -72.06
N ALA C 194 -9.21 0.72 -70.85
CA ALA C 194 -10.09 1.80 -70.47
C ALA C 194 -10.24 1.82 -68.95
N CYS C 195 -10.68 2.95 -68.43
CA CYS C 195 -11.05 3.09 -67.03
C CYS C 195 -12.43 3.73 -66.94
N GLU C 196 -13.23 3.24 -65.99
CA GLU C 196 -14.60 3.70 -65.82
C GLU C 196 -14.77 4.37 -64.47
N VAL C 197 -15.67 5.35 -64.42
CA VAL C 197 -15.92 6.12 -63.20
C VAL C 197 -17.40 6.11 -62.89
N THR C 198 -17.73 6.27 -61.61
CA THR C 198 -19.10 6.39 -61.14
C THR C 198 -19.16 7.53 -60.14
N HIS C 199 -20.13 8.42 -60.31
CA HIS C 199 -20.24 9.59 -59.45
C HIS C 199 -21.68 10.05 -59.38
N GLN C 200 -21.97 10.87 -58.36
CA GLN C 200 -23.31 11.42 -58.21
C GLN C 200 -23.64 12.43 -59.30
N GLY C 201 -22.64 13.16 -59.79
CA GLY C 201 -22.87 14.16 -60.81
C GLY C 201 -23.11 13.63 -62.21
N LEU C 202 -22.91 12.33 -62.42
CA LEU C 202 -23.15 11.70 -63.71
C LEU C 202 -24.36 10.78 -63.61
N SER C 203 -25.33 10.94 -64.51
CA SER C 203 -26.48 10.05 -64.53
C SER C 203 -26.07 8.64 -64.95
N SER C 204 -25.12 8.54 -65.89
CA SER C 204 -24.60 7.27 -66.36
C SER C 204 -23.08 7.30 -66.32
N PRO C 205 -22.44 6.14 -66.12
CA PRO C 205 -20.97 6.10 -66.13
C PRO C 205 -20.43 6.48 -67.50
N VAL C 206 -19.27 7.15 -67.50
CA VAL C 206 -18.61 7.60 -68.72
C VAL C 206 -17.28 6.86 -68.82
N THR C 207 -17.07 6.17 -69.95
CA THR C 207 -15.85 5.41 -70.18
C THR C 207 -15.30 5.78 -71.55
N LYS C 208 -14.00 6.07 -71.60
CA LYS C 208 -13.29 6.37 -72.84
C LYS C 208 -12.35 5.20 -73.15
N SER C 209 -12.51 4.61 -74.32
CA SER C 209 -11.75 3.43 -74.71
C SER C 209 -11.00 3.70 -76.01
N PHE C 210 -9.70 3.40 -75.99
CA PHE C 210 -8.84 3.52 -77.17
C PHE C 210 -8.20 2.18 -77.47
N ASN C 211 -7.57 2.10 -78.63
CA ASN C 211 -6.91 0.88 -79.08
C ASN C 211 -5.43 1.15 -79.29
N ARG C 212 -4.64 0.07 -79.24
CA ARG C 212 -3.20 0.19 -79.46
C ARG C 212 -2.88 0.58 -80.89
N GLY C 213 -3.74 0.22 -81.85
CA GLY C 213 -3.57 0.66 -83.22
C GLY C 213 -4.35 1.91 -83.52
N GLU C 214 -3.68 3.05 -83.50
CA GLU C 214 -4.33 4.33 -83.75
C GLU C 214 -3.33 5.30 -84.36
N CYS C 215 -3.85 6.34 -85.01
CA CYS C 215 -3.02 7.34 -85.65
C CYS C 215 -3.38 8.75 -85.18
N VAL D 2 5.08 37.43 5.11
CA VAL D 2 3.77 38.07 5.05
C VAL D 2 3.06 37.92 6.39
N GLN D 3 1.82 38.41 6.44
CA GLN D 3 1.01 38.35 7.65
C GLN D 3 -0.42 37.96 7.29
N LEU D 4 -1.13 37.40 8.26
CA LEU D 4 -2.50 36.97 8.10
C LEU D 4 -3.41 37.82 8.98
N VAL D 5 -4.44 38.39 8.38
CA VAL D 5 -5.37 39.27 9.07
C VAL D 5 -6.74 38.61 9.09
N GLU D 6 -7.36 38.54 10.27
CA GLU D 6 -8.67 37.94 10.45
C GLU D 6 -9.68 39.02 10.82
N SER D 7 -10.91 38.59 11.08
CA SER D 7 -11.98 39.49 11.46
C SER D 7 -11.95 39.76 12.97
N GLY D 8 -12.93 40.51 13.45
CA GLY D 8 -13.04 40.85 14.85
C GLY D 8 -13.85 39.82 15.63
N ALA D 9 -14.19 40.20 16.86
CA ALA D 9 -14.98 39.34 17.72
C ALA D 9 -16.40 39.21 17.18
N GLU D 10 -16.95 37.99 17.25
CA GLU D 10 -18.29 37.71 16.75
C GLU D 10 -19.11 37.08 17.86
N VAL D 11 -20.34 37.58 18.04
CA VAL D 11 -21.28 37.06 19.02
C VAL D 11 -22.49 36.51 18.28
N LYS D 12 -22.85 35.25 18.56
CA LYS D 12 -23.93 34.60 17.84
C LYS D 12 -24.93 33.96 18.79
N LYS D 13 -25.85 33.18 18.24
CA LYS D 13 -26.95 32.55 18.97
C LYS D 13 -26.78 31.05 19.02
N PRO D 14 -27.36 30.37 20.03
CA PRO D 14 -27.27 28.90 20.08
C PRO D 14 -28.12 28.23 19.01
N GLY D 15 -27.56 28.13 17.80
CA GLY D 15 -28.28 27.55 16.67
C GLY D 15 -28.31 28.47 15.47
N SER D 16 -27.34 29.36 15.38
CA SER D 16 -27.18 30.28 14.26
C SER D 16 -26.00 29.83 13.40
N SER D 17 -25.69 30.63 12.39
CA SER D 17 -24.59 30.36 11.47
C SER D 17 -23.57 31.48 11.55
N VAL D 18 -22.29 31.11 11.57
CA VAL D 18 -21.19 32.06 11.65
C VAL D 18 -20.42 32.02 10.33
N LYS D 19 -19.74 33.13 10.03
CA LYS D 19 -18.98 33.24 8.79
C LYS D 19 -17.84 34.22 9.04
N VAL D 20 -16.64 33.68 9.27
CA VAL D 20 -15.45 34.50 9.49
C VAL D 20 -14.55 34.39 8.27
N SER D 21 -13.60 35.32 8.19
CA SER D 21 -12.66 35.38 7.08
C SER D 21 -11.25 35.58 7.59
N CYS D 22 -10.27 35.10 6.81
CA CYS D 22 -8.86 35.23 7.12
C CYS D 22 -8.17 35.81 5.88
N LYS D 23 -8.05 37.13 5.85
CA LYS D 23 -7.42 37.81 4.73
C LYS D 23 -5.89 37.73 4.83
N ALA D 24 -5.23 37.96 3.72
CA ALA D 24 -3.78 37.94 3.63
C ALA D 24 -3.27 39.31 3.23
N SER D 25 -2.26 39.80 3.94
CA SER D 25 -1.67 41.11 3.68
C SER D 25 -0.19 40.95 3.36
N GLY D 26 0.27 41.72 2.36
CA GLY D 26 1.65 41.65 1.93
C GLY D 26 1.95 40.53 0.96
N GLY D 27 0.96 39.74 0.57
CA GLY D 27 1.16 38.64 -0.35
C GLY D 27 0.03 37.64 -0.25
N THR D 28 -0.13 36.87 -1.32
CA THR D 28 -1.18 35.87 -1.39
C THR D 28 -0.76 34.60 -0.64
N PHE D 29 -1.64 33.61 -0.65
CA PHE D 29 -1.35 32.32 -0.03
C PHE D 29 -0.36 31.49 -0.84
N SER D 30 -0.04 31.89 -2.07
CA SER D 30 0.85 31.19 -2.99
C SER D 30 0.24 29.81 -3.23
N SER D 31 0.99 28.71 -3.06
CA SER D 31 0.46 27.37 -3.24
C SER D 31 0.44 26.56 -1.95
N TYR D 32 0.85 27.15 -0.83
CA TYR D 32 0.83 26.43 0.43
C TYR D 32 -0.60 26.26 0.93
N ALA D 33 -0.88 25.09 1.52
CA ALA D 33 -2.20 24.81 2.04
C ALA D 33 -2.48 25.65 3.29
N ILE D 34 -3.74 26.02 3.46
CA ILE D 34 -4.20 26.84 4.57
C ILE D 34 -5.09 26.00 5.45
N SER D 35 -4.75 25.91 6.73
CA SER D 35 -5.50 25.14 7.71
C SER D 35 -6.15 26.08 8.72
N TRP D 36 -7.07 25.50 9.51
CA TRP D 36 -7.78 26.24 10.55
C TRP D 36 -7.62 25.49 11.86
N VAL D 37 -7.14 26.20 12.88
CA VAL D 37 -6.89 25.61 14.20
C VAL D 37 -7.63 26.43 15.25
N ARG D 38 -8.40 25.76 16.08
CA ARG D 38 -9.12 26.39 17.18
C ARG D 38 -8.38 26.16 18.50
N GLN D 39 -8.78 26.92 19.52
CA GLN D 39 -8.16 26.83 20.84
C GLN D 39 -9.18 27.27 21.89
N ALA D 40 -9.56 26.34 22.78
CA ALA D 40 -10.53 26.62 23.81
C ALA D 40 -9.84 26.97 25.13
N PRO D 41 -10.44 27.85 25.93
CA PRO D 41 -9.86 28.17 27.24
C PRO D 41 -9.97 26.97 28.18
N GLY D 42 -8.82 26.56 28.73
CA GLY D 42 -8.76 25.41 29.60
C GLY D 42 -8.54 24.08 28.90
N GLN D 43 -8.55 24.07 27.57
CA GLN D 43 -8.33 22.86 26.78
C GLN D 43 -7.20 23.09 25.81
N GLY D 44 -6.93 22.09 24.97
CA GLY D 44 -5.89 22.15 23.98
C GLY D 44 -6.38 22.73 22.66
N LEU D 45 -5.59 22.51 21.62
CA LEU D 45 -5.90 22.99 20.28
C LEU D 45 -6.36 21.82 19.41
N GLU D 46 -7.49 22.01 18.72
CA GLU D 46 -8.03 21.03 17.81
C GLU D 46 -7.71 21.43 16.38
N TRP D 47 -8.25 20.67 15.42
CA TRP D 47 -8.00 20.91 13.99
C TRP D 47 -9.26 20.57 13.22
N MET D 48 -9.98 21.60 12.76
CA MET D 48 -11.21 21.37 12.01
C MET D 48 -10.92 20.86 10.60
N GLY D 49 -9.92 21.42 9.93
CA GLY D 49 -9.59 21.00 8.59
C GLY D 49 -8.65 21.98 7.93
N GLY D 50 -8.36 21.69 6.67
CA GLY D 50 -7.46 22.53 5.89
C GLY D 50 -7.90 22.60 4.45
N ILE D 51 -7.48 23.68 3.78
CA ILE D 51 -7.87 23.96 2.41
C ILE D 51 -6.62 24.08 1.56
N ILE D 52 -6.70 23.59 0.32
CA ILE D 52 -5.66 23.84 -0.68
C ILE D 52 -6.17 24.94 -1.59
N PRO D 53 -5.62 26.15 -1.51
CA PRO D 53 -6.18 27.27 -2.28
C PRO D 53 -6.00 27.16 -3.79
N ILE D 54 -4.98 26.44 -4.25
CA ILE D 54 -4.74 26.35 -5.69
C ILE D 54 -5.70 25.38 -6.36
N LEU D 55 -6.42 24.55 -5.61
CA LEU D 55 -7.40 23.63 -6.16
C LEU D 55 -8.77 23.73 -5.51
N GLY D 56 -8.92 24.44 -4.41
CA GLY D 56 -10.19 24.52 -3.72
C GLY D 56 -10.68 23.20 -3.14
N ILE D 57 -9.78 22.45 -2.49
CA ILE D 57 -10.09 21.13 -1.96
C ILE D 57 -9.91 21.16 -0.45
N ALA D 58 -10.94 20.73 0.27
CA ALA D 58 -10.94 20.76 1.73
C ALA D 58 -10.90 19.34 2.28
N ASN D 59 -10.19 19.16 3.39
CA ASN D 59 -10.02 17.86 4.04
C ASN D 59 -10.40 18.08 5.50
N TYR D 60 -11.53 17.53 5.92
CA TYR D 60 -12.07 17.75 7.25
C TYR D 60 -11.47 16.75 8.24
N ALA D 61 -11.98 16.76 9.47
CA ALA D 61 -11.57 15.84 10.52
C ALA D 61 -12.73 14.93 10.89
N GLN D 62 -12.43 13.90 11.69
CA GLN D 62 -13.47 12.96 12.11
C GLN D 62 -14.37 13.54 13.20
N LYS D 63 -13.82 14.38 14.08
CA LYS D 63 -14.62 14.93 15.17
C LYS D 63 -15.65 15.93 14.64
N PHE D 64 -15.29 16.73 13.64
CA PHE D 64 -16.21 17.71 13.06
C PHE D 64 -16.89 17.07 11.85
N GLN D 65 -18.21 16.91 11.93
CA GLN D 65 -18.98 16.25 10.89
C GLN D 65 -19.23 17.22 9.74
N GLY D 66 -20.16 16.87 8.84
CA GLY D 66 -20.45 17.67 7.68
C GLY D 66 -21.37 18.86 7.95
N ARG D 67 -21.12 19.57 9.06
CA ARG D 67 -21.87 20.77 9.39
C ARG D 67 -21.05 22.05 9.23
N VAL D 68 -19.73 21.93 9.08
CA VAL D 68 -18.85 23.08 8.88
C VAL D 68 -18.15 22.93 7.53
N THR D 69 -18.25 23.97 6.71
CA THR D 69 -17.63 24.01 5.38
C THR D 69 -16.62 25.14 5.34
N ILE D 70 -15.42 24.85 4.84
CA ILE D 70 -14.35 25.83 4.74
C ILE D 70 -14.08 26.08 3.27
N THR D 71 -14.14 27.36 2.87
CA THR D 71 -13.90 27.76 1.49
C THR D 71 -12.81 28.83 1.46
N ALA D 72 -12.00 28.81 0.41
CA ALA D 72 -10.88 29.75 0.28
C ALA D 72 -10.87 30.27 -1.16
N ASP D 73 -11.12 31.57 -1.32
CA ASP D 73 -11.03 32.19 -2.63
C ASP D 73 -9.56 32.47 -2.97
N LYS D 74 -9.11 31.93 -4.11
CA LYS D 74 -7.71 32.07 -4.50
C LYS D 74 -7.37 33.44 -5.05
N SER D 75 -8.29 34.08 -5.76
CA SER D 75 -8.01 35.39 -6.36
C SER D 75 -7.82 36.46 -5.30
N THR D 76 -8.68 36.48 -4.29
CA THR D 76 -8.57 37.47 -3.22
C THR D 76 -7.71 37.00 -2.05
N SER D 77 -7.30 35.72 -2.05
CA SER D 77 -6.48 35.13 -0.99
C SER D 77 -7.14 35.29 0.38
N THR D 78 -8.37 34.77 0.48
CA THR D 78 -9.15 34.84 1.70
C THR D 78 -9.85 33.52 1.93
N ALA D 79 -9.65 32.94 3.11
CA ALA D 79 -10.28 31.69 3.50
C ALA D 79 -11.48 31.95 4.41
N TYR D 80 -12.40 31.00 4.44
CA TYR D 80 -13.61 31.11 5.22
C TYR D 80 -13.79 29.86 6.09
N MET D 81 -14.54 30.02 7.16
CA MET D 81 -14.78 28.95 8.14
C MET D 81 -16.27 28.90 8.49
N GLU D 82 -17.11 28.84 7.47
CA GLU D 82 -18.55 28.79 7.66
C GLU D 82 -18.97 27.55 8.44
N LEU D 83 -19.64 27.76 9.58
CA LEU D 83 -20.08 26.69 10.45
C LEU D 83 -21.54 26.91 10.82
N SER D 84 -22.27 25.80 10.95
CA SER D 84 -23.69 25.83 11.28
C SER D 84 -23.94 25.01 12.53
N SER D 85 -25.13 25.20 13.10
CA SER D 85 -25.57 24.51 14.32
C SER D 85 -24.61 24.78 15.48
N LEU D 86 -24.52 26.04 15.87
CA LEU D 86 -23.63 26.45 16.94
C LEU D 86 -24.11 25.92 18.28
N ARG D 87 -23.16 25.64 19.17
CA ARG D 87 -23.44 25.09 20.48
C ARG D 87 -22.68 25.91 21.52
N SER D 88 -23.25 26.00 22.72
CA SER D 88 -22.68 26.81 23.80
C SER D 88 -21.29 26.34 24.21
N GLU D 89 -20.91 25.10 23.90
CA GLU D 89 -19.55 24.65 24.16
C GLU D 89 -18.56 25.39 23.26
N ASP D 90 -18.97 25.72 22.04
CA ASP D 90 -18.09 26.37 21.06
C ASP D 90 -17.96 27.85 21.41
N THR D 91 -17.15 28.11 22.44
CA THR D 91 -16.79 29.47 22.85
C THR D 91 -15.29 29.71 22.70
N ALA D 92 -14.69 29.12 21.67
CA ALA D 92 -13.25 29.16 21.48
C ALA D 92 -12.88 30.19 20.41
N VAL D 93 -11.58 30.50 20.36
CA VAL D 93 -11.04 31.35 19.33
C VAL D 93 -10.55 30.48 18.18
N TYR D 94 -10.39 31.08 17.00
CA TYR D 94 -10.03 30.36 15.80
C TYR D 94 -8.87 31.06 15.11
N TYR D 95 -7.89 30.27 14.66
CA TYR D 95 -6.74 30.77 13.91
C TYR D 95 -6.68 30.09 12.56
N CYS D 96 -6.20 30.82 11.56
CA CYS D 96 -5.94 30.27 10.24
C CYS D 96 -4.44 29.97 10.13
N ALA D 97 -4.10 28.71 9.93
CA ALA D 97 -2.72 28.25 9.95
C ALA D 97 -2.19 28.04 8.53
N ARG D 98 -0.94 28.41 8.33
CA ARG D 98 -0.26 28.26 7.05
C ARG D 98 0.76 27.12 7.17
N GLU D 99 0.50 26.02 6.48
CA GLU D 99 1.40 24.87 6.55
C GLU D 99 2.64 25.09 5.70
N ASN D 100 3.69 24.33 6.01
CA ASN D 100 4.96 24.39 5.28
C ASN D 100 5.53 22.97 5.23
N GLY D 101 5.39 22.31 4.08
CA GLY D 101 5.87 20.96 3.94
C GLY D 101 7.37 20.89 3.69
N TYR D 102 7.89 19.67 3.73
CA TYR D 102 9.31 19.41 3.54
C TYR D 102 9.48 17.97 3.08
N SER D 103 10.74 17.56 2.92
CA SER D 103 11.08 16.21 2.47
C SER D 103 11.78 15.47 3.61
N GLY D 104 11.29 14.27 3.90
CA GLY D 104 11.91 13.46 4.93
C GLY D 104 11.05 12.25 5.24
N TYR D 105 11.54 11.46 6.20
CA TYR D 105 10.83 10.27 6.63
C TYR D 105 9.62 10.60 7.49
N GLY D 106 9.57 11.79 8.09
CA GLY D 106 8.47 12.17 8.93
C GLY D 106 7.24 12.62 8.18
N ALA D 107 7.40 13.66 7.34
CA ALA D 107 6.31 14.24 6.54
C ALA D 107 5.15 14.68 7.42
N ALA D 108 5.47 15.34 8.53
CA ALA D 108 4.47 15.89 9.44
C ALA D 108 4.26 17.37 9.13
N ALA D 109 3.01 17.77 8.95
CA ALA D 109 2.70 19.14 8.59
C ALA D 109 2.94 20.08 9.76
N ASN D 110 3.71 21.15 9.51
CA ASN D 110 4.02 22.15 10.52
C ASN D 110 3.41 23.48 10.11
N PHE D 111 2.77 24.16 11.05
CA PHE D 111 2.12 25.44 10.79
C PHE D 111 3.15 26.55 11.03
N ASP D 112 3.68 27.10 9.93
CA ASP D 112 4.72 28.11 10.03
C ASP D 112 4.12 29.46 10.42
N LEU D 113 3.08 29.89 9.70
CA LEU D 113 2.45 31.19 9.93
C LEU D 113 1.05 31.00 10.46
N TRP D 114 0.70 31.77 11.49
CA TRP D 114 -0.59 31.70 12.15
C TRP D 114 -1.33 33.01 11.98
N GLY D 115 -2.59 33.01 12.42
CA GLY D 115 -3.43 34.20 12.39
C GLY D 115 -3.31 35.02 13.66
N ARG D 116 -4.39 35.73 13.98
CA ARG D 116 -4.44 36.54 15.19
C ARG D 116 -5.61 36.21 16.10
N GLY D 117 -6.52 35.33 15.68
CA GLY D 117 -7.60 34.90 16.55
C GLY D 117 -8.93 35.59 16.30
N THR D 118 -10.00 34.82 16.32
CA THR D 118 -11.36 35.33 16.19
C THR D 118 -12.20 34.71 17.31
N LEU D 119 -12.43 35.48 18.38
CA LEU D 119 -13.19 34.99 19.52
C LEU D 119 -14.67 34.91 19.16
N VAL D 120 -15.18 33.69 19.04
CA VAL D 120 -16.59 33.44 18.75
C VAL D 120 -17.24 32.91 20.02
N THR D 121 -18.25 33.61 20.51
CA THR D 121 -18.92 33.25 21.74
C THR D 121 -20.41 33.07 21.48
N VAL D 122 -21.05 32.25 22.32
CA VAL D 122 -22.47 31.95 22.23
C VAL D 122 -23.17 32.50 23.46
N SER D 123 -24.22 33.29 23.24
CA SER D 123 -24.97 33.88 24.34
C SER D 123 -26.43 33.99 23.92
N SER D 124 -27.31 33.33 24.68
CA SER D 124 -28.74 33.38 24.37
C SER D 124 -29.35 34.72 24.74
N ALA D 125 -28.78 35.41 25.73
CA ALA D 125 -29.31 36.70 26.15
C ALA D 125 -29.08 37.76 25.08
N SER D 126 -30.07 38.63 24.91
CA SER D 126 -30.00 39.69 23.92
C SER D 126 -29.36 40.94 24.53
N THR D 127 -29.25 42.00 23.72
CA THR D 127 -28.65 43.24 24.17
C THR D 127 -29.65 44.05 24.99
N LYS D 128 -29.21 44.52 26.16
CA LYS D 128 -30.03 45.33 27.05
C LYS D 128 -29.29 46.61 27.40
N GLY D 129 -29.90 47.42 28.27
CA GLY D 129 -29.33 48.68 28.68
C GLY D 129 -28.64 48.60 30.02
N PRO D 130 -27.38 49.01 30.08
CA PRO D 130 -26.64 48.97 31.34
C PRO D 130 -27.13 50.01 32.33
N SER D 131 -26.93 49.71 33.62
CA SER D 131 -27.29 50.61 34.70
C SER D 131 -26.11 50.75 35.66
N VAL D 132 -25.79 52.00 36.01
CA VAL D 132 -24.64 52.32 36.85
C VAL D 132 -25.12 53.12 38.05
N PHE D 133 -24.66 52.73 39.24
CA PHE D 133 -24.93 53.47 40.46
C PHE D 133 -23.61 53.82 41.16
N PRO D 134 -23.53 54.99 41.79
CA PRO D 134 -22.25 55.46 42.34
C PRO D 134 -22.01 54.94 43.74
N LEU D 135 -20.73 54.77 44.07
CA LEU D 135 -20.32 54.27 45.38
C LEU D 135 -19.42 55.30 46.05
N ALA D 136 -19.65 55.53 47.34
CA ALA D 136 -18.89 56.49 48.12
C ALA D 136 -18.48 55.84 49.44
N PRO D 137 -17.31 56.18 49.97
CA PRO D 137 -16.88 55.62 51.24
C PRO D 137 -17.63 56.24 52.41
N SER D 138 -17.63 55.50 53.53
CA SER D 138 -18.30 55.93 54.75
C SER D 138 -17.29 56.57 55.69
N SER D 139 -17.78 56.99 56.86
CA SER D 139 -16.92 57.62 57.85
C SER D 139 -15.94 56.62 58.45
N LYS D 140 -16.41 55.39 58.69
CA LYS D 140 -15.54 54.37 59.28
C LYS D 140 -14.51 53.87 58.28
N SER D 141 -14.83 53.88 56.99
CA SER D 141 -13.88 53.43 55.98
C SER D 141 -12.74 54.42 55.78
N THR D 142 -12.99 55.71 56.04
CA THR D 142 -11.96 56.74 55.89
C THR D 142 -11.21 56.93 57.20
N SER D 143 -10.52 55.87 57.63
CA SER D 143 -9.72 55.95 58.84
C SER D 143 -8.51 56.85 58.66
N GLY D 144 -7.83 56.74 57.53
CA GLY D 144 -6.68 57.56 57.21
C GLY D 144 -7.05 58.74 56.32
N GLY D 145 -6.02 59.30 55.67
CA GLY D 145 -6.22 60.41 54.78
C GLY D 145 -6.68 60.05 53.38
N THR D 146 -6.79 58.76 53.08
CA THR D 146 -7.21 58.29 51.77
C THR D 146 -8.63 57.76 51.81
N ALA D 147 -9.26 57.75 50.63
CA ALA D 147 -10.63 57.26 50.48
C ALA D 147 -10.71 56.40 49.23
N ALA D 148 -11.66 55.47 49.23
CA ALA D 148 -11.88 54.56 48.12
C ALA D 148 -13.31 54.73 47.59
N LEU D 149 -13.42 54.94 46.28
CA LEU D 149 -14.71 55.11 45.64
C LEU D 149 -14.57 54.77 44.16
N GLY D 150 -15.70 54.52 43.52
CA GLY D 150 -15.68 54.19 42.11
C GLY D 150 -17.07 53.88 41.59
N CYS D 151 -17.11 53.42 40.34
CA CYS D 151 -18.36 53.07 39.68
CA CYS D 151 -18.36 53.07 39.68
C CYS D 151 -18.28 51.63 39.19
N LEU D 152 -19.43 50.95 39.24
CA LEU D 152 -19.52 49.55 38.85
C LEU D 152 -20.57 49.41 37.74
N VAL D 153 -20.31 48.48 36.82
CA VAL D 153 -21.16 48.29 35.64
C VAL D 153 -21.87 46.94 35.77
N LYS D 154 -23.19 46.95 35.54
CA LYS D 154 -24.02 45.78 35.69
C LYS D 154 -24.98 45.68 34.52
N ASP D 155 -25.52 44.49 34.27
CA ASP D 155 -26.46 44.29 33.17
C ASP D 155 -25.79 44.47 31.82
N TYR D 156 -24.48 44.67 31.80
CA TYR D 156 -23.77 44.81 30.53
C TYR D 156 -23.46 43.44 29.95
N PHE D 157 -23.89 43.21 28.72
CA PHE D 157 -23.68 41.89 28.10
C PHE D 157 -22.22 41.54 27.79
N PRO D 158 -21.43 42.48 27.26
CA PRO D 158 -20.06 42.13 26.92
C PRO D 158 -19.07 42.60 27.96
N GLU D 159 -18.24 41.70 28.47
CA GLU D 159 -17.28 42.07 29.52
C GLU D 159 -16.40 43.27 29.14
N PRO D 160 -15.83 43.28 27.93
CA PRO D 160 -14.92 44.38 27.59
C PRO D 160 -15.59 45.74 27.53
N VAL D 161 -15.21 46.66 28.40
CA VAL D 161 -15.76 48.01 28.40
C VAL D 161 -14.73 48.99 28.91
N THR D 162 -14.18 49.84 28.05
CA THR D 162 -13.14 50.77 28.47
C THR D 162 -13.74 51.79 29.44
N VAL D 163 -13.21 51.82 30.66
CA VAL D 163 -13.68 52.73 31.70
C VAL D 163 -12.61 53.81 31.88
N SER D 164 -13.00 55.06 31.69
CA SER D 164 -12.11 56.20 31.80
C SER D 164 -12.54 57.10 32.94
N TRP D 165 -11.55 57.62 33.67
CA TRP D 165 -11.79 58.54 34.78
C TRP D 165 -11.55 59.96 34.31
N ASN D 166 -12.60 60.79 34.36
CA ASN D 166 -12.56 62.19 33.92
C ASN D 166 -12.08 62.30 32.47
N SER D 167 -12.60 61.40 31.62
CA SER D 167 -12.24 61.33 30.20
C SER D 167 -10.74 61.15 30.00
N GLY D 168 -10.14 60.26 30.80
CA GLY D 168 -8.73 59.97 30.69
C GLY D 168 -7.80 60.92 31.40
N ALA D 169 -8.32 61.84 32.21
CA ALA D 169 -7.49 62.79 32.93
C ALA D 169 -6.79 62.18 34.14
N LEU D 170 -7.21 60.99 34.58
CA LEU D 170 -6.61 60.31 35.72
C LEU D 170 -5.90 59.05 35.25
N THR D 171 -4.62 58.91 35.61
CA THR D 171 -3.83 57.76 35.22
C THR D 171 -3.16 57.04 36.38
N SER D 172 -3.15 57.63 37.58
CA SER D 172 -2.52 57.03 38.75
C SER D 172 -3.59 56.55 39.71
N GLY D 173 -3.44 55.32 40.20
CA GLY D 173 -4.38 54.75 41.13
C GLY D 173 -5.61 54.12 40.52
N VAL D 174 -5.69 54.05 39.18
CA VAL D 174 -6.82 53.47 38.50
C VAL D 174 -6.55 51.99 38.27
N HIS D 175 -7.58 51.16 38.51
CA HIS D 175 -7.47 49.72 38.35
C HIS D 175 -8.71 49.20 37.64
N THR D 176 -8.52 48.22 36.76
CA THR D 176 -9.61 47.62 36.00
C THR D 176 -9.77 46.16 36.42
N PHE D 177 -11.01 45.76 36.68
CA PHE D 177 -11.33 44.41 37.10
C PHE D 177 -12.11 43.66 36.02
N PRO D 178 -11.90 42.37 35.85
CA PRO D 178 -12.62 41.60 34.84
C PRO D 178 -13.96 41.12 35.36
N ALA D 179 -14.75 40.57 34.43
CA ALA D 179 -16.07 40.06 34.75
C ALA D 179 -15.99 38.64 35.28
N VAL D 180 -17.15 38.06 35.59
CA VAL D 180 -17.23 36.71 36.14
C VAL D 180 -18.58 36.12 35.76
N LEU D 181 -18.59 34.81 35.50
CA LEU D 181 -19.83 34.12 35.16
C LEU D 181 -20.79 34.10 36.35
N GLN D 182 -22.08 34.20 36.06
CA GLN D 182 -23.13 34.20 37.05
C GLN D 182 -24.12 33.07 36.75
N SER D 183 -25.15 32.97 37.59
CA SER D 183 -26.16 31.93 37.40
C SER D 183 -27.00 32.18 36.16
N SER D 184 -27.31 33.45 35.88
CA SER D 184 -28.11 33.82 34.72
C SER D 184 -27.25 34.25 33.53
N GLY D 185 -25.94 34.08 33.61
CA GLY D 185 -25.05 34.49 32.55
C GLY D 185 -24.73 35.96 32.51
N LEU D 186 -25.13 36.73 33.53
CA LEU D 186 -24.86 38.14 33.58
C LEU D 186 -23.40 38.40 33.98
N TYR D 187 -22.89 39.57 33.58
CA TYR D 187 -21.52 39.96 33.83
C TYR D 187 -21.49 41.24 34.66
N SER D 188 -20.44 41.39 35.46
CA SER D 188 -20.29 42.58 36.29
C SER D 188 -18.80 42.82 36.54
N LEU D 189 -18.40 44.08 36.49
CA LEU D 189 -17.02 44.50 36.76
C LEU D 189 -17.00 45.37 38.00
N SER D 190 -15.79 45.84 38.35
CA SER D 190 -15.62 46.77 39.45
C SER D 190 -14.45 47.70 39.12
N SER D 191 -14.42 48.85 39.80
CA SER D 191 -13.36 49.83 39.60
C SER D 191 -13.28 50.70 40.85
N VAL D 192 -12.09 50.78 41.45
CA VAL D 192 -11.86 51.59 42.63
C VAL D 192 -10.57 52.38 42.44
N VAL D 193 -10.58 53.62 42.95
CA VAL D 193 -9.43 54.51 42.84
C VAL D 193 -9.10 55.05 44.23
N THR D 194 -7.85 55.50 44.38
CA THR D 194 -7.35 56.04 45.64
C THR D 194 -7.24 57.55 45.50
N VAL D 195 -7.91 58.28 46.39
CA VAL D 195 -7.90 59.74 46.36
C VAL D 195 -7.72 60.26 47.78
N PRO D 196 -7.03 61.41 47.92
CA PRO D 196 -6.92 62.03 49.23
C PRO D 196 -8.25 62.63 49.69
N SER D 197 -8.40 62.73 51.01
CA SER D 197 -9.62 63.27 51.59
C SER D 197 -9.73 64.78 51.45
N SER D 198 -8.63 65.46 51.14
CA SER D 198 -8.67 66.92 50.99
C SER D 198 -9.29 67.36 49.68
N SER D 199 -9.39 66.47 48.69
CA SER D 199 -9.95 66.79 47.40
C SER D 199 -11.41 66.37 47.26
N LEU D 200 -12.03 65.90 48.34
CA LEU D 200 -13.41 65.45 48.30
C LEU D 200 -14.41 66.60 48.42
N GLY D 201 -13.96 67.80 48.78
CA GLY D 201 -14.86 68.92 48.94
C GLY D 201 -14.69 69.99 47.87
N THR D 202 -13.72 69.81 46.99
CA THR D 202 -13.44 70.78 45.94
C THR D 202 -13.49 70.19 44.53
N GLN D 203 -13.23 68.90 44.37
CA GLN D 203 -13.23 68.25 43.07
C GLN D 203 -14.15 67.05 43.11
N THR D 204 -15.04 66.95 42.11
CA THR D 204 -15.96 65.84 41.99
C THR D 204 -15.42 64.80 41.02
N TYR D 205 -15.88 63.56 41.18
CA TYR D 205 -15.45 62.45 40.35
C TYR D 205 -16.65 61.91 39.57
N ILE D 206 -16.47 61.73 38.27
CA ILE D 206 -17.50 61.20 37.40
C ILE D 206 -16.92 60.05 36.58
N CYS D 207 -17.80 59.15 36.15
CA CYS D 207 -17.42 57.98 35.37
CA CYS D 207 -17.42 57.98 35.37
C CYS D 207 -18.06 58.07 33.99
N ASN D 208 -17.26 57.86 32.95
CA ASN D 208 -17.73 57.88 31.57
C ASN D 208 -17.60 56.48 31.01
N VAL D 209 -18.74 55.85 30.70
CA VAL D 209 -18.78 54.49 30.16
C VAL D 209 -19.33 54.56 28.75
N ASN D 210 -18.56 54.01 27.81
CA ASN D 210 -18.96 54.00 26.41
C ASN D 210 -19.18 52.58 25.91
N HIS D 211 -20.37 52.32 25.38
CA HIS D 211 -20.73 51.00 24.87
C HIS D 211 -20.91 51.13 23.35
N LYS D 212 -19.92 50.65 22.60
CA LYS D 212 -19.96 50.76 21.14
C LYS D 212 -21.12 49.99 20.50
N PRO D 213 -21.39 48.71 20.82
CA PRO D 213 -22.52 48.05 20.15
C PRO D 213 -23.89 48.63 20.51
N SER D 214 -24.05 49.15 21.73
CA SER D 214 -25.35 49.65 22.17
C SER D 214 -25.58 51.11 21.81
N ASN D 215 -24.56 51.82 21.31
CA ASN D 215 -24.64 53.23 20.93
C ASN D 215 -25.16 54.11 22.07
N THR D 216 -24.64 53.88 23.28
CA THR D 216 -25.06 54.62 24.45
C THR D 216 -23.84 55.15 25.21
N LYS D 217 -24.06 56.24 25.94
CA LYS D 217 -23.00 56.85 26.75
C LYS D 217 -23.69 57.64 27.86
N VAL D 218 -23.60 57.14 29.09
CA VAL D 218 -24.27 57.74 30.24
C VAL D 218 -23.26 58.47 31.10
N ASP D 219 -23.57 59.71 31.44
CA ASP D 219 -22.74 60.52 32.34
C ASP D 219 -23.42 60.60 33.69
N LYS D 220 -22.71 60.19 34.74
CA LYS D 220 -23.26 60.12 36.08
C LYS D 220 -22.29 60.71 37.07
N LYS D 221 -22.82 61.41 38.08
CA LYS D 221 -22.01 62.05 39.11
C LYS D 221 -21.97 61.18 40.37
N VAL D 222 -20.91 61.37 41.14
CA VAL D 222 -20.69 60.65 42.40
C VAL D 222 -20.58 61.68 43.52
N GLU D 223 -21.31 61.47 44.60
CA GLU D 223 -21.29 62.36 45.74
C GLU D 223 -21.04 61.58 47.02
N PRO D 224 -20.37 62.20 47.99
CA PRO D 224 -20.15 61.51 49.28
C PRO D 224 -21.43 61.38 50.08
N LYS D 225 -21.45 60.37 50.95
CA LYS D 225 -22.60 60.15 51.82
C LYS D 225 -22.70 61.24 52.88
N SER D 226 -23.94 61.58 53.25
CA SER D 226 -24.19 62.60 54.25
C SER D 226 -24.44 62.02 55.64
N CYS D 227 -25.02 60.82 55.74
CA CYS D 227 -25.30 60.24 57.05
C CYS D 227 -24.03 59.73 57.72
N ASP D 228 -23.04 59.31 56.94
CA ASP D 228 -21.78 58.82 57.51
C ASP D 228 -20.59 59.23 56.64
N SER E 2 -5.65 16.65 21.74
CA SER E 2 -5.01 16.56 23.05
C SER E 2 -4.79 15.10 23.45
N VAL E 3 -4.77 14.22 22.45
CA VAL E 3 -4.53 12.80 22.70
C VAL E 3 -3.11 12.58 23.18
N LEU E 4 -2.16 13.34 22.63
CA LEU E 4 -0.76 13.23 23.04
C LEU E 4 -0.60 13.68 24.48
N THR E 5 0.07 12.85 25.28
CA THR E 5 0.15 13.10 26.72
C THR E 5 1.14 14.23 27.03
N GLN E 6 0.67 15.20 27.81
CA GLN E 6 1.50 16.29 28.29
C GLN E 6 1.23 16.48 29.78
N PRO E 7 2.24 16.84 30.58
CA PRO E 7 2.00 17.13 32.00
C PRO E 7 1.11 18.34 32.16
N PRO E 8 0.25 18.37 33.20
CA PRO E 8 -0.62 19.53 33.39
C PRO E 8 0.14 20.80 33.74
N SER E 9 1.22 20.69 34.52
CA SER E 9 2.02 21.85 34.89
C SER E 9 3.41 21.38 35.28
N VAL E 10 4.41 22.21 34.98
CA VAL E 10 5.79 21.97 35.34
C VAL E 10 6.37 23.22 35.98
N SER E 11 7.43 23.03 36.76
CA SER E 11 8.08 24.12 37.47
C SER E 11 9.50 24.31 36.96
N GLY E 12 9.95 25.57 36.93
CA GLY E 12 11.27 25.89 36.46
C GLY E 12 11.86 27.04 37.24
N ALA E 13 13.18 27.16 37.14
CA ALA E 13 13.93 28.20 37.82
C ALA E 13 14.84 28.91 36.83
N PRO E 14 15.16 30.19 37.07
CA PRO E 14 16.01 30.93 36.12
C PRO E 14 17.47 30.53 36.18
N GLY E 15 17.83 29.46 35.46
CA GLY E 15 19.20 29.01 35.42
C GLY E 15 19.38 27.52 35.33
N GLN E 16 18.30 26.76 35.47
CA GLN E 16 18.32 25.31 35.38
C GLN E 16 17.71 24.86 34.06
N ARG E 17 17.73 23.55 33.84
CA ARG E 17 17.22 22.94 32.62
C ARG E 17 15.92 22.19 32.92
N VAL E 18 14.92 22.41 32.07
CA VAL E 18 13.61 21.78 32.22
C VAL E 18 13.33 20.96 30.98
N THR E 19 13.00 19.68 31.16
CA THR E 19 12.71 18.76 30.08
C THR E 19 11.24 18.37 30.12
N ILE E 20 10.54 18.55 29.01
CA ILE E 20 9.13 18.22 28.87
C ILE E 20 9.00 17.03 27.93
N SER E 21 8.29 16.00 28.37
CA SER E 21 8.13 14.77 27.62
C SER E 21 6.72 14.70 27.03
N CYS E 22 6.63 14.40 25.74
CA CYS E 22 5.35 14.25 25.05
C CYS E 22 5.35 12.86 24.39
N THR E 23 4.69 11.91 25.04
CA THR E 23 4.61 10.54 24.57
C THR E 23 3.16 10.24 24.18
N GLY E 24 2.97 9.76 22.95
CA GLY E 24 1.64 9.45 22.47
C GLY E 24 1.48 8.01 22.03
N SER E 25 0.44 7.73 21.26
CA SER E 25 0.17 6.38 20.78
C SER E 25 1.13 6.01 19.66
N SER E 26 1.19 4.71 19.37
CA SER E 26 2.08 4.23 18.31
C SER E 26 1.59 4.57 16.92
N SER E 27 0.29 4.88 16.76
CA SER E 27 -0.23 5.21 15.45
C SER E 27 0.19 6.60 15.00
N ASN E 28 0.39 7.52 15.94
CA ASN E 28 0.76 8.90 15.63
C ASN E 28 2.17 9.25 16.07
N ILE E 29 2.49 9.01 17.34
CA ILE E 29 3.81 9.37 17.87
C ILE E 29 4.83 8.26 17.63
N GLY E 30 4.44 7.01 17.88
CA GLY E 30 5.36 5.89 17.69
C GLY E 30 5.59 5.51 16.24
N ALA E 31 4.83 6.09 15.32
CA ALA E 31 5.02 5.84 13.89
C ALA E 31 6.15 6.73 13.38
N GLY E 32 6.29 6.80 12.05
CA GLY E 32 7.37 7.58 11.46
C GLY E 32 7.19 9.07 11.47
N TYR E 33 6.03 9.56 11.88
CA TYR E 33 5.78 11.00 11.89
C TYR E 33 6.63 11.70 12.95
N ASP E 34 7.04 12.92 12.64
CA ASP E 34 7.85 13.73 13.53
C ASP E 34 6.93 14.56 14.44
N VAL E 35 7.52 15.52 15.15
CA VAL E 35 6.78 16.38 16.07
C VAL E 35 7.07 17.84 15.73
N HIS E 36 6.16 18.71 16.16
CA HIS E 36 6.30 20.15 15.96
C HIS E 36 5.90 20.87 17.23
N TRP E 37 6.85 21.59 17.84
CA TRP E 37 6.60 22.30 19.08
C TRP E 37 6.08 23.71 18.78
N TYR E 38 5.10 24.13 19.57
CA TYR E 38 4.49 25.45 19.43
C TYR E 38 4.46 26.14 20.79
N GLN E 39 4.71 27.44 20.78
CA GLN E 39 4.71 28.26 22.00
C GLN E 39 3.57 29.25 21.92
N GLN E 40 2.70 29.24 22.93
CA GLN E 40 1.50 30.08 22.96
C GLN E 40 1.58 31.00 24.17
N LEU E 41 1.86 32.28 23.92
CA LEU E 41 1.84 33.27 24.99
C LEU E 41 0.40 33.52 25.44
N PRO E 42 0.20 33.86 26.72
CA PRO E 42 -1.15 34.18 27.20
C PRO E 42 -1.63 35.53 26.69
N GLY E 43 -2.06 35.59 25.44
CA GLY E 43 -2.51 36.83 24.84
C GLY E 43 -1.97 37.04 23.44
N THR E 44 -1.15 36.09 22.97
CA THR E 44 -0.54 36.15 21.65
C THR E 44 -0.77 34.82 20.95
N ALA E 45 -1.03 34.88 19.65
CA ALA E 45 -1.27 33.68 18.87
C ALA E 45 -0.02 32.78 18.85
N PRO E 46 -0.21 31.47 18.82
CA PRO E 46 0.95 30.56 18.84
C PRO E 46 1.77 30.65 17.57
N LYS E 47 3.05 30.31 17.70
CA LYS E 47 3.99 30.31 16.58
C LYS E 47 4.81 29.03 16.62
N LEU E 48 5.34 28.66 15.45
CA LEU E 48 6.14 27.45 15.34
C LEU E 48 7.49 27.66 16.03
N LEU E 49 7.85 26.72 16.90
CA LEU E 49 9.11 26.80 17.64
C LEU E 49 10.18 25.89 17.04
N ILE E 50 9.91 24.59 16.96
CA ILE E 50 10.84 23.62 16.38
C ILE E 50 10.08 22.77 15.36
N TYR E 51 10.64 22.64 14.16
CA TYR E 51 10.08 21.80 13.13
C TYR E 51 11.15 20.84 12.61
N GLY E 52 10.74 19.62 12.30
CA GLY E 52 11.64 18.61 11.82
C GLY E 52 12.47 17.92 12.88
N ASN E 53 12.27 18.28 14.15
CA ASN E 53 12.91 17.72 15.35
C ASN E 53 14.40 18.02 15.44
N SER E 54 15.00 18.65 14.44
CA SER E 54 16.41 19.05 14.49
C SER E 54 16.68 20.46 14.01
N ASN E 55 15.76 21.03 13.23
CA ASN E 55 15.97 22.36 12.68
C ASN E 55 15.32 23.46 13.49
N ARG E 56 15.77 24.69 13.28
CA ARG E 56 15.20 25.84 13.98
C ARG E 56 14.86 26.92 12.95
N PRO E 57 13.62 27.41 12.93
CA PRO E 57 13.26 28.49 12.00
C PRO E 57 13.88 29.81 12.42
N SER E 58 13.72 30.80 11.56
CA SER E 58 14.25 32.13 11.82
C SER E 58 13.52 32.78 12.99
N GLY E 59 14.28 33.48 13.83
CA GLY E 59 13.74 34.12 15.01
C GLY E 59 13.67 33.24 16.25
N VAL E 60 14.02 31.97 16.13
CA VAL E 60 13.98 31.04 17.26
C VAL E 60 15.35 31.08 17.94
N PRO E 61 15.43 31.36 19.24
CA PRO E 61 16.71 31.38 19.92
C PRO E 61 17.35 30.00 20.00
N ASP E 62 18.67 29.99 20.11
CA ASP E 62 19.44 28.75 20.16
C ASP E 62 19.22 27.97 21.45
N ARG E 63 18.61 28.59 22.48
CA ARG E 63 18.38 27.89 23.74
C ARG E 63 17.32 26.80 23.61
N PHE E 64 16.47 26.86 22.58
CA PHE E 64 15.41 25.87 22.39
C PHE E 64 15.94 24.73 21.53
N SER E 65 15.89 23.52 22.06
CA SER E 65 16.32 22.33 21.34
C SER E 65 15.33 21.21 21.57
N GLY E 66 15.25 20.29 20.61
CA GLY E 66 14.34 19.17 20.70
C GLY E 66 14.93 17.93 20.08
N SER E 67 14.36 16.79 20.46
CA SER E 67 14.81 15.49 19.96
C SER E 67 13.67 14.51 20.08
N LYS E 68 13.79 13.40 19.33
CA LYS E 68 12.79 12.35 19.33
C LYS E 68 13.49 10.99 19.35
N SER E 69 12.98 10.09 20.18
CA SER E 69 13.54 8.74 20.28
C SER E 69 12.42 7.78 20.64
N GLY E 70 12.14 6.83 19.76
CA GLY E 70 11.09 5.86 19.99
C GLY E 70 9.69 6.46 19.94
N THR E 71 8.97 6.40 21.05
CA THR E 71 7.61 6.93 21.16
C THR E 71 7.56 8.10 22.13
N SER E 72 8.55 8.99 22.08
CA SER E 72 8.59 10.12 22.98
C SER E 72 9.24 11.31 22.28
N ALA E 73 8.93 12.51 22.77
CA ALA E 73 9.51 13.74 22.28
C ALA E 73 9.96 14.58 23.46
N SER E 74 11.04 15.33 23.27
CA SER E 74 11.64 16.13 24.33
C SER E 74 11.78 17.58 23.89
N LEU E 75 11.64 18.49 24.84
CA LEU E 75 11.81 19.92 24.62
C LEU E 75 12.81 20.43 25.66
N ALA E 76 14.07 20.59 25.25
CA ALA E 76 15.12 21.03 26.14
C ALA E 76 15.36 22.53 25.94
N ILE E 77 15.24 23.30 27.02
CA ILE E 77 15.43 24.74 26.99
C ILE E 77 16.61 25.09 27.89
N THR E 78 17.57 25.84 27.33
CA THR E 78 18.75 26.26 28.08
C THR E 78 18.40 27.55 28.81
N GLY E 79 18.03 27.43 30.07
CA GLY E 79 17.63 28.59 30.86
C GLY E 79 16.18 28.94 30.67
N LEU E 80 15.64 29.66 31.66
CA LEU E 80 14.25 30.10 31.64
C LEU E 80 14.20 31.60 31.91
N GLN E 81 13.57 32.34 31.00
CA GLN E 81 13.47 33.79 31.10
C GLN E 81 12.08 34.18 31.59
N ALA E 82 11.87 35.50 31.72
CA ALA E 82 10.56 36.00 32.14
C ALA E 82 9.52 35.86 31.05
N GLU E 83 9.95 35.88 29.78
CA GLU E 83 9.05 35.74 28.65
C GLU E 83 8.79 34.28 28.28
N ASP E 84 9.37 33.33 29.03
CA ASP E 84 9.18 31.91 28.76
C ASP E 84 7.92 31.35 29.37
N GLU E 85 7.13 32.17 30.08
CA GLU E 85 5.89 31.70 30.68
C GLU E 85 4.82 31.51 29.60
N ALA E 86 4.76 30.31 29.03
CA ALA E 86 3.84 30.03 27.94
C ALA E 86 3.50 28.55 27.93
N ASP E 87 2.44 28.21 27.20
CA ASP E 87 2.00 26.83 27.05
C ASP E 87 2.66 26.21 25.82
N TYR E 88 3.25 25.03 26.02
CA TYR E 88 3.94 24.32 24.95
C TYR E 88 3.12 23.10 24.52
N TYR E 89 3.02 22.89 23.21
CA TYR E 89 2.22 21.83 22.64
C TYR E 89 3.05 21.04 21.63
N CYS E 90 2.74 19.74 21.53
CA CYS E 90 3.36 18.86 20.55
C CYS E 90 2.31 18.42 19.54
N GLN E 91 2.62 18.59 18.26
CA GLN E 91 1.70 18.28 17.18
C GLN E 91 2.30 17.23 16.27
N SER E 92 1.52 16.19 15.97
CA SER E 92 1.96 15.12 15.09
C SER E 92 0.79 14.63 14.27
N TYR E 93 1.11 14.03 13.11
CA TYR E 93 0.10 13.50 12.22
C TYR E 93 -0.43 12.17 12.76
N ASP E 94 -1.76 12.03 12.79
CA ASP E 94 -2.41 10.83 13.29
C ASP E 94 -2.99 10.04 12.12
N SER E 95 -2.63 8.76 12.05
CA SER E 95 -3.14 7.92 10.97
C SER E 95 -4.60 7.53 11.21
N SER E 96 -4.95 7.20 12.45
CA SER E 96 -6.33 6.81 12.75
C SER E 96 -7.28 8.00 12.64
N LEU E 97 -6.86 9.16 13.14
CA LEU E 97 -7.70 10.35 13.06
C LEU E 97 -7.71 10.96 11.67
N SER E 98 -6.75 10.59 10.83
CA SER E 98 -6.60 11.11 9.46
C SER E 98 -6.49 12.64 9.45
N GLY E 99 -5.77 13.17 10.43
CA GLY E 99 -5.57 14.61 10.52
C GLY E 99 -4.59 14.95 11.60
N SER E 100 -4.02 16.15 11.50
CA SER E 100 -3.07 16.62 12.50
C SER E 100 -3.79 16.93 13.81
N VAL E 101 -3.14 16.60 14.92
CA VAL E 101 -3.68 16.82 16.25
C VAL E 101 -2.58 17.41 17.13
N PHE E 102 -2.97 18.16 18.14
CA PHE E 102 -2.02 18.77 19.07
C PHE E 102 -1.97 17.98 20.38
N GLY E 103 -1.04 18.36 21.24
CA GLY E 103 -0.89 17.73 22.53
C GLY E 103 -1.82 18.32 23.57
N GLY E 104 -1.74 17.74 24.77
CA GLY E 104 -2.57 18.22 25.87
C GLY E 104 -2.14 19.55 26.45
N GLY E 105 -0.89 19.92 26.27
CA GLY E 105 -0.40 21.20 26.77
C GLY E 105 0.19 21.10 28.15
N THR E 106 1.17 21.97 28.41
CA THR E 106 1.83 22.04 29.70
C THR E 106 1.97 23.51 30.12
N LYS E 107 1.95 23.73 31.43
CA LYS E 107 2.04 25.07 32.00
C LYS E 107 3.42 25.26 32.62
N LEU E 108 4.13 26.31 32.17
CA LEU E 108 5.46 26.62 32.66
C LEU E 108 5.42 28.01 33.29
N THR E 109 5.30 28.05 34.62
CA THR E 109 5.22 29.30 35.36
C THR E 109 6.49 29.50 36.18
N VAL E 110 7.18 30.60 35.93
CA VAL E 110 8.39 30.97 36.68
C VAL E 110 8.15 32.40 37.17
N LEU E 111 7.64 32.52 38.40
CA LEU E 111 7.34 33.83 38.96
C LEU E 111 7.36 33.74 40.48
N GLY E 112 7.49 34.90 41.12
CA GLY E 112 7.46 34.98 42.57
C GLY E 112 7.21 36.39 43.06
N GLN E 113 6.26 36.53 43.99
CA GLN E 113 5.87 37.83 44.50
C GLN E 113 5.86 37.81 46.03
N PRO E 114 6.15 38.95 46.66
CA PRO E 114 6.09 39.02 48.14
C PRO E 114 4.66 39.09 48.67
N LYS E 115 4.04 37.92 48.81
CA LYS E 115 2.68 37.83 49.31
C LYS E 115 2.59 38.26 50.77
N ALA E 116 1.54 39.00 51.09
CA ALA E 116 1.35 39.50 52.45
C ALA E 116 -0.06 39.19 52.95
N ALA E 117 -0.44 39.76 54.09
CA ALA E 117 -1.77 39.53 54.63
C ALA E 117 -2.82 40.19 53.74
N PRO E 118 -3.95 39.52 53.50
CA PRO E 118 -4.99 40.09 52.63
C PRO E 118 -5.72 41.23 53.34
N SER E 119 -5.75 42.39 52.69
CA SER E 119 -6.47 43.56 53.22
C SER E 119 -7.81 43.66 52.50
N VAL E 120 -8.90 43.55 53.25
CA VAL E 120 -10.23 43.49 52.68
C VAL E 120 -10.99 44.76 53.06
N THR E 121 -11.93 45.15 52.20
CA THR E 121 -12.83 46.26 52.43
C THR E 121 -14.24 45.86 52.03
N LEU E 122 -15.23 46.22 52.83
CA LEU E 122 -16.61 45.80 52.55
C LEU E 122 -17.49 46.95 52.10
N PHE E 123 -18.35 46.71 51.12
CA PHE E 123 -19.20 47.78 50.59
C PHE E 123 -20.64 47.34 50.36
N PRO E 124 -21.61 48.07 50.93
CA PRO E 124 -23.01 47.76 50.72
C PRO E 124 -23.63 48.68 49.68
N PRO E 125 -24.82 48.33 49.17
CA PRO E 125 -25.50 49.16 48.16
C PRO E 125 -25.94 50.51 48.73
N SER E 126 -25.89 51.55 47.92
CA SER E 126 -26.33 52.87 48.36
C SER E 126 -27.85 52.92 48.45
N SER E 127 -28.38 53.93 49.15
CA SER E 127 -29.82 53.99 49.34
C SER E 127 -30.59 53.83 48.03
N GLU E 128 -30.04 54.33 46.92
CA GLU E 128 -30.78 54.31 45.65
C GLU E 128 -30.74 52.95 44.97
N GLU E 129 -29.98 51.98 45.50
CA GLU E 129 -30.04 50.62 44.99
C GLU E 129 -31.25 49.85 45.50
N LEU E 130 -31.93 50.36 46.53
CA LEU E 130 -33.06 49.64 47.10
C LEU E 130 -34.31 49.74 46.23
N GLN E 131 -34.36 50.70 45.31
CA GLN E 131 -35.50 50.86 44.42
C GLN E 131 -35.35 50.08 43.12
N ALA E 132 -34.25 49.36 42.93
CA ALA E 132 -34.02 48.57 41.73
C ALA E 132 -34.48 47.12 41.87
N ASN E 133 -35.13 46.78 43.00
CA ASN E 133 -35.60 45.43 43.29
C ASN E 133 -34.47 44.41 43.25
N LYS E 134 -33.27 44.81 43.66
CA LYS E 134 -32.13 43.92 43.72
C LYS E 134 -31.16 44.46 44.75
N ALA E 135 -30.28 43.57 45.22
CA ALA E 135 -29.26 43.94 46.21
C ALA E 135 -27.99 43.16 45.90
N THR E 136 -26.90 43.88 45.64
CA THR E 136 -25.60 43.28 45.39
C THR E 136 -24.65 43.65 46.53
N LEU E 137 -23.77 42.71 46.89
CA LEU E 137 -22.82 42.90 47.97
C LEU E 137 -21.41 42.69 47.41
N VAL E 138 -20.63 43.76 47.37
CA VAL E 138 -19.27 43.72 46.82
C VAL E 138 -18.29 43.61 47.99
N CYS E 139 -17.39 42.63 47.90
CA CYS E 139 -16.34 42.39 48.90
C CYS E 139 -15.01 42.65 48.22
N LEU E 140 -14.55 43.90 48.30
CA LEU E 140 -13.33 44.30 47.62
C LEU E 140 -12.12 43.83 48.42
N ILE E 141 -11.19 43.15 47.73
CA ILE E 141 -9.99 42.62 48.33
C ILE E 141 -8.80 43.13 47.52
N SER E 142 -7.75 43.57 48.22
CA SER E 142 -6.56 44.11 47.58
C SER E 142 -5.33 43.73 48.39
N ASP E 143 -4.18 43.81 47.72
CA ASP E 143 -2.87 43.51 48.30
C ASP E 143 -2.83 42.08 48.87
N PHE E 144 -3.00 41.12 47.98
CA PHE E 144 -3.01 39.71 48.34
C PHE E 144 -2.34 38.92 47.23
N TYR E 145 -2.54 37.60 47.25
CA TYR E 145 -1.99 36.68 46.28
C TYR E 145 -3.12 35.93 45.56
N PRO E 146 -2.91 35.52 44.30
CA PRO E 146 -3.94 34.72 43.62
C PRO E 146 -4.25 33.40 44.30
N GLY E 147 -3.29 32.82 45.03
CA GLY E 147 -3.57 31.62 45.77
C GLY E 147 -4.39 31.89 47.02
N ALA E 148 -5.20 30.90 47.39
CA ALA E 148 -6.08 30.94 48.57
C ALA E 148 -7.02 32.15 48.52
N VAL E 149 -7.88 32.15 47.50
CA VAL E 149 -8.83 33.23 47.28
C VAL E 149 -10.24 32.77 47.63
N THR E 150 -10.35 31.83 48.56
CA THR E 150 -11.66 31.34 48.99
C THR E 150 -12.43 32.45 49.68
N VAL E 151 -13.70 32.61 49.30
CA VAL E 151 -14.56 33.67 49.82
C VAL E 151 -15.79 33.01 50.44
N ALA E 152 -16.10 33.39 51.68
CA ALA E 152 -17.26 32.88 52.39
C ALA E 152 -18.10 34.05 52.89
N TRP E 153 -19.41 33.83 52.95
CA TRP E 153 -20.36 34.83 53.39
C TRP E 153 -21.20 34.28 54.55
N LYS E 154 -21.54 35.18 55.48
CA LYS E 154 -22.33 34.79 56.64
C LYS E 154 -23.18 35.99 57.07
N ALA E 155 -24.24 35.68 57.82
CA ALA E 155 -25.14 36.69 58.35
C ALA E 155 -25.29 36.55 59.86
N ASP E 156 -24.22 36.13 60.53
CA ASP E 156 -24.09 35.93 61.97
C ASP E 156 -24.99 34.83 62.53
N SER E 157 -25.77 34.14 61.69
CA SER E 157 -26.59 33.03 62.14
C SER E 157 -26.51 31.80 61.25
N SER E 158 -26.14 31.93 59.97
CA SER E 158 -26.06 30.80 59.05
C SER E 158 -25.24 31.22 57.85
N PRO E 159 -24.36 30.36 57.33
CA PRO E 159 -23.60 30.71 56.13
C PRO E 159 -24.49 30.80 54.91
N VAL E 160 -24.06 31.62 53.95
CA VAL E 160 -24.79 31.84 52.71
C VAL E 160 -24.19 30.94 51.63
N LYS E 161 -25.04 30.13 50.98
CA LYS E 161 -24.61 29.21 49.94
C LYS E 161 -25.25 29.53 48.59
N ALA E 162 -25.76 30.75 48.42
CA ALA E 162 -26.38 31.16 47.17
C ALA E 162 -25.86 32.53 46.77
N GLY E 163 -25.64 32.71 45.46
CA GLY E 163 -25.14 33.97 44.94
C GLY E 163 -23.67 34.21 45.15
N VAL E 164 -22.91 33.20 45.57
CA VAL E 164 -21.47 33.36 45.79
C VAL E 164 -20.74 33.00 44.50
N GLU E 165 -19.60 33.65 44.29
CA GLU E 165 -18.80 33.41 43.09
C GLU E 165 -17.35 33.80 43.38
N THR E 166 -16.46 33.32 42.52
CA THR E 166 -15.04 33.62 42.59
C THR E 166 -14.59 34.21 41.25
N THR E 167 -13.91 35.35 41.31
CA THR E 167 -13.46 36.06 40.12
C THR E 167 -11.95 35.98 40.00
N THR E 168 -11.47 35.70 38.79
CA THR E 168 -10.04 35.65 38.55
C THR E 168 -9.44 37.05 38.66
N PRO E 169 -8.41 37.25 39.47
CA PRO E 169 -7.85 38.59 39.64
C PRO E 169 -7.09 39.06 38.41
N SER E 170 -6.92 40.38 38.32
CA SER E 170 -6.22 41.02 37.23
C SER E 170 -4.92 41.65 37.75
N LYS E 171 -3.88 41.60 36.93
CA LYS E 171 -2.57 42.10 37.34
C LYS E 171 -2.57 43.62 37.40
N GLN E 172 -1.98 44.15 38.48
CA GLN E 172 -1.86 45.59 38.65
C GLN E 172 -0.56 46.07 38.00
N SER E 173 -0.19 47.32 38.25
CA SER E 173 1.03 47.90 37.72
C SER E 173 2.22 47.78 38.66
N ASN E 174 2.03 47.18 39.84
CA ASN E 174 3.10 47.03 40.83
C ASN E 174 3.24 45.57 41.22
N ASN E 175 3.08 44.67 40.25
CA ASN E 175 3.19 43.21 40.44
C ASN E 175 2.24 42.71 41.52
N LYS E 176 0.98 43.12 41.41
CA LYS E 176 -0.05 42.74 42.37
C LYS E 176 -1.30 42.29 41.62
N TYR E 177 -2.09 41.46 42.30
CA TYR E 177 -3.32 40.92 41.74
C TYR E 177 -4.48 41.32 42.63
N ALA E 178 -5.57 41.79 42.01
CA ALA E 178 -6.74 42.26 42.74
C ALA E 178 -8.00 41.71 42.10
N ALA E 179 -8.97 41.35 42.96
CA ALA E 179 -10.24 40.78 42.50
C ALA E 179 -11.36 41.28 43.42
N SER E 180 -12.56 40.78 43.18
CA SER E 180 -13.73 41.13 43.98
C SER E 180 -14.76 40.02 43.85
N SER E 181 -15.69 39.99 44.80
CA SER E 181 -16.76 38.99 44.81
C SER E 181 -18.10 39.69 44.98
N TYR E 182 -19.12 39.16 44.32
CA TYR E 182 -20.47 39.71 44.34
C TYR E 182 -21.43 38.73 44.99
N LEU E 183 -22.47 39.28 45.62
CA LEU E 183 -23.50 38.48 46.27
C LEU E 183 -24.86 39.05 45.91
N SER E 184 -25.65 38.31 45.14
CA SER E 184 -26.95 38.78 44.69
C SER E 184 -28.00 38.49 45.76
N LEU E 185 -28.72 39.53 46.18
CA LEU E 185 -29.76 39.40 47.19
C LEU E 185 -30.94 40.29 46.77
N THR E 186 -31.87 40.49 47.69
CA THR E 186 -33.05 41.32 47.45
C THR E 186 -33.19 42.33 48.57
N PRO E 187 -33.79 43.50 48.28
CA PRO E 187 -34.02 44.48 49.36
C PRO E 187 -35.04 44.03 50.39
N GLU E 188 -35.89 43.05 50.08
CA GLU E 188 -36.87 42.59 51.04
C GLU E 188 -36.22 41.93 52.25
N GLN E 189 -35.21 41.09 52.02
CA GLN E 189 -34.48 40.43 53.09
C GLN E 189 -33.23 41.19 53.53
N TRP E 190 -32.96 42.35 52.93
CA TRP E 190 -31.77 43.12 53.30
C TRP E 190 -31.90 43.67 54.72
N LYS E 191 -33.08 44.16 55.08
CA LYS E 191 -33.30 44.74 56.41
C LYS E 191 -33.66 43.70 57.45
N SER E 192 -33.91 42.44 57.06
CA SER E 192 -34.25 41.41 58.04
C SER E 192 -33.03 41.04 58.89
N HIS E 193 -31.89 40.82 58.25
CA HIS E 193 -30.67 40.48 58.97
C HIS E 193 -30.09 41.72 59.64
N ARG E 194 -29.30 41.47 60.69
CA ARG E 194 -28.72 42.56 61.48
C ARG E 194 -27.40 43.06 60.90
N SER E 195 -26.55 42.16 60.42
CA SER E 195 -25.25 42.55 59.89
C SER E 195 -24.79 41.54 58.86
N TYR E 196 -23.86 41.97 58.01
CA TYR E 196 -23.28 41.13 56.97
C TYR E 196 -21.77 41.28 57.00
N SER E 197 -21.08 40.19 56.66
CA SER E 197 -19.62 40.18 56.70
C SER E 197 -19.10 39.32 55.55
N CYS E 198 -17.86 39.59 55.16
CA CYS E 198 -17.16 38.85 54.11
C CYS E 198 -15.96 38.15 54.72
N GLN E 199 -15.89 36.83 54.52
CA GLN E 199 -14.82 36.01 55.08
C GLN E 199 -13.85 35.62 53.99
N VAL E 200 -12.57 35.97 54.20
CA VAL E 200 -11.50 35.64 53.27
C VAL E 200 -10.43 34.88 54.03
N THR E 201 -10.06 33.71 53.53
CA THR E 201 -9.05 32.86 54.14
C THR E 201 -7.83 32.78 53.23
N HIS E 202 -6.66 33.07 53.78
CA HIS E 202 -5.40 33.05 53.03
C HIS E 202 -4.29 32.58 53.94
N GLU E 203 -3.69 31.43 53.59
CA GLU E 203 -2.55 30.80 54.29
C GLU E 203 -2.75 30.74 55.82
N GLY E 204 -4.00 30.61 56.25
CA GLY E 204 -4.32 30.57 57.66
C GLY E 204 -4.58 31.91 58.31
N SER E 205 -4.35 33.02 57.59
CA SER E 205 -4.62 34.35 58.11
C SER E 205 -6.03 34.75 57.75
N THR E 206 -6.90 34.89 58.74
CA THR E 206 -8.30 35.23 58.54
C THR E 206 -8.59 36.61 59.10
N VAL E 207 -9.22 37.46 58.29
CA VAL E 207 -9.61 38.79 58.70
C VAL E 207 -11.11 38.95 58.50
N GLU E 208 -11.76 39.61 59.45
CA GLU E 208 -13.21 39.77 59.45
C GLU E 208 -13.56 41.25 59.48
N LYS E 209 -14.44 41.67 58.57
CA LYS E 209 -14.96 43.02 58.54
C LYS E 209 -16.48 42.97 58.55
N THR E 210 -17.10 43.65 59.50
CA THR E 210 -18.54 43.60 59.72
C THR E 210 -19.11 44.99 59.61
N VAL E 211 -20.14 45.15 58.78
CA VAL E 211 -20.79 46.44 58.57
C VAL E 211 -22.19 46.39 59.17
N ALA E 212 -22.73 47.57 59.46
CA ALA E 212 -24.07 47.71 60.03
C ALA E 212 -24.95 48.52 59.10
N PRO E 213 -25.97 47.92 58.48
CA PRO E 213 -26.91 48.71 57.67
C PRO E 213 -27.68 49.73 58.47
N THR E 214 -27.99 49.45 59.73
CA THR E 214 -28.73 50.38 60.57
C THR E 214 -27.85 50.91 61.70
#